data_5Y02
#
_entry.id   5Y02
#
_cell.length_a   85.811
_cell.length_b   88.494
_cell.length_c   104.454
_cell.angle_alpha   90.00
_cell.angle_beta   105.07
_cell.angle_gamma   90.00
#
_symmetry.space_group_name_H-M   'P 1 21 1'
#
loop_
_entity.id
_entity.type
_entity.pdbx_description
1 polymer 'Hydroxynitrile lyase'
2 non-polymer (2R)-hydroxy(phenyl)ethanenitrile
3 non-polymer HEXANE-1,6-DIOL
4 non-polymer benzaldehyde
5 water water
#
_entity_poly.entity_id   1
_entity_poly.type   'polypeptide(L)'
_entity_poly.pdbx_seq_one_letter_code
;GNPPEIVRHIVFNRYKSQLSQKQIDQIIADYGNLQNIAPEMKEWKWGTDLGPAVEDRADGFTHAYESTFHSVADFLNFFY
SPPALEFAKEFFPACEKIVVLNYIINE
;
_entity_poly.pdbx_strand_id   A,B,C,D,E,F,G,H,I,J,K,L
#
loop_
_chem_comp.id
_chem_comp.type
_chem_comp.name
_chem_comp.formula
HBX non-polymer benzaldehyde 'C7 H6 O'
HEZ non-polymer HEXANE-1,6-DIOL 'C6 H14 O2'
MXN non-polymer (2R)-hydroxy(phenyl)ethanenitrile 'C8 H7 N O'
#
# COMPACT_ATOMS: atom_id res chain seq x y z
N PRO A 4 -21.84 -17.97 33.78
CA PRO A 4 -23.13 -17.27 33.90
C PRO A 4 -23.26 -16.32 35.11
N GLU A 5 -22.88 -16.77 36.31
CA GLU A 5 -22.97 -15.94 37.52
C GLU A 5 -21.72 -15.04 37.65
N ILE A 6 -21.78 -13.90 36.97
CA ILE A 6 -20.76 -12.84 37.02
C ILE A 6 -20.72 -12.14 38.40
N VAL A 7 -19.51 -11.92 38.90
CA VAL A 7 -19.27 -11.45 40.27
C VAL A 7 -18.67 -10.06 40.25
N ARG A 8 -19.28 -9.13 40.99
CA ARG A 8 -18.72 -7.81 41.21
C ARG A 8 -17.90 -7.80 42.49
N HIS A 9 -16.76 -7.16 42.42
CA HIS A 9 -15.82 -7.08 43.54
C HIS A 9 -15.59 -5.59 43.77
N ILE A 10 -16.13 -5.10 44.89
CA ILE A 10 -16.07 -3.68 45.21
C ILE A 10 -15.36 -3.48 46.53
N VAL A 11 -14.37 -2.61 46.50
CA VAL A 11 -13.49 -2.29 47.61
C VAL A 11 -13.64 -0.80 47.91
N PHE A 12 -13.88 -0.49 49.18
CA PHE A 12 -13.73 0.90 49.66
C PHE A 12 -12.56 0.89 50.66
N ASN A 13 -11.67 1.87 50.59
CA ASN A 13 -10.62 2.01 51.59
C ASN A 13 -10.31 3.45 51.96
N ARG A 14 -9.47 3.56 52.97
CA ARG A 14 -8.86 4.77 53.42
C ARG A 14 -7.40 4.39 53.69
N TYR A 15 -6.49 5.21 53.20
CA TYR A 15 -5.06 4.96 53.34
C TYR A 15 -4.51 5.45 54.66
N LYS A 16 -3.46 4.78 55.12
CA LYS A 16 -2.75 5.22 56.32
C LYS A 16 -2.18 6.61 56.09
N SER A 17 -2.24 7.45 57.11
CA SER A 17 -1.81 8.84 56.98
C SER A 17 -0.30 9.02 56.77
N GLN A 18 0.53 8.07 57.17
CA GLN A 18 1.99 8.25 57.01
C GLN A 18 2.48 8.06 55.58
N LEU A 19 1.65 7.50 54.71
CA LEU A 19 2.08 7.23 53.32
C LEU A 19 2.13 8.49 52.47
N SER A 20 3.19 8.63 51.66
CA SER A 20 3.25 9.74 50.72
C SER A 20 2.12 9.53 49.70
N GLN A 21 1.60 10.63 49.15
CA GLN A 21 0.64 10.49 48.05
C GLN A 21 1.31 9.81 46.86
N LYS A 22 2.61 9.98 46.73
CA LYS A 22 3.36 9.31 45.68
C LYS A 22 3.24 7.80 45.80
N GLN A 23 3.38 7.30 47.03
CA GLN A 23 3.27 5.87 47.25
C GLN A 23 1.82 5.38 47.10
N ILE A 24 0.85 6.18 47.54
CA ILE A 24 -0.57 5.85 47.34
C ILE A 24 -0.86 5.71 45.84
N ASP A 25 -0.39 6.69 45.06
CA ASP A 25 -0.48 6.65 43.60
C ASP A 25 0.11 5.35 43.04
N GLN A 26 1.29 4.97 43.53
CA GLN A 26 1.93 3.74 43.10
C GLN A 26 1.09 2.49 43.45
N ILE A 27 0.53 2.47 44.65
CA ILE A 27 -0.27 1.34 45.09
C ILE A 27 -1.47 1.15 44.15
N ILE A 28 -2.10 2.25 43.80
CA ILE A 28 -3.26 2.24 42.93
C ILE A 28 -2.86 1.80 41.51
N ALA A 29 -1.72 2.26 41.05
CA ALA A 29 -1.20 1.81 39.74
C ALA A 29 -0.90 0.30 39.73
N ASP A 30 -0.32 -0.20 40.82
CA ASP A 30 -0.02 -1.62 40.99
C ASP A 30 -1.31 -2.44 40.97
N TYR A 31 -2.35 -1.92 41.60
CA TYR A 31 -3.65 -2.58 41.64
C TYR A 31 -4.22 -2.71 40.22
N GLY A 32 -4.29 -1.61 39.50
CA GLY A 32 -4.81 -1.60 38.12
C GLY A 32 -4.04 -2.53 37.19
N ASN A 33 -2.73 -2.58 37.36
CA ASN A 33 -1.86 -3.44 36.56
C ASN A 33 -2.09 -4.96 36.74
N LEU A 34 -2.73 -5.37 37.84
CA LEU A 34 -3.13 -6.77 38.00
C LEU A 34 -3.99 -7.29 36.86
N GLN A 35 -4.79 -6.44 36.21
CA GLN A 35 -5.60 -6.91 35.08
C GLN A 35 -4.79 -7.25 33.79
N ASN A 36 -3.57 -6.74 33.68
CA ASN A 36 -2.69 -7.09 32.55
C ASN A 36 -1.98 -8.42 32.77
N ILE A 37 -1.81 -8.80 34.04
CA ILE A 37 -1.33 -10.13 34.36
C ILE A 37 -2.54 -11.08 34.37
N ALA A 38 -3.52 -10.74 35.19
CA ALA A 38 -4.73 -11.55 35.39
C ALA A 38 -5.70 -11.44 34.22
N PRO A 39 -5.84 -12.51 33.42
CA PRO A 39 -7.09 -12.50 32.65
C PRO A 39 -8.36 -12.39 33.54
N GLU A 40 -8.31 -12.88 34.79
CA GLU A 40 -9.52 -13.01 35.60
C GLU A 40 -10.16 -11.66 35.98
N MET A 41 -9.35 -10.68 36.37
CA MET A 41 -9.88 -9.38 36.80
C MET A 41 -10.21 -8.51 35.61
N LYS A 42 -11.49 -8.18 35.43
CA LYS A 42 -11.93 -7.34 34.31
C LYS A 42 -12.61 -6.05 34.76
N GLU A 43 -12.64 -5.11 33.82
CA GLU A 43 -13.38 -3.86 33.97
CA GLU A 43 -13.38 -3.86 33.95
C GLU A 43 -13.00 -3.09 35.23
N TRP A 44 -11.72 -3.10 35.57
CA TRP A 44 -11.28 -2.41 36.78
C TRP A 44 -11.41 -0.90 36.59
N LYS A 45 -12.01 -0.24 37.58
CA LYS A 45 -12.16 1.21 37.60
C LYS A 45 -12.05 1.62 39.06
N TRP A 46 -11.74 2.89 39.27
CA TRP A 46 -11.60 3.40 40.64
C TRP A 46 -11.88 4.88 40.65
N GLY A 47 -12.03 5.43 41.85
CA GLY A 47 -12.06 6.86 42.01
C GLY A 47 -12.07 7.30 43.45
N THR A 48 -12.09 8.61 43.65
CA THR A 48 -12.09 9.19 44.99
C THR A 48 -13.44 9.74 45.32
N ASP A 49 -13.87 9.55 46.56
CA ASP A 49 -15.15 10.06 46.96
C ASP A 49 -15.28 11.58 46.71
N LEU A 50 -16.44 11.97 46.22
CA LEU A 50 -16.68 13.35 45.80
C LEU A 50 -16.92 14.34 46.96
N GLY A 51 -17.03 13.85 48.19
CA GLY A 51 -17.15 14.71 49.37
C GLY A 51 -18.55 15.20 49.69
N PRO A 52 -18.67 16.00 50.78
CA PRO A 52 -19.98 16.34 51.39
C PRO A 52 -20.84 17.35 50.64
N ALA A 53 -20.28 18.05 49.66
CA ALA A 53 -21.10 18.91 48.79
C ALA A 53 -21.99 18.06 47.88
N VAL A 54 -21.56 16.83 47.63
CA VAL A 54 -22.32 15.89 46.81
C VAL A 54 -23.16 15.00 47.72
N GLU A 55 -22.50 14.25 48.62
CA GLU A 55 -23.19 13.44 49.62
C GLU A 55 -22.27 13.11 50.79
N ASP A 56 -22.82 13.08 52.01
CA ASP A 56 -21.98 12.96 53.21
C ASP A 56 -22.13 11.65 54.02
N ARG A 57 -22.02 10.51 53.34
CA ARG A 57 -22.20 9.20 53.98
C ARG A 57 -21.04 8.22 53.70
N ALA A 58 -19.87 8.74 53.32
CA ALA A 58 -18.69 7.91 53.01
C ALA A 58 -17.97 7.37 54.24
N ASP A 59 -18.30 7.91 55.42
CA ASP A 59 -17.84 7.37 56.68
C ASP A 59 -16.32 7.23 56.75
N GLY A 60 -15.60 8.21 56.23
CA GLY A 60 -14.15 8.22 56.27
C GLY A 60 -13.45 7.44 55.17
N PHE A 61 -14.20 6.68 54.36
CA PHE A 61 -13.62 6.03 53.18
C PHE A 61 -13.39 7.07 52.08
N THR A 62 -12.23 6.98 51.44
CA THR A 62 -11.82 7.97 50.45
C THR A 62 -11.76 7.47 49.03
N HIS A 63 -11.56 6.17 48.85
CA HIS A 63 -11.36 5.54 47.55
C HIS A 63 -12.28 4.35 47.36
N ALA A 64 -12.74 4.17 46.12
CA ALA A 64 -13.47 3.00 45.71
C ALA A 64 -12.79 2.37 44.50
N TYR A 65 -12.87 1.05 44.45
CA TYR A 65 -12.31 0.27 43.34
C TYR A 65 -13.33 -0.81 42.97
N GLU A 66 -13.60 -0.95 41.68
CA GLU A 66 -14.57 -1.92 41.22
C GLU A 66 -13.92 -2.80 40.15
N SER A 67 -14.29 -4.07 40.16
CA SER A 67 -13.87 -5.00 39.10
C SER A 67 -14.87 -6.14 38.97
N THR A 68 -14.73 -6.87 37.88
CA THR A 68 -15.69 -7.90 37.55
C THR A 68 -14.93 -9.19 37.28
N PHE A 69 -15.46 -10.31 37.78
CA PHE A 69 -14.94 -11.64 37.52
C PHE A 69 -16.02 -12.52 36.88
N HIS A 70 -15.59 -13.41 36.00
CA HIS A 70 -16.50 -14.32 35.26
C HIS A 70 -17.26 -15.27 36.21
N SER A 71 -16.61 -15.65 37.31
CA SER A 71 -17.20 -16.57 38.26
C SER A 71 -16.47 -16.47 39.59
N VAL A 72 -17.05 -17.03 40.64
CA VAL A 72 -16.36 -17.17 41.92
C VAL A 72 -15.07 -18.00 41.80
N ALA A 73 -15.11 -19.09 41.02
CA ALA A 73 -13.89 -19.88 40.75
C ALA A 73 -12.75 -19.03 40.23
N ASP A 74 -13.06 -18.18 39.26
CA ASP A 74 -12.07 -17.30 38.67
C ASP A 74 -11.57 -16.26 39.68
N PHE A 75 -12.48 -15.71 40.49
CA PHE A 75 -12.06 -14.79 41.56
C PHE A 75 -11.06 -15.44 42.52
N LEU A 76 -11.37 -16.63 42.97
CA LEU A 76 -10.54 -17.32 43.94
C LEU A 76 -9.19 -17.77 43.34
N ASN A 77 -9.19 -18.19 42.08
CA ASN A 77 -7.90 -18.43 41.37
C ASN A 77 -7.06 -17.15 41.31
N PHE A 78 -7.69 -16.04 40.95
CA PHE A 78 -7.06 -14.72 40.96
C PHE A 78 -6.49 -14.34 42.34
N PHE A 79 -7.35 -14.39 43.36
CA PHE A 79 -7.02 -13.83 44.68
C PHE A 79 -5.86 -14.54 45.37
N TYR A 80 -5.67 -15.83 45.07
CA TYR A 80 -4.55 -16.59 45.62
C TYR A 80 -3.43 -16.84 44.60
N SER A 81 -3.45 -16.13 43.47
CA SER A 81 -2.38 -16.19 42.47
C SER A 81 -1.16 -15.43 43.01
N PRO A 82 0.04 -15.77 42.50
CA PRO A 82 1.23 -15.05 42.99
C PRO A 82 1.22 -13.53 42.82
N PRO A 83 0.78 -12.99 41.67
CA PRO A 83 0.73 -11.53 41.60
C PRO A 83 -0.22 -10.86 42.62
N ALA A 84 -1.38 -11.48 42.84
CA ALA A 84 -2.34 -10.97 43.82
C ALA A 84 -1.78 -11.07 45.23
N LEU A 85 -1.09 -12.16 45.54
CA LEU A 85 -0.52 -12.29 46.88
C LEU A 85 0.58 -11.25 47.12
N GLU A 86 1.36 -10.97 46.08
CA GLU A 86 2.40 -9.94 46.20
C GLU A 86 1.80 -8.56 46.38
N PHE A 87 0.73 -8.26 45.63
CA PHE A 87 0.03 -6.99 45.80
C PHE A 87 -0.59 -6.87 47.20
N ALA A 88 -1.12 -7.97 47.74
CA ALA A 88 -1.76 -7.96 49.09
C ALA A 88 -0.81 -7.50 50.17
N LYS A 89 0.47 -7.84 50.01
CA LYS A 89 1.52 -7.44 50.96
C LYS A 89 1.72 -5.93 51.04
N GLU A 90 1.48 -5.22 49.94
CA GLU A 90 1.52 -3.78 49.99
C GLU A 90 0.16 -3.15 50.23
N PHE A 91 -0.91 -3.75 49.70
CA PHE A 91 -2.21 -3.10 49.77
C PHE A 91 -2.85 -3.11 51.17
N PHE A 92 -2.99 -4.27 51.78
CA PHE A 92 -3.71 -4.37 53.06
C PHE A 92 -3.03 -3.59 54.19
N PRO A 93 -1.69 -3.67 54.30
CA PRO A 93 -1.01 -2.85 55.33
C PRO A 93 -1.09 -1.34 55.10
N ALA A 94 -1.33 -0.93 53.85
CA ALA A 94 -1.51 0.49 53.52
C ALA A 94 -2.89 1.04 53.88
N CYS A 95 -3.84 0.16 54.22
CA CYS A 95 -5.23 0.54 54.51
C CYS A 95 -5.40 0.90 55.98
N GLU A 96 -5.81 2.14 56.23
CA GLU A 96 -6.28 2.50 57.58
C GLU A 96 -7.57 1.73 57.87
N LYS A 97 -8.47 1.69 56.88
CA LYS A 97 -9.57 0.76 56.92
C LYS A 97 -10.01 0.32 55.53
N ILE A 98 -10.84 -0.71 55.51
CA ILE A 98 -11.24 -1.31 54.25
C ILE A 98 -12.57 -2.04 54.44
N VAL A 99 -13.42 -2.00 53.42
CA VAL A 99 -14.57 -2.88 53.33
C VAL A 99 -14.66 -3.39 51.89
N VAL A 100 -14.95 -4.68 51.75
CA VAL A 100 -15.02 -5.36 50.45
C VAL A 100 -16.30 -6.17 50.39
N LEU A 101 -17.10 -5.98 49.33
CA LEU A 101 -18.21 -6.85 49.08
C LEU A 101 -18.00 -7.53 47.73
N ASN A 102 -18.37 -8.80 47.67
CA ASN A 102 -18.36 -9.57 46.43
C ASN A 102 -19.76 -10.09 46.22
N TYR A 103 -20.36 -9.86 45.04
CA TYR A 103 -21.76 -10.26 44.83
C TYR A 103 -22.08 -10.57 43.38
N ILE A 104 -23.07 -11.45 43.21
CA ILE A 104 -23.63 -11.71 41.89
CA ILE A 104 -23.65 -11.71 41.91
C ILE A 104 -24.63 -10.59 41.59
N ILE A 105 -24.69 -10.20 40.33
CA ILE A 105 -25.56 -9.11 39.87
C ILE A 105 -27.02 -9.52 39.79
N ASN A 106 -27.87 -8.66 40.36
CA ASN A 106 -29.31 -8.65 40.11
C ASN A 106 -29.66 -7.29 39.48
N GLU A 107 -30.63 -7.28 38.57
CA GLU A 107 -31.09 -6.03 37.94
C GLU A 107 -32.58 -5.82 38.20
N PRO B 4 -16.85 13.65 29.14
CA PRO B 4 -17.92 13.26 30.05
C PRO B 4 -17.37 12.71 31.38
N GLU B 5 -17.83 13.28 32.49
CA GLU B 5 -17.39 12.83 33.81
C GLU B 5 -18.51 12.04 34.45
N ILE B 6 -18.45 10.73 34.23
CA ILE B 6 -19.48 9.80 34.67
C ILE B 6 -19.28 9.54 36.16
N VAL B 7 -20.37 9.53 36.91
CA VAL B 7 -20.34 9.33 38.36
C VAL B 7 -20.89 7.94 38.70
N ARG B 8 -20.16 7.21 39.53
CA ARG B 8 -20.66 5.97 40.12
C ARG B 8 -21.11 6.24 41.54
N HIS B 9 -22.25 5.68 41.90
CA HIS B 9 -22.89 5.82 43.20
C HIS B 9 -23.03 4.41 43.76
N ILE B 10 -22.18 4.07 44.73
CA ILE B 10 -22.18 2.76 45.31
C ILE B 10 -22.57 2.83 46.80
N VAL B 11 -23.58 2.06 47.13
CA VAL B 11 -24.12 1.94 48.47
C VAL B 11 -23.88 0.55 49.01
N PHE B 12 -23.33 0.43 50.23
CA PHE B 12 -23.36 -0.82 50.97
C PHE B 12 -24.29 -0.60 52.18
N ASN B 13 -25.15 -1.55 52.47
CA ASN B 13 -25.96 -1.48 53.70
C ASN B 13 -26.13 -2.85 54.38
N ARG B 14 -26.70 -2.77 55.58
CA ARG B 14 -27.18 -3.89 56.33
C ARG B 14 -28.55 -3.47 56.84
N TYR B 15 -29.54 -4.33 56.67
CA TYR B 15 -30.91 -4.01 57.12
C TYR B 15 -31.08 -4.28 58.60
N LYS B 16 -31.97 -3.52 59.22
CA LYS B 16 -32.32 -3.78 60.61
C LYS B 16 -32.94 -5.18 60.76
N SER B 17 -32.56 -5.88 61.82
CA SER B 17 -32.96 -7.26 62.03
C SER B 17 -34.48 -7.46 62.24
N GLN B 18 -35.22 -6.42 62.63
CA GLN B 18 -36.66 -6.54 62.88
C GLN B 18 -37.52 -6.51 61.63
N LEU B 19 -36.94 -6.09 60.51
CA LEU B 19 -37.68 -6.02 59.26
C LEU B 19 -37.89 -7.42 58.73
N SER B 20 -39.08 -7.66 58.18
CA SER B 20 -39.35 -8.95 57.53
C SER B 20 -38.63 -8.98 56.19
N GLN B 21 -38.38 -10.18 55.66
CA GLN B 21 -37.79 -10.28 54.31
C GLN B 21 -38.73 -9.67 53.28
N LYS B 22 -40.04 -9.79 53.50
CA LYS B 22 -41.02 -9.14 52.64
C LYS B 22 -40.84 -7.62 52.57
N GLN B 23 -40.64 -6.99 53.74
CA GLN B 23 -40.41 -5.55 53.82
C GLN B 23 -39.11 -5.16 53.10
N ILE B 24 -38.06 -5.95 53.31
CA ILE B 24 -36.76 -5.69 52.67
C ILE B 24 -36.88 -5.84 51.16
N ASP B 25 -37.53 -6.91 50.70
CA ASP B 25 -37.78 -7.11 49.27
C ASP B 25 -38.49 -5.90 48.65
N GLN B 26 -39.47 -5.37 49.37
CA GLN B 26 -40.21 -4.20 48.92
C GLN B 26 -39.33 -2.97 48.80
N ILE B 27 -38.47 -2.73 49.78
CA ILE B 27 -37.57 -1.58 49.77
C ILE B 27 -36.65 -1.68 48.55
N ILE B 28 -36.10 -2.87 48.32
CA ILE B 28 -35.19 -3.10 47.20
C ILE B 28 -35.91 -2.93 45.86
N ALA B 29 -37.12 -3.46 45.75
CA ALA B 29 -37.95 -3.23 44.55
C ALA B 29 -38.20 -1.73 44.29
N ASP B 30 -38.53 -0.99 45.35
CA ASP B 30 -38.75 0.46 45.26
C ASP B 30 -37.49 1.20 44.80
N TYR B 31 -36.34 0.82 45.35
CA TYR B 31 -35.06 1.39 44.95
C TYR B 31 -34.88 1.22 43.44
N GLY B 32 -34.99 -0.01 42.97
CA GLY B 32 -34.83 -0.30 41.56
C GLY B 32 -35.82 0.43 40.66
N ASN B 33 -37.04 0.59 41.16
CA ASN B 33 -38.08 1.29 40.39
C ASN B 33 -37.90 2.81 40.29
N LEU B 34 -36.98 3.38 41.07
CA LEU B 34 -36.61 4.77 40.86
C LEU B 34 -36.08 5.05 39.44
N GLN B 35 -35.51 4.05 38.78
CA GLN B 35 -35.00 4.27 37.42
C GLN B 35 -36.12 4.54 36.39
N ASN B 36 -37.36 4.18 36.72
CA ASN B 36 -38.51 4.43 35.84
C ASN B 36 -39.19 5.78 36.15
N ILE B 37 -38.67 6.49 37.15
CA ILE B 37 -39.18 7.78 37.58
C ILE B 37 -38.13 8.85 37.30
N ALA B 38 -36.86 8.54 37.62
CA ALA B 38 -35.74 9.47 37.47
C ALA B 38 -34.92 9.09 36.25
N PRO B 39 -35.04 9.88 35.17
CA PRO B 39 -34.31 9.51 33.95
C PRO B 39 -32.78 9.54 34.06
N GLU B 40 -32.26 10.28 35.04
CA GLU B 40 -30.83 10.35 35.31
C GLU B 40 -30.16 9.07 35.82
N MET B 41 -30.90 8.20 36.49
CA MET B 41 -30.32 7.00 37.12
C MET B 41 -30.18 5.88 36.11
N LYS B 42 -28.94 5.47 35.84
CA LYS B 42 -28.64 4.46 34.85
C LYS B 42 -28.00 3.24 35.48
N GLU B 43 -28.13 2.11 34.78
CA GLU B 43 -27.38 0.88 35.10
C GLU B 43 -27.54 0.39 36.55
N TRP B 44 -28.73 0.55 37.12
CA TRP B 44 -28.95 0.14 38.50
C TRP B 44 -28.81 -1.36 38.61
N LYS B 45 -28.02 -1.80 39.58
CA LYS B 45 -27.87 -3.21 39.90
C LYS B 45 -27.69 -3.36 41.39
N TRP B 46 -27.87 -4.57 41.88
CA TRP B 46 -27.64 -4.84 43.28
C TRP B 46 -27.30 -6.28 43.50
N GLY B 47 -26.82 -6.57 44.68
CA GLY B 47 -26.61 -7.95 45.07
C GLY B 47 -26.27 -8.08 46.52
N THR B 48 -26.19 -9.33 46.95
CA THR B 48 -25.83 -9.66 48.32
C THR B 48 -24.41 -10.21 48.42
N ASP B 49 -23.68 -9.78 49.46
CA ASP B 49 -22.35 -10.28 49.69
C ASP B 49 -22.33 -11.81 49.80
N LEU B 50 -21.31 -12.42 49.21
CA LEU B 50 -21.18 -13.86 49.09
C LEU B 50 -20.66 -14.51 50.34
N GLY B 51 -20.13 -13.71 51.26
CA GLY B 51 -19.76 -14.18 52.57
C GLY B 51 -18.33 -14.65 52.68
N PRO B 52 -17.96 -15.16 53.87
CA PRO B 52 -16.57 -15.45 54.19
C PRO B 52 -15.94 -16.63 53.42
N ALA B 53 -16.73 -17.47 52.77
CA ALA B 53 -16.17 -18.46 51.87
C ALA B 53 -15.44 -17.85 50.68
N VAL B 54 -15.84 -16.64 50.27
CA VAL B 54 -15.21 -15.96 49.17
C VAL B 54 -14.16 -14.97 49.69
N GLU B 55 -14.59 -14.08 50.59
CA GLU B 55 -13.71 -13.12 51.23
C GLU B 55 -14.39 -12.60 52.48
N ASP B 56 -13.62 -12.33 53.55
CA ASP B 56 -14.22 -11.97 54.84
C ASP B 56 -13.88 -10.53 55.26
N ARG B 57 -14.23 -9.57 54.41
CA ARG B 57 -13.92 -8.15 54.65
C ARG B 57 -15.15 -7.28 54.48
N ALA B 58 -16.35 -7.86 54.55
CA ALA B 58 -17.60 -7.12 54.36
C ALA B 58 -18.02 -6.35 55.60
N ASP B 59 -17.40 -6.64 56.75
CA ASP B 59 -17.58 -5.87 57.99
C ASP B 59 -19.06 -5.73 58.39
N GLY B 60 -19.86 -6.77 58.14
CA GLY B 60 -21.29 -6.76 58.52
C GLY B 60 -22.25 -6.21 57.47
N PHE B 61 -21.72 -5.60 56.42
CA PHE B 61 -22.55 -5.17 55.28
C PHE B 61 -22.99 -6.40 54.49
N THR B 62 -24.25 -6.41 54.09
CA THR B 62 -24.85 -7.54 53.42
C THR B 62 -25.25 -7.31 51.99
N HIS B 63 -25.50 -6.06 51.62
CA HIS B 63 -26.02 -5.70 50.32
C HIS B 63 -25.21 -4.57 49.69
N ALA B 64 -25.09 -4.61 48.36
CA ALA B 64 -24.47 -3.56 47.59
C ALA B 64 -25.47 -3.10 46.52
N TYR B 65 -25.44 -1.82 46.19
CA TYR B 65 -26.27 -1.26 45.12
C TYR B 65 -25.38 -0.31 44.33
N GLU B 66 -25.46 -0.39 43.00
CA GLU B 66 -24.68 0.48 42.12
C GLU B 66 -25.62 1.22 41.19
N SER B 67 -25.28 2.48 40.94
CA SER B 67 -26.02 3.37 40.04
C SER B 67 -24.96 4.15 39.26
N THR B 68 -25.30 4.56 38.04
CA THR B 68 -24.47 5.44 37.23
C THR B 68 -25.23 6.71 36.85
N PHE B 69 -24.53 7.84 36.88
CA PHE B 69 -25.06 9.13 36.45
C PHE B 69 -24.07 9.75 35.47
N HIS B 70 -24.59 10.40 34.44
CA HIS B 70 -23.71 10.88 33.37
C HIS B 70 -23.00 12.19 33.70
N SER B 71 -23.38 12.85 34.81
CA SER B 71 -22.65 14.00 35.32
C SER B 71 -22.95 14.21 36.78
N VAL B 72 -22.10 15.00 37.46
CA VAL B 72 -22.42 15.42 38.84
C VAL B 72 -23.76 16.15 38.87
N ALA B 73 -24.00 16.99 37.85
CA ALA B 73 -25.25 17.78 37.77
C ALA B 73 -26.47 16.85 37.69
N ASP B 74 -26.36 15.80 36.89
CA ASP B 74 -27.41 14.78 36.83
C ASP B 74 -27.60 14.06 38.18
N PHE B 75 -26.49 13.71 38.84
CA PHE B 75 -26.59 13.09 40.15
C PHE B 75 -27.31 14.00 41.16
N LEU B 76 -26.92 15.26 41.20
CA LEU B 76 -27.54 16.21 42.15
C LEU B 76 -29.01 16.46 41.84
N ASN B 77 -29.36 16.59 40.56
CA ASN B 77 -30.77 16.73 40.23
C ASN B 77 -31.58 15.53 40.74
N PHE B 78 -31.04 14.34 40.54
CA PHE B 78 -31.67 13.12 41.07
C PHE B 78 -31.77 13.15 42.60
N PHE B 79 -30.63 13.34 43.24
CA PHE B 79 -30.52 13.28 44.71
C PHE B 79 -31.46 14.26 45.42
N TYR B 80 -31.68 15.45 44.82
CA TYR B 80 -32.62 16.43 45.39
C TYR B 80 -34.06 16.42 44.85
N SER B 81 -34.38 15.48 43.98
CA SER B 81 -35.72 15.35 43.41
C SER B 81 -36.71 14.83 44.47
N PRO B 82 -38.00 15.22 44.37
CA PRO B 82 -38.96 14.69 45.35
C PRO B 82 -39.02 13.14 45.49
N PRO B 83 -38.96 12.38 44.38
CA PRO B 83 -38.95 10.90 44.54
C PRO B 83 -37.75 10.34 45.31
N ALA B 84 -36.57 10.90 45.07
CA ALA B 84 -35.36 10.49 45.80
C ALA B 84 -35.43 10.88 47.30
N LEU B 85 -35.91 12.08 47.57
CA LEU B 85 -36.07 12.52 48.96
C LEU B 85 -37.07 11.64 49.70
N GLU B 86 -38.16 11.27 49.01
CA GLU B 86 -39.17 10.39 49.57
C GLU B 86 -38.60 9.00 49.84
N PHE B 87 -37.88 8.44 48.87
CA PHE B 87 -37.30 7.13 49.05
C PHE B 87 -36.25 7.08 50.16
N ALA B 88 -35.45 8.14 50.29
CA ALA B 88 -34.45 8.24 51.36
C ALA B 88 -35.06 8.14 52.77
N LYS B 89 -36.26 8.69 52.95
CA LYS B 89 -36.97 8.61 54.24
C LYS B 89 -37.48 7.21 54.59
N GLU B 90 -37.60 6.33 53.58
CA GLU B 90 -37.89 4.90 53.80
C GLU B 90 -36.61 4.09 53.93
N PHE B 91 -35.63 4.39 53.09
CA PHE B 91 -34.42 3.56 53.01
C PHE B 91 -33.47 3.71 54.21
N PHE B 92 -33.08 4.93 54.54
CA PHE B 92 -32.03 5.11 55.56
C PHE B 92 -32.45 4.65 56.95
N PRO B 93 -33.71 4.93 57.38
CA PRO B 93 -34.08 4.42 58.70
C PRO B 93 -34.18 2.90 58.78
N ALA B 94 -34.32 2.23 57.61
CA ALA B 94 -34.28 0.76 57.53
C ALA B 94 -32.88 0.15 57.66
N CYS B 95 -31.85 0.98 57.55
CA CYS B 95 -30.45 0.53 57.62
C CYS B 95 -29.93 0.43 59.04
N GLU B 96 -29.40 -0.74 59.39
CA GLU B 96 -28.56 -0.91 60.57
C GLU B 96 -27.17 -0.28 60.34
N LYS B 97 -26.63 -0.44 59.13
CA LYS B 97 -25.35 0.15 58.75
C LYS B 97 -25.51 0.69 57.34
N ILE B 98 -24.77 1.73 57.01
CA ILE B 98 -24.80 2.31 55.67
C ILE B 98 -23.47 2.98 55.38
N VAL B 99 -23.00 2.80 54.14
CA VAL B 99 -21.91 3.59 53.63
C VAL B 99 -22.14 3.84 52.16
N VAL B 100 -21.84 5.04 51.71
CA VAL B 100 -22.10 5.49 50.35
C VAL B 100 -20.92 6.26 49.82
N LEU B 101 -20.37 5.82 48.67
CA LEU B 101 -19.34 6.57 47.96
C LEU B 101 -19.83 6.99 46.59
N ASN B 102 -19.50 8.24 46.22
CA ASN B 102 -19.79 8.77 44.90
C ASN B 102 -18.46 9.15 44.29
N TYR B 103 -18.16 8.65 43.09
CA TYR B 103 -16.89 8.98 42.46
C TYR B 103 -16.96 9.09 40.96
N ILE B 104 -16.11 9.95 40.43
CA ILE B 104 -15.91 10.06 39.00
C ILE B 104 -15.05 8.87 38.57
N ILE B 105 -15.51 8.14 37.57
CA ILE B 105 -14.84 6.92 37.13
C ILE B 105 -13.47 7.23 36.56
N ASN B 106 -12.45 6.51 37.03
CA ASN B 106 -11.15 6.41 36.36
C ASN B 106 -10.93 4.99 35.88
N GLU B 107 -10.47 4.85 34.63
CA GLU B 107 -10.06 3.57 34.06
C GLU B 107 -8.56 3.33 34.32
N GLY C 1 19.09 21.23 -45.18
CA GLY C 1 20.19 21.93 -44.42
C GLY C 1 21.56 21.33 -44.65
N ASN C 2 22.45 21.52 -43.67
CA ASN C 2 23.83 21.04 -43.75
C ASN C 2 23.86 19.50 -43.62
N PRO C 3 24.40 18.79 -44.64
CA PRO C 3 24.56 17.33 -44.50
C PRO C 3 25.74 16.97 -43.57
N PRO C 4 25.79 15.76 -42.98
CA PRO C 4 24.78 14.70 -43.16
C PRO C 4 23.44 14.96 -42.46
N GLU C 5 22.35 14.70 -43.19
CA GLU C 5 21.01 14.70 -42.61
C GLU C 5 20.14 13.78 -43.47
N ILE C 6 19.20 13.12 -42.82
CA ILE C 6 18.52 12.01 -43.45
C ILE C 6 17.39 12.54 -44.35
N VAL C 7 17.38 12.09 -45.60
CA VAL C 7 16.31 12.34 -46.56
C VAL C 7 15.60 11.02 -46.79
N ARG C 8 14.27 11.04 -46.67
CA ARG C 8 13.45 9.87 -46.95
C ARG C 8 12.77 10.04 -48.28
N HIS C 9 12.80 8.96 -49.07
CA HIS C 9 12.20 8.88 -50.40
C HIS C 9 11.09 7.82 -50.31
N ILE C 10 9.83 8.28 -50.31
CA ILE C 10 8.68 7.40 -50.13
C ILE C 10 7.81 7.40 -51.37
N VAL C 11 7.54 6.21 -51.91
CA VAL C 11 6.81 6.06 -53.15
C VAL C 11 5.60 5.19 -52.85
N PHE C 12 4.41 5.66 -53.23
CA PHE C 12 3.24 4.80 -53.24
C PHE C 12 2.84 4.58 -54.69
N ASN C 13 2.41 3.36 -55.04
CA ASN C 13 1.83 3.13 -56.34
C ASN C 13 0.74 2.07 -56.35
N ARG C 14 0.11 1.98 -57.52
CA ARG C 14 -0.80 0.95 -57.94
C ARG C 14 -0.35 0.54 -59.35
N TYR C 15 -0.27 -0.75 -59.59
CA TYR C 15 0.14 -1.31 -60.87
C TYR C 15 -1.03 -1.39 -61.83
N LYS C 16 -0.74 -1.17 -63.11
CA LYS C 16 -1.75 -1.35 -64.16
C LYS C 16 -2.25 -2.80 -64.21
N SER C 17 -3.54 -2.95 -64.45
CA SER C 17 -4.21 -4.27 -64.38
C SER C 17 -3.75 -5.25 -65.49
N GLN C 18 -3.17 -4.73 -66.58
CA GLN C 18 -2.62 -5.59 -67.63
C GLN C 18 -1.38 -6.38 -67.22
N LEU C 19 -0.74 -5.98 -66.13
CA LEU C 19 0.43 -6.69 -65.63
C LEU C 19 0.07 -7.94 -64.85
N SER C 20 0.90 -8.96 -65.00
CA SER C 20 0.79 -10.17 -64.18
C SER C 20 1.59 -9.98 -62.91
N GLN C 21 1.36 -10.85 -61.91
CA GLN C 21 2.16 -10.83 -60.69
C GLN C 21 3.60 -11.17 -60.99
N LYS C 22 3.84 -11.99 -62.02
CA LYS C 22 5.22 -12.31 -62.40
C LYS C 22 5.94 -11.03 -62.83
N GLN C 23 5.27 -10.22 -63.62
CA GLN C 23 5.84 -8.95 -64.11
C GLN C 23 6.05 -7.95 -62.99
N ILE C 24 5.09 -7.87 -62.08
CA ILE C 24 5.21 -7.04 -60.87
C ILE C 24 6.40 -7.50 -60.02
N ASP C 25 6.54 -8.82 -59.82
CA ASP C 25 7.63 -9.36 -59.00
C ASP C 25 9.01 -8.93 -59.54
N GLN C 26 9.12 -8.94 -60.86
CA GLN C 26 10.35 -8.58 -61.59
C GLN C 26 10.68 -7.11 -61.42
N ILE C 27 9.66 -6.25 -61.61
CA ILE C 27 9.80 -4.81 -61.35
C ILE C 27 10.30 -4.56 -59.91
N ILE C 28 9.68 -5.21 -58.93
CA ILE C 28 10.04 -5.01 -57.53
C ILE C 28 11.47 -5.53 -57.24
N ALA C 29 11.84 -6.64 -57.86
CA ALA C 29 13.20 -7.19 -57.76
C ALA C 29 14.24 -6.21 -58.29
N ASP C 30 13.98 -5.64 -59.46
CA ASP C 30 14.84 -4.63 -60.06
C ASP C 30 14.95 -3.36 -59.21
N TYR C 31 13.85 -2.96 -58.57
CA TYR C 31 13.87 -1.85 -57.62
C TYR C 31 14.77 -2.17 -56.45
N GLY C 32 14.61 -3.36 -55.87
CA GLY C 32 15.42 -3.79 -54.73
C GLY C 32 16.91 -3.88 -55.02
N ASN C 33 17.25 -4.17 -56.28
CA ASN C 33 18.65 -4.31 -56.71
CA ASN C 33 18.65 -4.32 -56.67
C ASN C 33 19.37 -2.97 -56.89
N LEU C 34 18.62 -1.87 -57.03
CA LEU C 34 19.25 -0.55 -57.20
C LEU C 34 20.19 -0.18 -56.06
N GLN C 35 19.84 -0.56 -54.83
CA GLN C 35 20.72 -0.33 -53.68
C GLN C 35 22.11 -1.01 -53.82
N ASN C 36 22.21 -2.06 -54.63
CA ASN C 36 23.48 -2.74 -54.91
C ASN C 36 24.38 -2.01 -55.90
N ILE C 37 23.79 -1.31 -56.87
CA ILE C 37 24.54 -0.59 -57.92
C ILE C 37 24.45 0.93 -57.78
N ALA C 38 24.13 1.40 -56.58
CA ALA C 38 24.03 2.83 -56.27
C ALA C 38 24.16 3.03 -54.76
N PRO C 39 25.39 3.30 -54.27
CA PRO C 39 25.66 3.34 -52.82
C PRO C 39 24.93 4.45 -52.03
N GLU C 40 24.44 5.48 -52.73
CA GLU C 40 23.68 6.58 -52.13
C GLU C 40 22.39 6.08 -51.48
N MET C 41 21.71 5.13 -52.14
CA MET C 41 20.43 4.59 -51.63
C MET C 41 20.70 3.59 -50.52
N LYS C 42 20.08 3.84 -49.37
CA LYS C 42 20.17 2.95 -48.23
C LYS C 42 18.79 2.52 -47.72
N GLU C 43 18.80 1.43 -46.94
CA GLU C 43 17.64 0.95 -46.18
C GLU C 43 16.36 0.80 -47.02
N TRP C 44 16.51 0.36 -48.26
CA TRP C 44 15.37 0.16 -49.14
C TRP C 44 14.47 -0.95 -48.57
N LYS C 45 13.18 -0.64 -48.39
CA LYS C 45 12.18 -1.61 -47.98
C LYS C 45 10.93 -1.36 -48.80
N TRP C 46 10.04 -2.36 -48.84
CA TRP C 46 8.77 -2.21 -49.53
C TRP C 46 7.68 -3.03 -48.84
N GLY C 47 6.44 -2.75 -49.19
CA GLY C 47 5.35 -3.57 -48.71
C GLY C 47 4.08 -3.32 -49.46
N THR C 48 3.07 -4.15 -49.18
CA THR C 48 1.74 -3.99 -49.74
C THR C 48 0.77 -3.51 -48.67
N ASP C 49 -0.10 -2.58 -49.03
CA ASP C 49 -1.10 -2.07 -48.10
C ASP C 49 -1.97 -3.21 -47.58
N LEU C 50 -2.28 -3.16 -46.29
CA LEU C 50 -2.98 -4.24 -45.59
C LEU C 50 -4.48 -4.26 -45.84
N GLY C 51 -5.00 -3.23 -46.48
CA GLY C 51 -6.36 -3.18 -46.94
C GLY C 51 -7.26 -2.57 -45.88
N PRO C 52 -8.56 -2.43 -46.21
CA PRO C 52 -9.53 -1.71 -45.40
C PRO C 52 -9.90 -2.37 -44.07
N ALA C 53 -9.58 -3.65 -43.86
CA ALA C 53 -9.75 -4.28 -42.54
C ALA C 53 -8.83 -3.71 -41.48
N VAL C 54 -7.69 -3.15 -41.92
CA VAL C 54 -6.77 -2.48 -41.02
C VAL C 54 -7.02 -0.98 -40.99
N GLU C 55 -7.01 -0.35 -42.17
CA GLU C 55 -7.39 1.05 -42.31
C GLU C 55 -7.81 1.29 -43.75
N ASP C 56 -8.84 2.12 -43.98
CA ASP C 56 -9.37 2.33 -45.32
C ASP C 56 -9.12 3.75 -45.89
N ARG C 57 -7.84 4.16 -45.95
CA ARG C 57 -7.47 5.49 -46.45
CA ARG C 57 -7.45 5.49 -46.42
C ARG C 57 -6.34 5.44 -47.49
N ALA C 58 -6.18 4.27 -48.14
CA ALA C 58 -5.13 4.07 -49.12
C ALA C 58 -5.45 4.62 -50.51
N ASP C 59 -6.72 4.97 -50.76
CA ASP C 59 -7.10 5.63 -52.01
C ASP C 59 -6.68 4.85 -53.26
N GLY C 60 -6.78 3.52 -53.18
CA GLY C 60 -6.42 2.65 -54.30
C GLY C 60 -4.94 2.35 -54.50
N PHE C 61 -4.06 3.00 -53.72
CA PHE C 61 -2.64 2.65 -53.73
C PHE C 61 -2.46 1.29 -53.06
N THR C 62 -1.58 0.46 -53.62
CA THR C 62 -1.42 -0.93 -53.16
C THR C 62 -0.04 -1.25 -52.61
N HIS C 63 0.98 -0.50 -53.03
CA HIS C 63 2.35 -0.77 -52.67
C HIS C 63 3.01 0.51 -52.16
N ALA C 64 3.97 0.35 -51.26
CA ALA C 64 4.81 1.41 -50.73
C ALA C 64 6.24 0.96 -50.84
N TYR C 65 7.13 1.92 -51.11
CA TYR C 65 8.57 1.64 -51.19
C TYR C 65 9.25 2.77 -50.46
N GLU C 66 10.21 2.46 -49.60
CA GLU C 66 10.87 3.48 -48.78
C GLU C 66 12.37 3.32 -48.87
N SER C 67 13.07 4.44 -48.91
CA SER C 67 14.53 4.40 -48.91
C SER C 67 15.08 5.67 -48.30
N THR C 68 16.36 5.60 -47.94
CA THR C 68 17.02 6.62 -47.18
C THR C 68 18.28 7.09 -47.93
N PHE C 69 18.47 8.40 -47.93
CA PHE C 69 19.65 9.05 -48.49
C PHE C 69 20.22 9.93 -47.41
N HIS C 70 21.53 10.09 -47.40
CA HIS C 70 22.14 10.87 -46.32
C HIS C 70 22.29 12.36 -46.61
N SER C 71 21.85 12.82 -47.80
CA SER C 71 21.74 14.24 -48.12
C SER C 71 20.84 14.43 -49.33
N VAL C 72 20.35 15.65 -49.48
CA VAL C 72 19.55 16.01 -50.65
C VAL C 72 20.40 15.81 -51.93
N ALA C 73 21.67 16.22 -51.90
CA ALA C 73 22.55 16.05 -53.06
C ALA C 73 22.82 14.57 -53.41
N ASP C 74 22.97 13.72 -52.39
CA ASP C 74 23.10 12.27 -52.60
C ASP C 74 21.86 11.71 -53.31
N PHE C 75 20.68 12.14 -52.87
CA PHE C 75 19.45 11.71 -53.54
C PHE C 75 19.46 12.13 -55.01
N LEU C 76 19.77 13.40 -55.26
CA LEU C 76 19.76 13.91 -56.64
C LEU C 76 20.72 13.19 -57.57
N ASN C 77 21.91 12.88 -57.10
CA ASN C 77 22.89 12.20 -57.95
C ASN C 77 22.56 10.71 -58.13
N PHE C 78 21.90 10.10 -57.15
CA PHE C 78 21.26 8.79 -57.36
C PHE C 78 20.18 8.86 -58.45
N PHE C 79 19.31 9.84 -58.33
CA PHE C 79 18.10 9.92 -59.14
C PHE C 79 18.38 10.07 -60.64
N TYR C 80 19.48 10.75 -60.97
CA TYR C 80 19.90 10.93 -62.36
C TYR C 80 21.10 10.07 -62.74
N SER C 81 21.42 9.07 -61.93
CA SER C 81 22.43 8.07 -62.26
C SER C 81 21.86 7.16 -63.37
N PRO C 82 22.74 6.54 -64.19
CA PRO C 82 22.19 5.68 -65.25
C PRO C 82 21.29 4.53 -64.74
N PRO C 83 21.70 3.82 -63.66
CA PRO C 83 20.83 2.75 -63.15
C PRO C 83 19.41 3.23 -62.77
N ALA C 84 19.30 4.40 -62.15
CA ALA C 84 18.02 4.95 -61.77
C ALA C 84 17.20 5.29 -63.00
N LEU C 85 17.81 6.03 -63.92
CA LEU C 85 17.13 6.43 -65.17
C LEU C 85 16.64 5.23 -65.97
N GLU C 86 17.37 4.12 -65.91
CA GLU C 86 16.94 2.88 -66.57
C GLU C 86 15.75 2.28 -65.84
N PHE C 87 15.84 2.17 -64.50
CA PHE C 87 14.70 1.67 -63.72
C PHE C 87 13.44 2.50 -63.91
N ALA C 88 13.61 3.82 -64.03
CA ALA C 88 12.49 4.72 -64.23
C ALA C 88 11.64 4.36 -65.44
N LYS C 89 12.28 3.90 -66.52
CA LYS C 89 11.55 3.56 -67.75
C LYS C 89 10.76 2.25 -67.64
N GLU C 90 11.14 1.38 -66.70
CA GLU C 90 10.36 0.19 -66.37
C GLU C 90 9.22 0.51 -65.38
N PHE C 91 9.52 1.33 -64.37
CA PHE C 91 8.61 1.53 -63.25
C PHE C 91 7.45 2.47 -63.57
N PHE C 92 7.74 3.67 -64.04
CA PHE C 92 6.67 4.67 -64.17
C PHE C 92 5.56 4.26 -65.15
N PRO C 93 5.92 3.67 -66.31
CA PRO C 93 4.85 3.22 -67.19
C PRO C 93 3.96 2.09 -66.67
N ALA C 94 4.49 1.29 -65.74
CA ALA C 94 3.75 0.22 -65.09
C ALA C 94 2.75 0.70 -64.04
N CYS C 95 2.88 1.97 -63.63
CA CYS C 95 2.01 2.56 -62.60
C CYS C 95 0.66 3.05 -63.14
N GLU C 96 -0.43 2.50 -62.60
CA GLU C 96 -1.75 3.09 -62.78
C GLU C 96 -1.82 4.43 -62.05
N LYS C 97 -1.35 4.43 -60.80
CA LYS C 97 -1.25 5.62 -59.97
C LYS C 97 0.11 5.66 -59.31
N ILE C 98 0.58 6.85 -59.00
CA ILE C 98 1.89 7.04 -58.37
C ILE C 98 1.87 8.32 -57.56
N VAL C 99 2.46 8.28 -56.37
CA VAL C 99 2.79 9.49 -55.64
C VAL C 99 4.12 9.31 -54.94
N VAL C 100 4.95 10.35 -54.97
CA VAL C 100 6.27 10.31 -54.36
C VAL C 100 6.50 11.55 -53.52
N LEU C 101 6.94 11.35 -52.27
CA LEU C 101 7.39 12.45 -51.43
C LEU C 101 8.80 12.21 -50.96
N ASN C 102 9.58 13.28 -51.00
CA ASN C 102 10.95 13.32 -50.53
C ASN C 102 11.06 14.37 -49.44
N TYR C 103 11.58 14.00 -48.27
CA TYR C 103 11.63 14.93 -47.13
C TYR C 103 12.84 14.70 -46.25
N ILE C 104 13.34 15.80 -45.66
CA ILE C 104 14.34 15.75 -44.62
C ILE C 104 13.63 15.40 -43.32
N ILE C 105 14.14 14.39 -42.63
CA ILE C 105 13.56 13.87 -41.38
C ILE C 105 13.57 14.88 -40.25
N ASN C 106 12.41 15.06 -39.62
CA ASN C 106 12.27 15.65 -38.28
C ASN C 106 11.79 14.54 -37.36
N GLU C 107 12.21 14.58 -36.10
CA GLU C 107 11.85 13.56 -35.11
C GLU C 107 11.30 14.17 -33.83
N PRO D 3 9.52 -14.61 -41.75
CA PRO D 3 10.04 -13.24 -41.78
C PRO D 3 9.43 -12.35 -40.67
N PRO D 4 9.94 -11.12 -40.50
CA PRO D 4 9.36 -10.22 -39.49
C PRO D 4 7.96 -9.73 -39.89
N GLU D 5 7.15 -9.37 -38.88
CA GLU D 5 5.78 -8.88 -39.10
C GLU D 5 5.64 -7.39 -38.73
N ILE D 6 6.75 -6.65 -38.78
CA ILE D 6 6.76 -5.26 -38.33
C ILE D 6 6.04 -4.42 -39.37
N VAL D 7 5.20 -3.49 -38.90
CA VAL D 7 4.30 -2.72 -39.75
C VAL D 7 4.75 -1.27 -39.81
N ARG D 8 4.83 -0.73 -41.04
CA ARG D 8 5.01 0.71 -41.24
C ARG D 8 3.67 1.36 -41.53
N HIS D 9 3.45 2.52 -40.91
CA HIS D 9 2.26 3.30 -41.09
C HIS D 9 2.72 4.62 -41.69
N ILE D 10 2.38 4.89 -42.94
CA ILE D 10 2.85 6.13 -43.59
C ILE D 10 1.66 6.95 -44.04
N VAL D 11 1.66 8.21 -43.59
CA VAL D 11 0.64 9.20 -43.90
C VAL D 11 1.26 10.30 -44.76
N PHE D 12 0.61 10.62 -45.86
CA PHE D 12 0.90 11.84 -46.62
C PHE D 12 -0.32 12.73 -46.43
N ASN D 13 -0.13 14.03 -46.19
CA ASN D 13 -1.25 14.96 -46.26
C ASN D 13 -0.92 16.33 -46.85
N ARG D 14 -1.99 17.08 -47.04
CA ARG D 14 -1.96 18.49 -47.33
C ARG D 14 -2.96 19.12 -46.37
N TYR D 15 -2.55 20.20 -45.69
CA TYR D 15 -3.41 20.87 -44.72
C TYR D 15 -4.35 21.84 -45.39
N LYS D 16 -5.51 22.04 -44.75
CA LYS D 16 -6.46 23.07 -45.17
C LYS D 16 -5.76 24.44 -45.24
N SER D 17 -5.98 25.19 -46.31
CA SER D 17 -5.39 26.55 -46.47
C SER D 17 -5.63 27.53 -45.31
N GLN D 18 -6.79 27.46 -44.66
CA GLN D 18 -7.13 28.34 -43.51
C GLN D 18 -6.13 28.23 -42.38
N LEU D 19 -5.55 27.04 -42.18
CA LEU D 19 -4.68 26.82 -41.04
C LEU D 19 -3.39 27.62 -41.17
N SER D 20 -3.04 28.31 -40.08
CA SER D 20 -1.77 29.01 -39.98
C SER D 20 -0.66 27.98 -39.79
N GLN D 21 0.58 28.39 -40.09
CA GLN D 21 1.72 27.54 -39.83
C GLN D 21 1.85 27.24 -38.36
N LYS D 22 1.45 28.18 -37.49
CA LYS D 22 1.43 27.95 -36.05
C LYS D 22 0.49 26.79 -35.68
N GLN D 23 -0.67 26.75 -36.33
CA GLN D 23 -1.66 25.70 -36.06
C GLN D 23 -1.19 24.33 -36.63
N ILE D 24 -0.53 24.36 -37.80
CA ILE D 24 0.11 23.15 -38.36
C ILE D 24 1.17 22.65 -37.40
N ASP D 25 2.01 23.56 -36.91
CA ASP D 25 3.06 23.20 -35.97
C ASP D 25 2.47 22.49 -34.74
N GLN D 26 1.35 22.99 -34.23
CA GLN D 26 0.73 22.46 -33.00
C GLN D 26 0.21 21.04 -33.22
N ILE D 27 -0.48 20.84 -34.34
CA ILE D 27 -0.94 19.51 -34.77
C ILE D 27 0.20 18.51 -34.89
N ILE D 28 1.30 18.91 -35.51
CA ILE D 28 2.43 17.99 -35.69
C ILE D 28 3.07 17.69 -34.35
N ALA D 29 3.13 18.68 -33.47
CA ALA D 29 3.66 18.48 -32.12
C ALA D 29 2.79 17.50 -31.33
N ASP D 30 1.47 17.65 -31.45
CA ASP D 30 0.52 16.77 -30.79
C ASP D 30 0.56 15.33 -31.37
N TYR D 31 0.82 15.20 -32.68
CA TYR D 31 1.00 13.88 -33.32
C TYR D 31 2.20 13.19 -32.69
N GLY D 32 3.33 13.88 -32.66
CA GLY D 32 4.55 13.38 -32.05
C GLY D 32 4.40 13.00 -30.58
N ASN D 33 3.65 13.81 -29.85
CA ASN D 33 3.38 13.57 -28.43
C ASN D 33 2.58 12.28 -28.14
N LEU D 34 1.82 11.77 -29.12
CA LEU D 34 1.12 10.49 -28.95
C LEU D 34 2.07 9.35 -28.55
N GLN D 35 3.30 9.34 -29.06
CA GLN D 35 4.26 8.28 -28.73
C GLN D 35 4.65 8.19 -27.25
N ASN D 36 4.58 9.32 -26.53
CA ASN D 36 4.89 9.35 -25.09
C ASN D 36 3.80 8.65 -24.30
N ILE D 37 2.56 8.87 -24.73
CA ILE D 37 1.37 8.23 -24.15
C ILE D 37 1.29 6.76 -24.61
N ALA D 38 1.57 6.54 -25.90
CA ALA D 38 1.35 5.25 -26.54
C ALA D 38 2.67 4.50 -26.76
N PRO D 39 2.95 3.48 -25.92
CA PRO D 39 4.17 2.69 -26.14
C PRO D 39 4.23 1.90 -27.48
N GLU D 40 3.08 1.65 -28.10
CA GLU D 40 3.00 0.90 -29.36
C GLU D 40 3.66 1.64 -30.54
N MET D 41 3.52 2.97 -30.56
CA MET D 41 3.94 3.82 -31.68
C MET D 41 5.42 4.16 -31.58
N LYS D 42 6.22 3.64 -32.51
CA LYS D 42 7.66 3.76 -32.45
C LYS D 42 8.20 4.48 -33.68
N GLU D 43 9.42 4.98 -33.55
CA GLU D 43 10.20 5.52 -34.66
C GLU D 43 9.48 6.64 -35.41
N TRP D 44 8.71 7.47 -34.71
CA TRP D 44 7.95 8.54 -35.37
C TRP D 44 8.89 9.56 -35.99
N LYS D 45 8.54 10.00 -37.19
CA LYS D 45 9.29 11.00 -37.90
C LYS D 45 8.39 11.64 -38.93
N TRP D 46 8.75 12.85 -39.37
CA TRP D 46 7.95 13.56 -40.35
C TRP D 46 8.78 14.56 -41.12
N GLY D 47 8.20 15.07 -42.18
CA GLY D 47 8.81 16.20 -42.86
C GLY D 47 7.99 16.72 -43.97
N THR D 48 8.52 17.75 -44.62
CA THR D 48 7.83 18.41 -45.70
C THR D 48 8.48 18.01 -47.01
N ASP D 49 7.65 17.84 -48.03
CA ASP D 49 8.14 17.52 -49.34
C ASP D 49 9.10 18.60 -49.82
N LEU D 50 10.17 18.16 -50.46
CA LEU D 50 11.25 19.04 -50.89
C LEU D 50 10.96 19.86 -52.14
N GLY D 51 9.92 19.51 -52.86
CA GLY D 51 9.46 20.29 -53.97
C GLY D 51 10.11 19.89 -55.28
N PRO D 52 9.76 20.59 -56.37
CA PRO D 52 10.30 20.25 -57.71
C PRO D 52 11.82 20.46 -57.89
N ALA D 53 12.50 21.10 -56.93
CA ALA D 53 13.96 21.07 -56.84
C ALA D 53 14.51 19.65 -56.83
N VAL D 54 13.74 18.73 -56.26
CA VAL D 54 14.18 17.36 -55.98
C VAL D 54 13.45 16.35 -56.88
N GLU D 55 12.11 16.39 -56.85
CA GLU D 55 11.27 15.52 -57.70
C GLU D 55 9.87 16.13 -57.73
N ASP D 56 9.12 15.89 -58.81
CA ASP D 56 7.82 16.57 -58.97
C ASP D 56 6.65 15.59 -59.11
N ARG D 57 6.52 14.68 -58.13
CA ARG D 57 5.48 13.68 -58.17
C ARG D 57 4.63 13.65 -56.89
N ALA D 58 4.65 14.75 -56.12
CA ALA D 58 3.96 14.76 -54.83
C ALA D 58 2.44 14.98 -54.93
N ASP D 59 1.94 15.32 -56.12
CA ASP D 59 0.50 15.45 -56.38
C ASP D 59 -0.23 16.33 -55.33
N GLY D 60 0.41 17.43 -54.93
CA GLY D 60 -0.19 18.37 -53.98
C GLY D 60 -0.04 18.03 -52.51
N PHE D 61 0.50 16.85 -52.19
CA PHE D 61 0.78 16.52 -50.80
C PHE D 61 2.03 17.26 -50.34
N THR D 62 2.01 17.76 -49.11
CA THR D 62 3.10 18.58 -48.58
C THR D 62 3.86 17.95 -47.43
N HIS D 63 3.26 17.02 -46.69
CA HIS D 63 3.86 16.49 -45.49
C HIS D 63 3.79 14.96 -45.50
N ALA D 64 4.80 14.33 -44.92
CA ALA D 64 4.79 12.88 -44.69
C ALA D 64 5.05 12.58 -43.23
N TYR D 65 4.41 11.55 -42.71
CA TYR D 65 4.62 11.12 -41.34
C TYR D 65 4.79 9.62 -41.34
N GLU D 66 5.85 9.13 -40.69
CA GLU D 66 6.07 7.67 -40.57
C GLU D 66 6.04 7.24 -39.12
N SER D 67 5.40 6.11 -38.87
CA SER D 67 5.51 5.41 -37.59
C SER D 67 5.61 3.92 -37.79
N THR D 68 6.10 3.23 -36.77
CA THR D 68 6.38 1.80 -36.82
C THR D 68 5.68 1.11 -35.66
N PHE D 69 5.11 -0.06 -35.96
CA PHE D 69 4.37 -0.86 -34.99
C PHE D 69 4.88 -2.29 -35.09
N HIS D 70 5.00 -2.94 -33.93
CA HIS D 70 5.56 -4.28 -33.83
C HIS D 70 4.69 -5.29 -34.58
N SER D 71 3.38 -5.03 -34.61
CA SER D 71 2.42 -5.90 -35.28
C SER D 71 1.15 -5.12 -35.61
N VAL D 72 0.30 -5.71 -36.45
CA VAL D 72 -1.01 -5.16 -36.75
C VAL D 72 -1.85 -5.08 -35.48
N ALA D 73 -1.74 -6.10 -34.63
CA ALA D 73 -2.44 -6.09 -33.35
C ALA D 73 -2.09 -4.84 -32.53
N ASP D 74 -0.80 -4.51 -32.51
CA ASP D 74 -0.33 -3.34 -31.79
C ASP D 74 -0.79 -2.04 -32.43
N PHE D 75 -0.70 -1.95 -33.76
CA PHE D 75 -1.25 -0.81 -34.47
C PHE D 75 -2.74 -0.61 -34.17
N LEU D 76 -3.51 -1.70 -34.15
CA LEU D 76 -4.95 -1.58 -33.90
C LEU D 76 -5.28 -1.22 -32.45
N ASN D 77 -4.51 -1.74 -31.49
CA ASN D 77 -4.67 -1.34 -30.09
C ASN D 77 -4.35 0.15 -29.92
N PHE D 78 -3.28 0.63 -30.57
CA PHE D 78 -3.00 2.08 -30.65
C PHE D 78 -4.13 2.87 -31.33
N PHE D 79 -4.56 2.41 -32.49
CA PHE D 79 -5.55 3.13 -33.30
C PHE D 79 -6.85 3.38 -32.57
N TYR D 80 -7.34 2.37 -31.84
CA TYR D 80 -8.60 2.50 -31.10
C TYR D 80 -8.42 2.97 -29.65
N SER D 81 -7.19 3.30 -29.26
CA SER D 81 -6.93 3.83 -27.91
C SER D 81 -7.52 5.23 -27.83
N PRO D 82 -8.00 5.64 -26.62
CA PRO D 82 -8.66 6.97 -26.53
C PRO D 82 -7.81 8.17 -26.98
N PRO D 83 -6.51 8.20 -26.61
CA PRO D 83 -5.68 9.31 -27.09
C PRO D 83 -5.52 9.38 -28.63
N ALA D 84 -5.39 8.22 -29.29
CA ALA D 84 -5.31 8.19 -30.75
C ALA D 84 -6.62 8.60 -31.41
N LEU D 85 -7.75 8.09 -30.91
CA LEU D 85 -9.07 8.47 -31.46
C LEU D 85 -9.35 9.97 -31.31
N GLU D 86 -8.91 10.56 -30.21
CA GLU D 86 -9.04 12.01 -30.00
C GLU D 86 -8.18 12.78 -30.99
N PHE D 87 -6.91 12.42 -31.08
CA PHE D 87 -6.05 13.10 -32.04
C PHE D 87 -6.57 12.98 -33.46
N ALA D 88 -7.02 11.79 -33.85
CA ALA D 88 -7.65 11.57 -35.17
C ALA D 88 -8.76 12.59 -35.47
N LYS D 89 -9.55 12.92 -34.45
CA LYS D 89 -10.60 13.93 -34.59
C LYS D 89 -10.08 15.35 -34.88
N GLU D 90 -8.88 15.67 -34.38
CA GLU D 90 -8.20 16.92 -34.74
C GLU D 90 -7.53 16.83 -36.12
N PHE D 91 -6.86 15.70 -36.39
CA PHE D 91 -6.02 15.57 -37.60
C PHE D 91 -6.80 15.52 -38.90
N PHE D 92 -7.77 14.61 -39.03
CA PHE D 92 -8.47 14.42 -40.31
C PHE D 92 -9.22 15.66 -40.85
N PRO D 93 -9.99 16.37 -39.99
CA PRO D 93 -10.58 17.61 -40.52
C PRO D 93 -9.59 18.73 -40.86
N ALA D 94 -8.37 18.68 -40.31
CA ALA D 94 -7.30 19.60 -40.74
C ALA D 94 -6.73 19.30 -42.13
N CYS D 95 -7.06 18.15 -42.72
CA CYS D 95 -6.52 17.76 -44.03
C CYS D 95 -7.41 18.15 -45.20
N GLU D 96 -6.82 18.82 -46.19
CA GLU D 96 -7.42 18.97 -47.52
CA GLU D 96 -7.44 18.97 -47.52
C GLU D 96 -7.31 17.65 -48.29
N LYS D 97 -6.16 16.99 -48.14
CA LYS D 97 -5.90 15.69 -48.77
C LYS D 97 -5.22 14.77 -47.77
N ILE D 98 -5.51 13.48 -47.87
CA ILE D 98 -4.83 12.46 -47.06
C ILE D 98 -4.71 11.15 -47.82
N VAL D 99 -3.60 10.46 -47.62
CA VAL D 99 -3.45 9.07 -48.03
C VAL D 99 -2.62 8.37 -46.96
N VAL D 100 -3.04 7.17 -46.61
CA VAL D 100 -2.41 6.39 -45.56
C VAL D 100 -2.25 4.97 -46.04
N LEU D 101 -1.04 4.45 -45.89
CA LEU D 101 -0.76 3.03 -46.13
C LEU D 101 -0.21 2.40 -44.86
N ASN D 102 -0.63 1.17 -44.62
CA ASN D 102 -0.13 0.33 -43.56
C ASN D 102 0.41 -0.93 -44.21
N TYR D 103 1.67 -1.27 -43.96
CA TYR D 103 2.22 -2.46 -44.61
C TYR D 103 3.26 -3.17 -43.76
N ILE D 104 3.32 -4.48 -43.94
CA ILE D 104 4.44 -5.25 -43.41
C ILE D 104 5.68 -4.89 -44.21
N ILE D 105 6.74 -4.56 -43.49
CA ILE D 105 8.00 -4.16 -44.07
C ILE D 105 8.71 -5.40 -44.61
N ASN D 106 9.05 -5.38 -45.91
CA ASN D 106 9.78 -6.44 -46.59
C ASN D 106 11.15 -5.90 -47.00
N GLU D 107 12.21 -6.69 -46.82
CA GLU D 107 13.56 -6.34 -47.29
C GLU D 107 13.67 -6.61 -48.79
N GLU E 5 11.45 -22.59 -5.22
CA GLU E 5 12.74 -22.49 -5.96
C GLU E 5 12.72 -21.32 -6.96
N ILE E 6 13.47 -20.28 -6.61
CA ILE E 6 13.47 -19.03 -7.33
C ILE E 6 14.45 -19.16 -8.49
N VAL E 7 14.05 -18.71 -9.68
CA VAL E 7 14.87 -18.87 -10.88
C VAL E 7 15.36 -17.51 -11.34
N ARG E 8 16.66 -17.41 -11.64
CA ARG E 8 17.26 -16.22 -12.22
CA ARG E 8 17.23 -16.20 -12.23
C ARG E 8 17.46 -16.43 -13.72
N HIS E 9 17.11 -15.43 -14.51
CA HIS E 9 17.26 -15.41 -15.95
C HIS E 9 18.24 -14.29 -16.25
N ILE E 10 19.44 -14.63 -16.70
CA ILE E 10 20.49 -13.65 -16.99
C ILE E 10 20.90 -13.73 -18.45
N VAL E 11 20.86 -12.58 -19.11
CA VAL E 11 21.19 -12.44 -20.52
C VAL E 11 22.39 -11.53 -20.64
N PHE E 12 23.40 -11.95 -21.40
CA PHE E 12 24.43 -11.04 -21.89
C PHE E 12 24.27 -10.95 -23.41
N ASN E 13 24.40 -9.73 -23.97
CA ASN E 13 24.38 -9.58 -25.41
C ASN E 13 25.32 -8.50 -25.90
N ARG E 14 25.52 -8.52 -27.21
CA ARG E 14 26.15 -7.44 -27.94
C ARG E 14 25.20 -7.18 -29.12
N TYR E 15 24.80 -5.93 -29.32
CA TYR E 15 23.91 -5.58 -30.42
C TYR E 15 24.66 -5.52 -31.76
N LYS E 16 23.95 -5.76 -32.86
CA LYS E 16 24.54 -5.62 -34.19
C LYS E 16 24.95 -4.16 -34.44
N SER E 17 26.13 -3.97 -35.01
CA SER E 17 26.72 -2.63 -35.29
C SER E 17 25.77 -1.66 -36.00
N GLN E 18 25.05 -2.18 -37.00
CA GLN E 18 24.14 -1.36 -37.79
C GLN E 18 22.95 -0.74 -37.03
N LEU E 19 22.79 -1.05 -35.74
CA LEU E 19 21.75 -0.44 -34.88
C LEU E 19 22.20 0.87 -34.24
N SER E 20 21.32 1.88 -34.30
CA SER E 20 21.59 3.18 -33.66
C SER E 20 21.33 3.08 -32.17
N GLN E 21 22.03 3.89 -31.39
CA GLN E 21 21.77 3.96 -29.96
C GLN E 21 20.29 4.24 -29.66
N LYS E 22 19.65 5.06 -30.50
CA LYS E 22 18.20 5.32 -30.40
C LYS E 22 17.35 4.03 -30.55
N GLN E 23 17.75 3.14 -31.47
CA GLN E 23 17.08 1.85 -31.66
C GLN E 23 17.34 0.90 -30.48
N ILE E 24 18.61 0.81 -30.06
CA ILE E 24 19.00 0.05 -28.86
C ILE E 24 18.12 0.45 -27.67
N ASP E 25 17.97 1.76 -27.45
CA ASP E 25 17.13 2.27 -26.36
C ASP E 25 15.68 1.80 -26.45
N GLN E 26 15.13 1.75 -27.66
CA GLN E 26 13.73 1.30 -27.87
C GLN E 26 13.58 -0.18 -27.50
N ILE E 27 14.54 -1.01 -27.91
CA ILE E 27 14.52 -2.44 -27.56
C ILE E 27 14.57 -2.63 -26.04
N ILE E 28 15.42 -1.85 -25.39
CA ILE E 28 15.56 -1.95 -23.94
C ILE E 28 14.32 -1.43 -23.23
N ALA E 29 13.74 -0.34 -23.71
CA ALA E 29 12.47 0.13 -23.16
C ALA E 29 11.39 -0.94 -23.35
N ASP E 30 11.38 -1.55 -24.54
CA ASP E 30 10.47 -2.68 -24.83
C ASP E 30 10.72 -3.87 -23.90
N TYR E 31 11.99 -4.20 -23.69
CA TYR E 31 12.38 -5.24 -22.71
C TYR E 31 11.78 -4.87 -21.35
N GLY E 32 12.00 -3.62 -20.92
CA GLY E 32 11.46 -3.11 -19.66
C GLY E 32 9.96 -3.16 -19.53
N ASN E 33 9.25 -2.90 -20.64
CA ASN E 33 7.79 -2.92 -20.67
CA ASN E 33 7.79 -2.91 -20.63
C ASN E 33 7.18 -4.32 -20.43
N LEU E 34 7.95 -5.39 -20.72
CA LEU E 34 7.46 -6.78 -20.53
C LEU E 34 6.96 -7.10 -19.12
N GLN E 35 7.67 -6.62 -18.09
CA GLN E 35 7.27 -6.85 -16.69
C GLN E 35 5.91 -6.23 -16.32
N ASN E 36 5.53 -5.16 -17.02
CA ASN E 36 4.20 -4.57 -16.86
C ASN E 36 3.14 -5.48 -17.49
N ILE E 37 3.41 -6.00 -18.68
CA ILE E 37 2.50 -6.95 -19.35
C ILE E 37 2.75 -8.43 -18.99
N ALA E 38 3.40 -8.70 -17.86
CA ALA E 38 3.63 -10.07 -17.36
C ALA E 38 4.07 -10.03 -15.88
N PRO E 39 3.15 -10.35 -14.94
CA PRO E 39 3.53 -10.29 -13.52
C PRO E 39 4.55 -11.38 -13.09
N GLU E 40 4.75 -12.40 -13.94
CA GLU E 40 5.70 -13.48 -13.68
CA GLU E 40 5.69 -13.48 -13.64
C GLU E 40 7.13 -12.97 -13.56
N MET E 41 7.50 -12.07 -14.48
CA MET E 41 8.84 -11.49 -14.51
C MET E 41 8.99 -10.40 -13.44
N LYS E 42 9.95 -10.58 -12.54
CA LYS E 42 10.14 -9.66 -11.43
C LYS E 42 11.58 -9.17 -11.38
N GLU E 43 11.73 -8.00 -10.74
CA GLU E 43 13.03 -7.42 -10.43
C GLU E 43 13.92 -7.21 -11.66
N TRP E 44 13.31 -6.89 -12.80
CA TRP E 44 14.07 -6.72 -14.04
C TRP E 44 15.03 -5.54 -13.89
N LYS E 45 16.28 -5.75 -14.26
CA LYS E 45 17.32 -4.71 -14.21
C LYS E 45 18.27 -4.96 -15.36
N TRP E 46 19.06 -3.95 -15.70
CA TRP E 46 19.99 -4.06 -16.79
C TRP E 46 21.10 -3.02 -16.64
N GLY E 47 22.17 -3.22 -17.40
CA GLY E 47 23.23 -2.22 -17.50
C GLY E 47 24.26 -2.57 -18.53
N THR E 48 25.22 -1.66 -18.71
CA THR E 48 26.32 -1.85 -19.64
C THR E 48 27.60 -2.19 -18.91
N ASP E 49 28.38 -3.06 -19.54
CA ASP E 49 29.66 -3.48 -18.97
C ASP E 49 30.56 -2.29 -18.75
N LEU E 50 31.23 -2.25 -17.60
CA LEU E 50 32.04 -1.09 -17.22
C LEU E 50 33.40 -0.99 -17.91
N GLY E 51 33.79 -2.01 -18.69
CA GLY E 51 35.03 -1.99 -19.43
C GLY E 51 36.28 -2.41 -18.69
N PRO E 52 37.44 -2.34 -19.38
CA PRO E 52 38.72 -2.81 -18.84
C PRO E 52 39.25 -2.10 -17.58
N ALA E 53 38.75 -0.91 -17.26
CA ALA E 53 39.08 -0.23 -15.99
C ALA E 53 38.65 -1.02 -14.77
N VAL E 54 37.62 -1.86 -14.94
CA VAL E 54 37.10 -2.65 -13.85
C VAL E 54 37.58 -4.10 -14.02
N GLU E 55 37.37 -4.67 -15.20
CA GLU E 55 37.80 -6.06 -15.49
C GLU E 55 37.67 -6.29 -17.00
N ASP E 56 38.56 -7.11 -17.58
CA ASP E 56 38.59 -7.29 -19.04
C ASP E 56 38.27 -8.74 -19.49
N ARG E 57 37.11 -9.25 -19.05
CA ARG E 57 36.67 -10.63 -19.34
CA ARG E 57 36.67 -10.62 -19.35
C ARG E 57 35.26 -10.66 -19.95
N ALA E 58 34.82 -9.53 -20.51
CA ALA E 58 33.49 -9.43 -21.06
C ALA E 58 33.38 -10.05 -22.46
N ASP E 59 34.50 -10.39 -23.11
CA ASP E 59 34.52 -11.11 -24.39
C ASP E 59 33.63 -10.46 -25.47
N GLY E 60 33.61 -9.12 -25.49
CA GLY E 60 32.81 -8.35 -26.44
C GLY E 60 31.34 -8.15 -26.10
N PHE E 61 30.85 -8.78 -25.01
CA PHE E 61 29.48 -8.53 -24.58
C PHE E 61 29.43 -7.15 -23.94
N THR E 62 28.41 -6.38 -24.27
CA THR E 62 28.28 -5.00 -23.83
C THR E 62 27.18 -4.77 -22.82
N HIS E 63 26.15 -5.61 -22.82
CA HIS E 63 24.96 -5.41 -21.99
C HIS E 63 24.59 -6.68 -21.22
N ALA E 64 24.01 -6.47 -20.05
CA ALA E 64 23.50 -7.54 -19.21
C ALA E 64 22.09 -7.19 -18.74
N TYR E 65 21.23 -8.21 -18.63
CA TYR E 65 19.84 -8.04 -18.22
C TYR E 65 19.52 -9.18 -17.28
N GLU E 66 18.86 -8.86 -16.19
CA GLU E 66 18.53 -9.83 -15.17
C GLU E 66 17.06 -9.77 -14.81
N SER E 67 16.46 -10.94 -14.64
CA SER E 67 15.08 -11.03 -14.15
C SER E 67 14.95 -12.24 -13.26
N THR E 68 13.90 -12.22 -12.45
CA THR E 68 13.68 -13.19 -11.42
C THR E 68 12.29 -13.76 -11.59
N PHE E 69 12.18 -15.08 -11.42
CA PHE E 69 10.89 -15.76 -11.43
C PHE E 69 10.77 -16.55 -10.13
N HIS E 70 9.62 -16.43 -9.47
CA HIS E 70 9.47 -16.97 -8.12
C HIS E 70 9.30 -18.49 -8.11
N SER E 71 9.06 -19.08 -9.28
CA SER E 71 8.97 -20.52 -9.41
C SER E 71 9.32 -20.95 -10.81
N VAL E 72 9.64 -22.22 -10.96
CA VAL E 72 9.84 -22.86 -12.27
C VAL E 72 8.58 -22.75 -13.14
N ALA E 73 7.41 -22.87 -12.50
CA ALA E 73 6.11 -22.71 -13.17
C ALA E 73 5.97 -21.34 -13.83
N ASP E 74 6.27 -20.29 -13.07
CA ASP E 74 6.18 -18.90 -13.55
C ASP E 74 7.16 -18.66 -14.70
N PHE E 75 8.34 -19.25 -14.60
CA PHE E 75 9.37 -19.19 -15.62
C PHE E 75 8.88 -19.77 -16.95
N LEU E 76 8.38 -21.00 -16.93
CA LEU E 76 7.90 -21.65 -18.13
C LEU E 76 6.67 -20.93 -18.68
N ASN E 77 5.72 -20.62 -17.81
CA ASN E 77 4.50 -19.85 -18.18
C ASN E 77 4.86 -18.57 -18.96
N PHE E 78 5.84 -17.84 -18.45
CA PHE E 78 6.27 -16.59 -19.07
C PHE E 78 6.91 -16.81 -20.44
N PHE E 79 7.90 -17.70 -20.52
CA PHE E 79 8.64 -17.88 -21.77
C PHE E 79 7.90 -18.56 -22.92
N TYR E 80 6.83 -19.27 -22.60
CA TYR E 80 5.97 -19.85 -23.63
C TYR E 80 4.77 -18.94 -23.98
N SER E 81 4.60 -17.82 -23.26
CA SER E 81 3.46 -16.91 -23.46
C SER E 81 3.65 -16.01 -24.69
N PRO E 82 2.54 -15.47 -25.23
CA PRO E 82 2.67 -14.62 -26.43
C PRO E 82 3.58 -13.39 -26.26
N PRO E 83 3.46 -12.62 -25.15
CA PRO E 83 4.33 -11.42 -25.01
C PRO E 83 5.84 -11.72 -25.04
N ALA E 84 6.26 -12.82 -24.42
CA ALA E 84 7.66 -13.25 -24.49
C ALA E 84 8.06 -13.66 -25.90
N LEU E 85 7.20 -14.46 -26.54
CA LEU E 85 7.48 -14.88 -27.92
C LEU E 85 7.57 -13.65 -28.85
N GLU E 86 6.68 -12.68 -28.63
CA GLU E 86 6.68 -11.41 -29.39
C GLU E 86 7.97 -10.61 -29.17
N PHE E 87 8.35 -10.37 -27.91
CA PHE E 87 9.62 -9.68 -27.66
C PHE E 87 10.84 -10.43 -28.24
N ALA E 88 10.86 -11.76 -28.17
CA ALA E 88 11.99 -12.54 -28.72
C ALA E 88 12.22 -12.32 -30.23
N LYS E 89 11.13 -12.13 -30.97
CA LYS E 89 11.19 -11.84 -32.43
C LYS E 89 11.97 -10.55 -32.71
N GLU E 90 11.86 -9.59 -31.81
CA GLU E 90 12.56 -8.31 -31.88
C GLU E 90 14.01 -8.46 -31.40
N PHE E 91 14.17 -9.01 -30.21
CA PHE E 91 15.47 -9.03 -29.52
C PHE E 91 16.53 -9.88 -30.20
N PHE E 92 16.21 -11.14 -30.49
CA PHE E 92 17.24 -12.07 -30.96
C PHE E 92 17.88 -11.63 -32.29
N PRO E 93 17.07 -11.21 -33.28
CA PRO E 93 17.66 -10.65 -34.50
C PRO E 93 18.55 -9.41 -34.28
N ALA E 94 18.28 -8.62 -33.24
CA ALA E 94 19.14 -7.45 -32.91
C ALA E 94 20.50 -7.80 -32.31
N CYS E 95 20.72 -9.05 -31.90
CA CYS E 95 21.96 -9.47 -31.23
C CYS E 95 22.98 -9.96 -32.23
N GLU E 96 24.19 -9.41 -32.15
CA GLU E 96 25.33 -10.04 -32.80
C GLU E 96 25.73 -11.29 -32.04
N LYS E 97 25.74 -11.18 -30.71
CA LYS E 97 26.14 -12.26 -29.80
C LYS E 97 25.13 -12.32 -28.67
N ILE E 98 24.87 -13.52 -28.15
CA ILE E 98 24.01 -13.65 -26.98
C ILE E 98 24.40 -14.89 -26.20
N VAL E 99 24.24 -14.80 -24.88
CA VAL E 99 24.34 -15.96 -24.01
C VAL E 99 23.30 -15.76 -22.90
N VAL E 100 22.54 -16.82 -22.63
CA VAL E 100 21.48 -16.77 -21.65
C VAL E 100 21.64 -17.97 -20.72
N LEU E 101 21.69 -17.70 -19.42
CA LEU E 101 21.64 -18.74 -18.42
C LEU E 101 20.42 -18.55 -17.52
N ASN E 102 19.78 -19.66 -17.20
CA ASN E 102 18.65 -19.69 -16.28
C ASN E 102 18.99 -20.67 -15.18
N TYR E 103 18.85 -20.27 -13.93
CA TYR E 103 19.34 -21.10 -12.83
CA TYR E 103 19.28 -21.15 -12.85
C TYR E 103 18.48 -20.94 -11.59
N ILE E 104 18.29 -22.04 -10.85
CA ILE E 104 17.70 -21.98 -9.55
C ILE E 104 18.76 -21.40 -8.61
N ILE E 105 18.38 -20.38 -7.86
CA ILE E 105 19.28 -19.70 -6.94
C ILE E 105 19.79 -20.62 -5.83
N ASN E 106 21.11 -20.64 -5.65
CA ASN E 106 21.78 -21.18 -4.47
C ASN E 106 22.46 -20.04 -3.71
N GLU E 107 22.46 -20.11 -2.38
CA GLU E 107 23.19 -19.14 -1.57
C GLU E 107 24.18 -19.81 -0.64
N GLU F 5 25.19 4.20 -7.02
CA GLU F 5 25.53 3.43 -8.26
C GLU F 5 25.98 2.01 -7.87
N ILE F 6 25.00 1.14 -7.61
CA ILE F 6 25.25 -0.27 -7.21
C ILE F 6 25.80 -1.07 -8.40
N VAL F 7 26.85 -1.86 -8.16
CA VAL F 7 27.52 -2.60 -9.22
C VAL F 7 27.17 -4.08 -9.11
N ARG F 8 26.69 -4.68 -10.21
CA ARG F 8 26.49 -6.12 -10.29
CA ARG F 8 26.52 -6.13 -10.27
C ARG F 8 27.70 -6.75 -11.01
N HIS F 9 28.19 -7.86 -10.46
CA HIS F 9 29.30 -8.62 -10.96
C HIS F 9 28.77 -10.01 -11.28
N ILE F 10 28.66 -10.33 -12.56
CA ILE F 10 28.08 -11.60 -12.99
C ILE F 10 29.10 -12.40 -13.79
N VAL F 11 29.36 -13.63 -13.30
CA VAL F 11 30.29 -14.57 -13.91
C VAL F 11 29.51 -15.76 -14.49
N PHE F 12 29.76 -16.08 -15.75
CA PHE F 12 29.38 -17.37 -16.33
C PHE F 12 30.64 -18.16 -16.58
N ASN F 13 30.65 -19.45 -16.24
CA ASN F 13 31.76 -20.30 -16.58
C ASN F 13 31.37 -21.72 -16.96
N ARG F 14 32.36 -22.42 -17.50
CA ARG F 14 32.31 -23.85 -17.73
C ARG F 14 33.62 -24.38 -17.16
N TYR F 15 33.54 -25.43 -16.36
CA TYR F 15 34.73 -26.09 -15.82
C TYR F 15 35.39 -27.06 -16.80
N LYS F 16 36.72 -27.15 -16.69
CA LYS F 16 37.49 -28.14 -17.43
C LYS F 16 37.04 -29.55 -17.08
N SER F 17 37.05 -30.41 -18.10
CA SER F 17 36.61 -31.81 -17.94
C SER F 17 37.51 -32.61 -17.02
N GLN F 18 38.77 -32.19 -16.84
CA GLN F 18 39.65 -32.85 -15.88
C GLN F 18 39.19 -32.74 -14.43
N LEU F 19 38.34 -31.76 -14.11
CA LEU F 19 37.83 -31.64 -12.74
C LEU F 19 36.74 -32.65 -12.45
N SER F 20 36.69 -33.06 -11.19
CA SER F 20 35.60 -33.86 -10.65
C SER F 20 34.55 -32.93 -10.07
N GLN F 21 33.35 -33.44 -9.88
CA GLN F 21 32.31 -32.65 -9.18
C GLN F 21 32.73 -32.31 -7.73
N LYS F 22 33.44 -33.22 -7.08
CA LYS F 22 33.95 -32.95 -5.74
C LYS F 22 34.90 -31.72 -5.75
N GLN F 23 35.78 -31.65 -6.75
CA GLN F 23 36.66 -30.50 -6.91
C GLN F 23 35.91 -29.20 -7.25
N ILE F 24 34.88 -29.30 -8.09
CA ILE F 24 34.05 -28.15 -8.42
C ILE F 24 33.32 -27.66 -7.17
N ASP F 25 32.76 -28.58 -6.40
CA ASP F 25 32.06 -28.24 -5.17
C ASP F 25 32.96 -27.43 -4.22
N GLN F 26 34.22 -27.83 -4.12
CA GLN F 26 35.19 -27.15 -3.26
C GLN F 26 35.48 -25.74 -3.77
N ILE F 27 35.67 -25.62 -5.08
CA ILE F 27 35.88 -24.31 -5.73
C ILE F 27 34.72 -23.36 -5.44
N ILE F 28 33.50 -23.86 -5.59
CA ILE F 28 32.31 -23.04 -5.36
C ILE F 28 32.16 -22.65 -3.89
N ALA F 29 32.48 -23.57 -2.98
CA ALA F 29 32.51 -23.25 -1.55
C ALA F 29 33.51 -22.15 -1.20
N ASP F 30 34.71 -22.23 -1.79
CA ASP F 30 35.74 -21.22 -1.58
C ASP F 30 35.33 -19.87 -2.15
N TYR F 31 34.63 -19.88 -3.29
CA TYR F 31 34.10 -18.64 -3.89
C TYR F 31 33.10 -17.99 -2.93
N GLY F 32 32.13 -18.77 -2.46
CA GLY F 32 31.12 -18.31 -1.51
C GLY F 32 31.69 -17.78 -0.20
N ASN F 33 32.80 -18.37 0.23
CA ASN F 33 33.46 -17.99 1.48
C ASN F 33 34.15 -16.62 1.42
N LEU F 34 34.46 -16.12 0.23
CA LEU F 34 35.02 -14.78 0.09
C LEU F 34 34.14 -13.70 0.70
N GLN F 35 32.83 -13.87 0.61
CA GLN F 35 31.91 -12.89 1.21
C GLN F 35 32.04 -12.75 2.76
N ASN F 36 32.53 -13.80 3.42
CA ASN F 36 32.79 -13.77 4.88
C ASN F 36 34.05 -12.96 5.26
N ILE F 37 35.03 -12.99 4.37
CA ILE F 37 36.32 -12.32 4.52
C ILE F 37 36.26 -10.86 4.06
N ALA F 38 35.54 -10.61 2.96
CA ALA F 38 35.54 -9.33 2.27
C ALA F 38 34.15 -8.68 2.36
N PRO F 39 33.95 -7.69 3.27
CA PRO F 39 32.63 -7.05 3.37
C PRO F 39 32.14 -6.35 2.10
N GLU F 40 33.05 -6.05 1.17
CA GLU F 40 32.67 -5.46 -0.12
C GLU F 40 31.74 -6.34 -0.96
N MET F 41 31.96 -7.64 -0.93
CA MET F 41 31.21 -8.59 -1.77
C MET F 41 29.92 -8.97 -1.06
N LYS F 42 28.78 -8.62 -1.66
CA LYS F 42 27.48 -8.79 -1.05
C LYS F 42 26.55 -9.60 -1.96
N GLU F 43 25.56 -10.22 -1.32
CA GLU F 43 24.49 -10.92 -2.01
CA GLU F 43 24.49 -10.94 -2.00
C GLU F 43 25.00 -11.98 -3.01
N TRP F 44 26.05 -12.70 -2.64
CA TRP F 44 26.57 -13.77 -3.50
C TRP F 44 25.56 -14.89 -3.66
N LYS F 45 25.33 -15.31 -4.91
CA LYS F 45 24.42 -16.38 -5.27
C LYS F 45 24.99 -17.08 -6.49
N TRP F 46 24.58 -18.33 -6.71
CA TRP F 46 25.07 -19.07 -7.86
C TRP F 46 24.08 -20.14 -8.24
N GLY F 47 24.24 -20.67 -9.43
CA GLY F 47 23.50 -21.84 -9.79
C GLY F 47 23.96 -22.43 -11.08
N THR F 48 23.33 -23.55 -11.45
CA THR F 48 23.60 -24.23 -12.69
C THR F 48 22.51 -24.01 -13.73
N ASP F 49 22.91 -23.89 -14.99
CA ASP F 49 21.97 -23.70 -16.07
C ASP F 49 20.98 -24.85 -16.12
N LEU F 50 19.72 -24.48 -16.31
CA LEU F 50 18.60 -25.42 -16.30
C LEU F 50 18.42 -26.24 -17.59
N GLY F 51 19.23 -25.96 -18.62
CA GLY F 51 19.23 -26.76 -19.84
C GLY F 51 18.10 -26.32 -20.77
N PRO F 52 17.78 -27.13 -21.78
CA PRO F 52 16.85 -26.68 -22.83
C PRO F 52 15.31 -26.68 -22.54
N ALA F 53 14.88 -26.37 -21.31
CA ALA F 53 13.45 -26.33 -20.97
C ALA F 53 12.67 -25.30 -21.80
N VAL F 54 13.30 -24.15 -22.02
CA VAL F 54 12.93 -23.24 -23.12
C VAL F 54 14.25 -22.89 -23.79
N GLU F 55 15.06 -22.16 -23.02
CA GLU F 55 16.29 -21.55 -23.47
C GLU F 55 17.37 -22.61 -23.64
N ASP F 56 17.80 -22.81 -24.88
CA ASP F 56 19.03 -23.53 -25.15
C ASP F 56 20.04 -22.51 -25.71
N ARG F 57 20.30 -21.46 -24.92
CA ARG F 57 21.19 -20.36 -25.36
C ARG F 57 22.41 -20.14 -24.46
N ALA F 58 22.75 -21.14 -23.64
CA ALA F 58 23.84 -21.04 -22.68
C ALA F 58 25.20 -21.23 -23.32
N ASP F 59 25.26 -21.68 -24.59
CA ASP F 59 26.51 -21.73 -25.36
C ASP F 59 27.62 -22.51 -24.64
N GLY F 60 27.26 -23.59 -23.96
CA GLY F 60 28.22 -24.43 -23.24
C GLY F 60 28.61 -23.95 -21.84
N PHE F 61 28.14 -22.77 -21.42
CA PHE F 61 28.36 -22.30 -20.03
C PHE F 61 27.41 -23.05 -19.13
N THR F 62 27.92 -23.53 -18.00
CA THR F 62 27.15 -24.39 -17.11
C THR F 62 26.75 -23.75 -15.77
N HIS F 63 27.49 -22.73 -15.34
CA HIS F 63 27.31 -22.13 -14.02
C HIS F 63 27.28 -20.63 -14.12
N ALA F 64 26.45 -20.01 -13.27
CA ALA F 64 26.45 -18.57 -13.10
C ALA F 64 26.68 -18.19 -11.66
N TYR F 65 27.39 -17.09 -11.44
CA TYR F 65 27.67 -16.58 -10.09
C TYR F 65 27.44 -15.08 -10.09
N GLU F 66 26.70 -14.59 -9.10
CA GLU F 66 26.31 -13.19 -9.03
CA GLU F 66 26.32 -13.19 -9.01
C GLU F 66 26.80 -12.58 -7.71
N SER F 67 27.34 -11.37 -7.78
CA SER F 67 27.78 -10.61 -6.60
C SER F 67 27.36 -9.15 -6.78
N THR F 68 27.19 -8.44 -5.66
CA THR F 68 26.83 -7.02 -5.66
C THR F 68 27.89 -6.24 -4.88
N PHE F 69 28.29 -5.11 -5.44
CA PHE F 69 29.26 -4.21 -4.82
C PHE F 69 28.63 -2.82 -4.75
N HIS F 70 28.94 -2.07 -3.69
CA HIS F 70 28.30 -0.78 -3.52
C HIS F 70 28.94 0.35 -4.32
N SER F 71 30.12 0.15 -4.85
CA SER F 71 30.74 1.13 -5.72
C SER F 71 31.78 0.43 -6.57
N VAL F 72 32.20 1.07 -7.66
CA VAL F 72 33.33 0.53 -8.44
C VAL F 72 34.58 0.41 -7.57
N ALA F 73 34.86 1.41 -6.74
CA ALA F 73 36.02 1.36 -5.84
C ALA F 73 36.00 0.11 -4.93
N ASP F 74 34.85 -0.20 -4.34
CA ASP F 74 34.72 -1.40 -3.48
C ASP F 74 35.00 -2.68 -4.25
N PHE F 75 34.49 -2.78 -5.47
CA PHE F 75 34.85 -3.91 -6.33
C PHE F 75 36.37 -4.05 -6.55
N LEU F 76 37.01 -2.95 -6.95
CA LEU F 76 38.45 -2.98 -7.20
C LEU F 76 39.26 -3.33 -5.94
N ASN F 77 38.85 -2.78 -4.80
CA ASN F 77 39.50 -3.11 -3.52
C ASN F 77 39.36 -4.61 -3.20
N PHE F 78 38.18 -5.16 -3.42
CA PHE F 78 37.94 -6.60 -3.28
C PHE F 78 38.81 -7.41 -4.23
N PHE F 79 38.77 -7.04 -5.51
CA PHE F 79 39.33 -7.87 -6.58
C PHE F 79 40.84 -8.04 -6.45
N TYR F 80 41.51 -6.98 -5.99
CA TYR F 80 42.95 -7.04 -5.78
C TYR F 80 43.38 -7.32 -4.33
N SER F 81 42.44 -7.62 -3.44
CA SER F 81 42.76 -8.09 -2.09
C SER F 81 43.43 -9.46 -2.13
N PRO F 82 44.34 -9.75 -1.15
CA PRO F 82 45.01 -11.06 -1.18
C PRO F 82 44.08 -12.29 -1.25
N PRO F 83 42.95 -12.32 -0.49
CA PRO F 83 42.10 -13.51 -0.63
C PRO F 83 41.48 -13.71 -2.03
N ALA F 84 41.09 -12.60 -2.67
CA ALA F 84 40.58 -12.67 -4.05
C ALA F 84 41.65 -13.13 -5.02
N LEU F 85 42.86 -12.56 -4.91
CA LEU F 85 43.97 -12.98 -5.77
C LEU F 85 44.32 -14.46 -5.57
N GLU F 86 44.23 -14.95 -4.34
CA GLU F 86 44.50 -16.37 -4.08
CA GLU F 86 44.45 -16.37 -4.01
C GLU F 86 43.39 -17.23 -4.69
N PHE F 87 42.13 -16.86 -4.48
CA PHE F 87 41.04 -17.62 -5.09
C PHE F 87 41.12 -17.60 -6.62
N ALA F 88 41.52 -16.47 -7.19
CA ALA F 88 41.71 -16.35 -8.63
C ALA F 88 42.68 -17.38 -9.19
N LYS F 89 43.73 -17.68 -8.41
CA LYS F 89 44.72 -18.72 -8.78
C LYS F 89 44.10 -20.11 -8.89
N GLU F 90 43.06 -20.38 -8.10
CA GLU F 90 42.33 -21.64 -8.12
C GLU F 90 41.26 -21.63 -9.20
N PHE F 91 40.52 -20.52 -9.30
CA PHE F 91 39.33 -20.45 -10.15
C PHE F 91 39.63 -20.35 -11.64
N PHE F 92 40.45 -19.39 -12.04
CA PHE F 92 40.68 -19.18 -13.47
C PHE F 92 41.28 -20.41 -14.20
N PRO F 93 42.25 -21.11 -13.59
CA PRO F 93 42.78 -22.32 -14.27
C PRO F 93 41.80 -23.50 -14.36
N ALA F 94 40.76 -23.47 -13.52
CA ALA F 94 39.70 -24.47 -13.53
C ALA F 94 38.69 -24.23 -14.67
N CYS F 95 38.64 -23.02 -15.22
CA CYS F 95 37.67 -22.68 -16.25
C CYS F 95 38.12 -23.13 -17.65
N GLU F 96 37.27 -23.91 -18.33
CA GLU F 96 37.41 -24.17 -19.76
CA GLU F 96 37.44 -24.16 -19.77
C GLU F 96 37.13 -22.85 -20.48
N LYS F 97 36.10 -22.16 -20.01
CA LYS F 97 35.82 -20.80 -20.45
C LYS F 97 35.06 -19.98 -19.40
N ILE F 98 35.06 -18.68 -19.62
CA ILE F 98 34.53 -17.71 -18.67
C ILE F 98 34.13 -16.44 -19.41
N VAL F 99 33.05 -15.82 -18.95
CA VAL F 99 32.71 -14.48 -19.33
C VAL F 99 32.23 -13.76 -18.07
N VAL F 100 32.65 -12.52 -17.91
CA VAL F 100 32.29 -11.71 -16.72
C VAL F 100 31.87 -10.34 -17.17
N LEU F 101 30.71 -9.89 -16.71
CA LEU F 101 30.30 -8.50 -16.87
C LEU F 101 30.14 -7.83 -15.52
N ASN F 102 30.51 -6.56 -15.49
CA ASN F 102 30.34 -5.70 -14.34
C ASN F 102 29.58 -4.50 -14.81
N TYR F 103 28.46 -4.18 -14.18
CA TYR F 103 27.62 -3.09 -14.64
CA TYR F 103 27.63 -3.09 -14.63
C TYR F 103 26.91 -2.39 -13.49
N ILE F 104 26.67 -1.10 -13.68
CA ILE F 104 25.86 -0.33 -12.74
C ILE F 104 24.41 -0.61 -13.06
N ILE F 105 23.65 -0.95 -12.02
CA ILE F 105 22.24 -1.32 -12.17
C ILE F 105 21.35 -0.15 -12.62
N ASN F 106 20.54 -0.41 -13.64
CA ASN F 106 19.43 0.48 -14.05
C ASN F 106 18.08 -0.17 -13.71
N GLU F 107 17.24 0.56 -12.98
CA GLU F 107 15.85 0.21 -12.58
C GLU F 107 15.76 -0.59 -11.26
N PRO G 4 -11.34 -15.59 -10.04
CA PRO G 4 -12.41 -16.58 -10.04
C PRO G 4 -12.56 -17.27 -8.67
N GLU G 5 -13.17 -16.55 -7.72
CA GLU G 5 -13.18 -16.95 -6.30
C GLU G 5 -14.49 -17.61 -5.90
N ILE G 6 -14.55 -18.91 -6.16
CA ILE G 6 -15.74 -19.74 -5.92
C ILE G 6 -15.91 -19.92 -4.41
N VAL G 7 -17.15 -19.81 -3.92
CA VAL G 7 -17.45 -19.93 -2.48
C VAL G 7 -18.21 -21.22 -2.21
N ARG G 8 -17.78 -21.96 -1.20
CA ARG G 8 -18.51 -23.10 -0.73
C ARG G 8 -19.25 -22.70 0.54
N HIS G 9 -20.49 -23.15 0.67
CA HIS G 9 -21.35 -22.88 1.81
C HIS G 9 -21.70 -24.25 2.37
N ILE G 10 -21.19 -24.59 3.55
CA ILE G 10 -21.43 -25.89 4.14
C ILE G 10 -22.11 -25.73 5.47
N VAL G 11 -23.23 -26.42 5.60
CA VAL G 11 -24.06 -26.41 6.82
C VAL G 11 -24.03 -27.79 7.44
N PHE G 12 -23.76 -27.87 8.74
CA PHE G 12 -24.06 -29.07 9.51
C PHE G 12 -25.20 -28.74 10.47
N ASN G 13 -26.12 -29.68 10.66
CA ASN G 13 -27.17 -29.52 11.66
C ASN G 13 -27.56 -30.84 12.34
N ARG G 14 -28.37 -30.68 13.38
CA ARG G 14 -29.08 -31.75 14.03
C ARG G 14 -30.48 -31.17 14.22
N TYR G 15 -31.51 -31.94 13.91
CA TYR G 15 -32.90 -31.50 14.01
C TYR G 15 -33.42 -31.60 15.43
N LYS G 16 -34.32 -30.70 15.78
CA LYS G 16 -34.97 -30.78 17.11
C LYS G 16 -35.73 -32.11 17.27
N SER G 17 -35.70 -32.65 18.49
CA SER G 17 -36.23 -33.98 18.78
C SER G 17 -37.72 -34.14 18.47
N GLN G 18 -38.51 -33.08 18.59
CA GLN G 18 -39.96 -33.16 18.35
C GLN G 18 -40.37 -33.35 16.89
N LEU G 19 -39.46 -33.09 15.94
CA LEU G 19 -39.77 -33.27 14.53
C LEU G 19 -39.71 -34.74 14.12
N SER G 20 -40.71 -35.17 13.36
CA SER G 20 -40.80 -36.51 12.82
C SER G 20 -39.89 -36.63 11.62
N GLN G 21 -39.60 -37.86 11.21
CA GLN G 21 -38.82 -38.04 9.98
C GLN G 21 -39.53 -37.44 8.78
N LYS G 22 -40.85 -37.58 8.73
CA LYS G 22 -41.66 -36.95 7.68
C LYS G 22 -41.43 -35.44 7.62
N GLN G 23 -41.42 -34.78 8.77
CA GLN G 23 -41.20 -33.31 8.83
C GLN G 23 -39.76 -32.95 8.44
N ILE G 24 -38.80 -33.77 8.87
CA ILE G 24 -37.41 -33.60 8.44
C ILE G 24 -37.32 -33.72 6.93
N ASP G 25 -37.89 -34.78 6.36
CA ASP G 25 -37.82 -35.00 4.91
C ASP G 25 -38.36 -33.79 4.14
N GLN G 26 -39.41 -33.17 4.69
CA GLN G 26 -40.05 -32.03 4.04
C GLN G 26 -39.14 -30.79 4.08
N ILE G 27 -38.48 -30.57 5.21
CA ILE G 27 -37.53 -29.45 5.35
C ILE G 27 -36.39 -29.62 4.34
N ILE G 28 -35.89 -30.85 4.22
CA ILE G 28 -34.84 -31.16 3.26
C ILE G 28 -35.31 -31.01 1.81
N ALA G 29 -36.53 -31.44 1.51
CA ALA G 29 -37.09 -31.21 0.17
C ALA G 29 -37.21 -29.70 -0.14
N ASP G 30 -37.65 -28.93 0.85
CA ASP G 30 -37.77 -27.47 0.75
C ASP G 30 -36.38 -26.83 0.53
N TYR G 31 -35.37 -27.35 1.23
CA TYR G 31 -33.98 -26.90 1.00
C TYR G 31 -33.57 -27.17 -0.45
N GLY G 32 -33.86 -28.37 -0.95
CA GLY G 32 -33.55 -28.73 -2.34
C GLY G 32 -34.27 -27.82 -3.33
N ASN G 33 -35.51 -27.47 -3.01
CA ASN G 33 -36.28 -26.57 -3.87
C ASN G 33 -35.77 -25.13 -3.89
N LEU G 34 -35.11 -24.69 -2.81
CA LEU G 34 -34.51 -23.35 -2.75
C LEU G 34 -33.55 -23.12 -3.93
N GLN G 35 -32.78 -24.14 -4.26
CA GLN G 35 -31.90 -24.10 -5.43
C GLN G 35 -32.66 -23.82 -6.74
N ASN G 36 -33.88 -24.33 -6.85
CA ASN G 36 -34.72 -24.10 -8.03
C ASN G 36 -35.28 -22.67 -8.12
N ILE G 37 -35.31 -21.94 -7.00
CA ILE G 37 -35.80 -20.54 -6.95
C ILE G 37 -34.76 -19.47 -6.58
N ALA G 38 -33.50 -19.87 -6.38
CA ALA G 38 -32.41 -18.95 -6.00
C ALA G 38 -31.31 -19.11 -7.04
N PRO G 39 -31.18 -18.17 -7.98
CA PRO G 39 -30.24 -18.37 -9.07
C PRO G 39 -28.76 -18.42 -8.67
N GLU G 40 -28.42 -17.91 -7.49
CA GLU G 40 -27.04 -17.83 -7.03
C GLU G 40 -26.53 -19.18 -6.52
N MET G 41 -27.44 -20.01 -6.01
CA MET G 41 -27.11 -21.30 -5.33
C MET G 41 -27.02 -22.45 -6.32
N LYS G 42 -25.88 -23.14 -6.33
CA LYS G 42 -25.61 -24.22 -7.27
C LYS G 42 -25.03 -25.44 -6.57
N GLU G 43 -25.10 -26.59 -7.24
CA GLU G 43 -24.45 -27.82 -6.80
C GLU G 43 -24.87 -28.29 -5.41
N TRP G 44 -26.13 -28.07 -5.07
CA TRP G 44 -26.61 -28.48 -3.75
C TRP G 44 -26.57 -29.99 -3.60
N LYS G 45 -26.11 -30.43 -2.45
CA LYS G 45 -26.06 -31.83 -2.11
C LYS G 45 -26.14 -31.93 -0.60
N TRP G 46 -26.53 -33.09 -0.13
CA TRP G 46 -26.69 -33.30 1.30
C TRP G 46 -26.54 -34.77 1.63
N GLY G 47 -26.42 -35.05 2.92
CA GLY G 47 -26.50 -36.41 3.40
C GLY G 47 -26.43 -36.51 4.89
N THR G 48 -26.55 -37.74 5.38
CA THR G 48 -26.47 -38.05 6.79
C THR G 48 -25.10 -38.61 7.13
N ASP G 49 -24.60 -38.26 8.31
CA ASP G 49 -23.34 -38.80 8.79
C ASP G 49 -23.37 -40.32 8.81
N LEU G 50 -22.22 -40.92 8.49
CA LEU G 50 -22.13 -42.38 8.38
C LEU G 50 -22.30 -43.11 9.71
N GLY G 51 -22.22 -42.38 10.82
CA GLY G 51 -22.58 -42.94 12.12
C GLY G 51 -21.59 -44.01 12.54
N PRO G 52 -22.09 -45.23 12.85
CA PRO G 52 -21.24 -46.27 13.40
C PRO G 52 -20.32 -47.00 12.40
N ALA G 53 -20.31 -46.61 11.13
CA ALA G 53 -19.38 -47.20 10.15
C ALA G 53 -17.92 -46.77 10.37
N VAL G 54 -17.73 -45.66 11.08
CA VAL G 54 -16.42 -45.09 11.25
C VAL G 54 -16.40 -44.41 12.62
N GLU G 55 -15.20 -44.06 13.09
CA GLU G 55 -15.03 -43.28 14.32
C GLU G 55 -15.83 -41.98 14.26
N ASP G 56 -16.66 -41.75 15.28
CA ASP G 56 -17.64 -40.67 15.25
C ASP G 56 -17.05 -39.41 15.89
N ARG G 57 -16.79 -38.42 15.05
CA ARG G 57 -16.36 -37.09 15.49
C ARG G 57 -17.37 -36.01 15.04
N ALA G 58 -18.61 -36.43 14.82
CA ALA G 58 -19.64 -35.54 14.29
C ALA G 58 -20.23 -34.67 15.38
N ASP G 59 -19.88 -34.95 16.64
CA ASP G 59 -20.32 -34.14 17.78
C ASP G 59 -21.85 -33.96 17.84
N GLY G 60 -22.61 -34.97 17.45
CA GLY G 60 -24.09 -34.93 17.50
C GLY G 60 -24.75 -34.32 16.28
N PHE G 61 -23.98 -33.73 15.37
CA PHE G 61 -24.50 -33.32 14.07
C PHE G 61 -24.87 -34.57 13.25
N THR G 62 -26.03 -34.55 12.59
CA THR G 62 -26.53 -35.70 11.86
C THR G 62 -26.54 -35.52 10.34
N HIS G 63 -26.57 -34.27 9.87
CA HIS G 63 -26.77 -33.94 8.47
C HIS G 63 -25.77 -32.88 8.00
N ALA G 64 -25.32 -33.00 6.75
CA ALA G 64 -24.53 -31.96 6.11
C ALA G 64 -25.19 -31.57 4.80
N TYR G 65 -25.07 -30.29 4.46
CA TYR G 65 -25.59 -29.76 3.20
C TYR G 65 -24.52 -28.86 2.60
N GLU G 66 -24.24 -29.02 1.32
CA GLU G 66 -23.25 -28.18 0.65
C GLU G 66 -23.88 -27.44 -0.51
N SER G 67 -23.46 -26.20 -0.73
CA SER G 67 -23.81 -25.51 -1.96
C SER G 67 -22.65 -24.63 -2.39
N THR G 68 -22.70 -24.22 -3.65
CA THR G 68 -21.61 -23.47 -4.27
C THR G 68 -22.13 -22.18 -4.87
N PHE G 69 -21.36 -21.12 -4.69
CA PHE G 69 -21.66 -19.78 -5.15
C PHE G 69 -20.50 -19.27 -6.00
N HIS G 70 -20.79 -18.62 -7.13
CA HIS G 70 -19.71 -18.25 -8.05
C HIS G 70 -18.81 -17.13 -7.49
N SER G 71 -19.29 -16.39 -6.50
CA SER G 71 -18.52 -15.32 -5.89
C SER G 71 -19.11 -14.98 -4.53
N VAL G 72 -18.38 -14.21 -3.75
CA VAL G 72 -18.87 -13.72 -2.47
C VAL G 72 -20.09 -12.81 -2.69
N ALA G 73 -20.05 -11.97 -3.71
CA ALA G 73 -21.17 -11.07 -4.01
C ALA G 73 -22.43 -11.88 -4.33
N ASP G 74 -22.28 -12.95 -5.09
CA ASP G 74 -23.39 -13.85 -5.39
C ASP G 74 -23.92 -14.47 -4.11
N PHE G 75 -23.03 -14.98 -3.24
CA PHE G 75 -23.51 -15.47 -1.96
C PHE G 75 -24.30 -14.40 -1.19
N LEU G 76 -23.76 -13.18 -1.11
CA LEU G 76 -24.42 -12.14 -0.33
C LEU G 76 -25.79 -11.79 -0.90
N ASN G 77 -25.87 -11.67 -2.23
CA ASN G 77 -27.16 -11.45 -2.86
C ASN G 77 -28.14 -12.55 -2.49
N PHE G 78 -27.70 -13.80 -2.54
CA PHE G 78 -28.53 -14.93 -2.13
C PHE G 78 -28.97 -14.76 -0.68
N PHE G 79 -28.00 -14.48 0.18
CA PHE G 79 -28.24 -14.44 1.63
C PHE G 79 -29.32 -13.45 2.05
N TYR G 80 -29.43 -12.33 1.35
CA TYR G 80 -30.42 -11.30 1.66
C TYR G 80 -31.67 -11.35 0.75
N SER G 81 -31.75 -12.35 -0.13
CA SER G 81 -32.87 -12.48 -1.08
C SER G 81 -34.12 -13.04 -0.37
N PRO G 82 -35.33 -12.70 -0.88
CA PRO G 82 -36.55 -13.26 -0.26
C PRO G 82 -36.61 -14.80 -0.10
N PRO G 83 -36.22 -15.60 -1.12
CA PRO G 83 -36.27 -17.06 -0.96
C PRO G 83 -35.40 -17.58 0.20
N ALA G 84 -34.20 -17.03 0.32
CA ALA G 84 -33.30 -17.41 1.43
C ALA G 84 -33.87 -17.01 2.78
N LEU G 85 -34.38 -15.77 2.87
CA LEU G 85 -34.93 -15.27 4.13
C LEU G 85 -36.11 -16.11 4.58
N GLU G 86 -36.95 -16.51 3.61
CA GLU G 86 -38.11 -17.34 3.87
C GLU G 86 -37.69 -18.72 4.37
N PHE G 87 -36.75 -19.35 3.66
CA PHE G 87 -36.32 -20.70 4.05
C PHE G 87 -35.59 -20.71 5.39
N ALA G 88 -34.83 -19.66 5.66
CA ALA G 88 -34.19 -19.48 6.97
C ALA G 88 -35.17 -19.57 8.14
N LYS G 89 -36.37 -19.04 7.95
CA LYS G 89 -37.40 -19.10 8.99
C LYS G 89 -37.99 -20.50 9.23
N GLU G 90 -37.83 -21.39 8.25
CA GLU G 90 -38.24 -22.80 8.35
C GLU G 90 -37.08 -23.65 8.91
N PHE G 91 -35.89 -23.41 8.39
CA PHE G 91 -34.74 -24.25 8.72
C PHE G 91 -34.13 -24.00 10.11
N PHE G 92 -33.75 -22.77 10.40
CA PHE G 92 -33.03 -22.52 11.64
C PHE G 92 -33.79 -22.84 12.93
N PRO G 93 -35.09 -22.49 13.02
CA PRO G 93 -35.81 -22.89 14.24
C PRO G 93 -35.94 -24.41 14.41
N ALA G 94 -35.84 -25.15 13.31
CA ALA G 94 -35.88 -26.61 13.31
C ALA G 94 -34.56 -27.27 13.81
N CYS G 95 -33.51 -26.48 13.98
CA CYS G 95 -32.18 -27.00 14.36
C CYS G 95 -31.97 -27.02 15.87
N GLU G 96 -31.65 -28.19 16.39
CA GLU G 96 -31.14 -28.31 17.76
CA GLU G 96 -31.15 -28.32 17.75
C GLU G 96 -29.71 -27.77 17.80
N LYS G 97 -28.92 -28.10 16.77
CA LYS G 97 -27.57 -27.60 16.63
C LYS G 97 -27.37 -27.15 15.19
N ILE G 98 -26.50 -26.18 15.00
CA ILE G 98 -26.25 -25.64 13.68
C ILE G 98 -24.83 -25.09 13.63
N VAL G 99 -24.12 -25.37 12.53
CA VAL G 99 -22.89 -24.64 12.22
C VAL G 99 -22.85 -24.44 10.72
N VAL G 100 -22.45 -23.24 10.31
CA VAL G 100 -22.33 -22.88 8.90
C VAL G 100 -20.99 -22.24 8.63
N LEU G 101 -20.25 -22.75 7.65
CA LEU G 101 -19.04 -22.09 7.18
C LEU G 101 -19.23 -21.69 5.72
N ASN G 102 -18.68 -20.55 5.37
CA ASN G 102 -18.63 -20.06 4.00
C ASN G 102 -17.19 -19.78 3.71
N TYR G 103 -16.62 -20.36 2.65
CA TYR G 103 -15.23 -20.09 2.36
C TYR G 103 -14.95 -20.04 0.87
N ILE G 104 -13.98 -19.21 0.52
CA ILE G 104 -13.39 -19.26 -0.81
C ILE G 104 -12.59 -20.54 -0.94
N ILE G 105 -12.87 -21.32 -1.99
CA ILE G 105 -12.28 -22.63 -2.20
C ILE G 105 -10.82 -22.49 -2.63
N ASN G 106 -9.93 -23.22 -1.93
CA ASN G 106 -8.50 -23.31 -2.29
C ASN G 106 -8.13 -24.75 -2.62
N GLU G 107 -7.32 -24.91 -3.67
CA GLU G 107 -6.63 -26.18 -3.95
C GLU G 107 -5.32 -26.27 -3.15
N PRO H 3 -22.65 -48.45 -5.60
CA PRO H 3 -23.70 -48.59 -6.59
C PRO H 3 -23.85 -47.67 -7.86
N PRO H 4 -23.11 -46.55 -8.08
CA PRO H 4 -22.05 -45.98 -7.23
C PRO H 4 -22.54 -44.90 -6.26
N GLU H 5 -22.06 -44.97 -5.02
CA GLU H 5 -22.27 -43.95 -4.01
C GLU H 5 -21.00 -43.13 -3.97
N ILE H 6 -21.12 -41.84 -3.69
CA ILE H 6 -19.97 -40.97 -3.55
C ILE H 6 -20.00 -40.41 -2.13
N VAL H 7 -18.85 -40.45 -1.46
CA VAL H 7 -18.77 -40.06 -0.06
C VAL H 7 -17.99 -38.77 0.04
N ARG H 8 -18.55 -37.81 0.80
CA ARG H 8 -17.88 -36.56 1.09
C ARG H 8 -17.40 -36.59 2.55
N HIS H 9 -16.18 -36.11 2.74
CA HIS H 9 -15.49 -36.13 4.03
C HIS H 9 -15.18 -34.67 4.37
N ILE H 10 -15.95 -34.09 5.31
CA ILE H 10 -15.87 -32.67 5.59
C ILE H 10 -15.41 -32.45 7.02
N VAL H 11 -14.38 -31.63 7.17
CA VAL H 11 -13.80 -31.31 8.46
C VAL H 11 -13.90 -29.79 8.69
N PHE H 12 -14.42 -29.40 9.86
CA PHE H 12 -14.31 -28.02 10.33
C PHE H 12 -13.41 -28.01 11.56
N ASN H 13 -12.51 -27.02 11.67
CA ASN H 13 -11.75 -26.86 12.89
C ASN H 13 -11.51 -25.40 13.30
N ARG H 14 -11.01 -25.26 14.51
CA ARG H 14 -10.43 -24.04 15.02
C ARG H 14 -9.08 -24.45 15.58
N TYR H 15 -8.03 -23.71 15.24
CA TYR H 15 -6.68 -24.03 15.71
C TYR H 15 -6.45 -23.50 17.11
N LYS H 16 -5.61 -24.21 17.86
CA LYS H 16 -5.21 -23.76 19.19
C LYS H 16 -4.56 -22.39 19.10
N SER H 17 -4.84 -21.53 20.08
CA SER H 17 -4.39 -20.14 20.05
C SER H 17 -2.88 -19.92 20.16
N GLN H 18 -2.14 -20.91 20.68
CA GLN H 18 -0.71 -20.75 20.91
C GLN H 18 0.11 -21.16 19.71
N LEU H 19 -0.52 -21.68 18.65
CA LEU H 19 0.19 -21.95 17.40
C LEU H 19 0.48 -20.67 16.64
N SER H 20 1.66 -20.56 16.05
CA SER H 20 1.96 -19.44 15.17
C SER H 20 1.19 -19.67 13.88
N GLN H 21 0.94 -18.60 13.13
CA GLN H 21 0.34 -18.77 11.83
C GLN H 21 1.26 -19.56 10.90
N LYS H 22 2.58 -19.43 11.04
CA LYS H 22 3.49 -20.26 10.27
C LYS H 22 3.27 -21.76 10.53
N GLN H 23 3.09 -22.12 11.80
CA GLN H 23 2.76 -23.51 12.18
C GLN H 23 1.44 -24.02 11.60
N ILE H 24 0.41 -23.17 11.69
CA ILE H 24 -0.90 -23.48 11.08
C ILE H 24 -0.75 -23.72 9.56
N ASP H 25 -0.04 -22.83 8.86
CA ASP H 25 0.19 -22.97 7.41
C ASP H 25 0.86 -24.31 7.07
N GLN H 26 1.82 -24.71 7.90
CA GLN H 26 2.50 -26.00 7.72
C GLN H 26 1.56 -27.20 7.92
N ILE H 27 0.69 -27.15 8.93
CA ILE H 27 -0.30 -28.21 9.13
C ILE H 27 -1.24 -28.31 7.92
N ILE H 28 -1.65 -27.15 7.41
CA ILE H 28 -2.52 -27.10 6.25
C ILE H 28 -1.78 -27.68 5.03
N ALA H 29 -0.53 -27.29 4.87
CA ALA H 29 0.34 -27.86 3.83
C ALA H 29 0.43 -29.39 3.94
N ASP H 30 0.62 -29.89 5.15
CA ASP H 30 0.66 -31.33 5.39
C ASP H 30 -0.67 -32.00 5.02
N TYR H 31 -1.78 -31.35 5.36
CA TYR H 31 -3.10 -31.86 5.03
C TYR H 31 -3.24 -31.97 3.51
N GLY H 32 -2.85 -30.91 2.81
CA GLY H 32 -2.91 -30.86 1.36
C GLY H 32 -2.06 -31.87 0.62
N ASN H 33 -1.04 -32.41 1.28
CA ASN H 33 -0.20 -33.46 0.69
CA ASN H 33 -0.19 -33.46 0.71
C ASN H 33 -0.78 -34.87 0.92
N LEU H 34 -1.76 -35.01 1.81
CA LEU H 34 -2.33 -36.33 2.11
C LEU H 34 -2.81 -37.06 0.86
N GLN H 35 -3.54 -36.33 0.01
CA GLN H 35 -3.99 -36.84 -1.27
C GLN H 35 -2.87 -37.43 -2.17
N ASN H 36 -1.63 -36.96 -2.00
CA ASN H 36 -0.51 -37.48 -2.80
C ASN H 36 -0.05 -38.86 -2.33
N ILE H 37 -0.37 -39.22 -1.09
CA ILE H 37 0.01 -40.52 -0.54
C ILE H 37 -1.20 -41.42 -0.25
N ALA H 38 -2.43 -40.91 -0.40
CA ALA H 38 -3.64 -41.73 -0.14
C ALA H 38 -4.41 -41.82 -1.46
N PRO H 39 -4.27 -42.94 -2.19
CA PRO H 39 -4.88 -42.96 -3.49
C PRO H 39 -6.42 -42.89 -3.48
N GLU H 40 -7.07 -43.19 -2.36
CA GLU H 40 -8.54 -43.13 -2.26
C GLU H 40 -9.07 -41.69 -2.26
N MET H 41 -8.28 -40.75 -1.74
CA MET H 41 -8.74 -39.36 -1.57
C MET H 41 -8.65 -38.57 -2.85
N LYS H 42 -9.80 -38.07 -3.30
CA LYS H 42 -9.91 -37.24 -4.50
C LYS H 42 -10.40 -35.83 -4.15
N GLU H 43 -9.99 -34.84 -4.94
CA GLU H 43 -10.57 -33.51 -4.95
C GLU H 43 -10.46 -32.74 -3.61
N TRP H 44 -9.34 -32.90 -2.94
CA TRP H 44 -9.14 -32.21 -1.67
C TRP H 44 -9.06 -30.67 -1.88
N LYS H 45 -9.84 -29.94 -1.08
CA LYS H 45 -9.86 -28.48 -1.08
C LYS H 45 -10.06 -27.96 0.35
N TRP H 46 -9.81 -26.68 0.56
CA TRP H 46 -9.91 -26.11 1.88
C TRP H 46 -10.17 -24.63 1.78
N GLY H 47 -10.54 -24.04 2.90
CA GLY H 47 -10.65 -22.60 2.98
C GLY H 47 -10.89 -22.10 4.39
N THR H 48 -10.87 -20.78 4.53
CA THR H 48 -11.13 -20.13 5.80
C THR H 48 -12.51 -19.49 5.76
N ASP H 49 -13.21 -19.55 6.88
CA ASP H 49 -14.50 -18.91 6.98
C ASP H 49 -14.40 -17.40 6.74
N LEU H 50 -15.38 -16.86 6.01
CA LEU H 50 -15.36 -15.47 5.57
C LEU H 50 -15.71 -14.46 6.65
N GLY H 51 -16.25 -14.92 7.75
CA GLY H 51 -16.48 -14.09 8.92
C GLY H 51 -17.90 -13.57 9.04
N PRO H 52 -18.21 -12.92 10.16
CA PRO H 52 -19.57 -12.48 10.50
C PRO H 52 -20.18 -11.42 9.58
N ALA H 53 -19.37 -10.69 8.82
CA ALA H 53 -19.90 -9.77 7.79
C ALA H 53 -20.58 -10.50 6.63
N VAL H 54 -20.23 -11.76 6.43
CA VAL H 54 -20.80 -12.59 5.39
C VAL H 54 -21.92 -13.44 6.00
N GLU H 55 -21.58 -14.24 6.99
CA GLU H 55 -22.61 -14.91 7.82
C GLU H 55 -22.01 -15.23 9.18
N ASP H 56 -22.81 -15.15 10.23
CA ASP H 56 -22.32 -15.33 11.60
C ASP H 56 -22.88 -16.56 12.31
N ARG H 57 -22.69 -17.74 11.72
CA ARG H 57 -23.10 -19.00 12.33
C ARG H 57 -21.99 -20.04 12.34
N ALA H 58 -20.73 -19.60 12.22
CA ALA H 58 -19.56 -20.49 12.23
C ALA H 58 -19.21 -21.03 13.61
N ASP H 59 -19.78 -20.45 14.67
CA ASP H 59 -19.63 -20.96 16.04
C ASP H 59 -18.16 -21.16 16.46
N GLY H 60 -17.30 -20.24 16.03
CA GLY H 60 -15.89 -20.27 16.39
C GLY H 60 -14.98 -21.13 15.50
N PHE H 61 -15.57 -21.93 14.60
CA PHE H 61 -14.78 -22.68 13.63
C PHE H 61 -14.26 -21.71 12.55
N THR H 62 -13.00 -21.89 12.16
CA THR H 62 -12.35 -20.98 11.21
C THR H 62 -11.94 -21.57 9.87
N HIS H 63 -11.83 -22.88 9.80
CA HIS H 63 -11.30 -23.54 8.63
C HIS H 63 -12.19 -24.70 8.26
N ALA H 64 -12.31 -24.95 6.96
CA ALA H 64 -12.97 -26.12 6.42
C ALA H 64 -12.06 -26.84 5.46
N TYR H 65 -12.18 -28.16 5.42
CA TYR H 65 -11.46 -29.00 4.50
C TYR H 65 -12.41 -30.06 3.96
N GLU H 66 -12.34 -30.29 2.66
CA GLU H 66 -13.29 -31.19 1.99
C GLU H 66 -12.59 -32.13 1.03
N SER H 67 -13.05 -33.37 1.00
CA SER H 67 -12.56 -34.35 0.03
C SER H 67 -13.63 -35.37 -0.31
N THR H 68 -13.35 -36.06 -1.41
CA THR H 68 -14.26 -36.93 -2.09
C THR H 68 -13.68 -38.33 -2.18
N PHE H 69 -14.56 -39.29 -1.92
CA PHE H 69 -14.27 -40.71 -2.05
C PHE H 69 -15.32 -41.33 -2.95
N HIS H 70 -14.87 -42.24 -3.82
CA HIS H 70 -15.73 -42.81 -4.86
C HIS H 70 -16.53 -44.03 -4.44
N SER H 71 -16.37 -44.49 -3.20
CA SER H 71 -17.21 -45.52 -2.61
C SER H 71 -17.07 -45.49 -1.10
N VAL H 72 -18.00 -46.13 -0.41
CA VAL H 72 -17.87 -46.30 1.04
C VAL H 72 -16.63 -47.15 1.35
N ALA H 73 -16.43 -48.22 0.61
CA ALA H 73 -15.24 -49.06 0.80
C ALA H 73 -13.94 -48.24 0.71
N ASP H 74 -13.82 -47.38 -0.30
CA ASP H 74 -12.63 -46.53 -0.45
C ASP H 74 -12.46 -45.62 0.76
N PHE H 75 -13.56 -45.04 1.24
CA PHE H 75 -13.45 -44.13 2.37
C PHE H 75 -13.01 -44.86 3.65
N LEU H 76 -13.61 -46.02 3.89
CA LEU H 76 -13.27 -46.81 5.08
C LEU H 76 -11.83 -47.33 5.03
N ASN H 77 -11.38 -47.73 3.85
CA ASN H 77 -9.96 -48.10 3.64
C ASN H 77 -9.05 -46.93 3.90
N PHE H 78 -9.39 -45.76 3.37
CA PHE H 78 -8.63 -44.55 3.64
C PHE H 78 -8.57 -44.23 5.13
N PHE H 79 -9.73 -44.23 5.78
CA PHE H 79 -9.86 -43.71 7.13
C PHE H 79 -8.94 -44.43 8.12
N TYR H 80 -8.83 -45.75 7.98
CA TYR H 80 -7.99 -46.54 8.90
C TYR H 80 -6.61 -46.91 8.30
N SER H 81 -6.22 -46.25 7.21
CA SER H 81 -4.92 -46.45 6.57
C SER H 81 -3.87 -45.66 7.36
N PRO H 82 -2.58 -46.10 7.32
CA PRO H 82 -1.55 -45.35 8.03
C PRO H 82 -1.42 -43.84 7.72
N PRO H 83 -1.47 -43.42 6.44
CA PRO H 83 -1.35 -41.95 6.18
C PRO H 83 -2.43 -41.13 6.87
N ALA H 84 -3.67 -41.62 6.83
CA ALA H 84 -4.79 -40.95 7.49
C ALA H 84 -4.61 -40.93 8.99
N LEU H 85 -4.29 -42.09 9.57
CA LEU H 85 -4.17 -42.20 11.01
C LEU H 85 -3.00 -41.38 11.54
N GLU H 86 -1.89 -41.39 10.82
CA GLU H 86 -0.73 -40.55 11.19
C GLU H 86 -1.00 -39.07 11.03
N PHE H 87 -1.62 -38.66 9.93
CA PHE H 87 -1.99 -37.24 9.80
C PHE H 87 -2.99 -36.81 10.89
N ALA H 88 -3.97 -37.65 11.18
CA ALA H 88 -4.91 -37.37 12.28
C ALA H 88 -4.17 -37.08 13.60
N LYS H 89 -3.10 -37.84 13.84
CA LYS H 89 -2.28 -37.63 15.06
C LYS H 89 -1.59 -36.28 15.10
N GLU H 90 -1.18 -35.77 13.94
CA GLU H 90 -0.67 -34.40 13.80
C GLU H 90 -1.79 -33.34 13.94
N PHE H 91 -2.93 -33.61 13.32
CA PHE H 91 -3.98 -32.61 13.16
C PHE H 91 -4.84 -32.39 14.41
N PHE H 92 -5.36 -33.47 14.99
CA PHE H 92 -6.34 -33.35 16.08
C PHE H 92 -5.81 -32.57 17.30
N PRO H 93 -4.58 -32.84 17.74
CA PRO H 93 -4.06 -32.07 18.89
C PRO H 93 -3.77 -30.57 18.61
N ALA H 94 -3.70 -30.20 17.33
CA ALA H 94 -3.63 -28.80 16.93
C ALA H 94 -4.97 -28.05 16.97
N CYS H 95 -6.07 -28.77 17.22
CA CYS H 95 -7.41 -28.21 17.17
C CYS H 95 -7.89 -27.85 18.55
N GLU H 96 -8.34 -26.62 18.70
CA GLU H 96 -9.15 -26.20 19.83
C GLU H 96 -10.54 -26.86 19.76
N LYS H 97 -11.09 -26.88 18.55
CA LYS H 97 -12.39 -27.46 18.26
C LYS H 97 -12.30 -28.22 16.94
N ILE H 98 -13.03 -29.32 16.83
CA ILE H 98 -13.10 -30.05 15.56
C ILE H 98 -14.44 -30.76 15.40
N VAL H 99 -14.94 -30.79 14.18
CA VAL H 99 -16.09 -31.60 13.84
C VAL H 99 -15.84 -32.20 12.47
N VAL H 100 -16.22 -33.46 12.31
CA VAL H 100 -16.02 -34.21 11.08
C VAL H 100 -17.37 -34.83 10.75
N LEU H 101 -17.85 -34.58 9.53
CA LEU H 101 -19.04 -35.23 9.05
C LEU H 101 -18.75 -35.89 7.71
N ASN H 102 -19.07 -37.17 7.62
CA ASN H 102 -18.85 -38.01 6.42
C ASN H 102 -20.19 -38.50 5.96
N TYR H 103 -20.50 -38.33 4.69
CA TYR H 103 -21.83 -38.61 4.20
C TYR H 103 -21.81 -39.09 2.75
N ILE H 104 -22.72 -40.00 2.43
CA ILE H 104 -23.02 -40.39 1.06
C ILE H 104 -23.85 -39.28 0.40
N ILE H 105 -23.42 -38.80 -0.76
CA ILE H 105 -24.11 -37.71 -1.46
C ILE H 105 -25.53 -38.10 -1.87
N ASN H 106 -26.48 -37.18 -1.55
CA ASN H 106 -27.81 -37.09 -2.13
C ASN H 106 -27.92 -35.76 -2.90
N GLU H 107 -28.55 -35.77 -4.05
CA GLU H 107 -28.67 -34.54 -4.85
C GLU H 107 -30.13 -34.24 -5.15
N PRO I 3 -25.12 -6.76 20.41
CA PRO I 3 -25.01 -5.32 20.17
C PRO I 3 -25.07 -4.95 18.68
N PRO I 4 -25.18 -3.65 18.35
CA PRO I 4 -25.13 -3.23 16.94
C PRO I 4 -23.70 -3.30 16.39
N GLU I 5 -23.52 -4.03 15.27
CA GLU I 5 -22.24 -4.08 14.57
C GLU I 5 -22.01 -2.81 13.73
N ILE I 6 -21.32 -1.84 14.31
CA ILE I 6 -20.93 -0.62 13.62
C ILE I 6 -19.66 -0.86 12.79
N VAL I 7 -19.69 -0.44 11.53
CA VAL I 7 -18.56 -0.66 10.62
C VAL I 7 -17.88 0.67 10.32
N ARG I 8 -16.54 0.66 10.42
CA ARG I 8 -15.73 1.80 10.00
C ARG I 8 -15.11 1.47 8.66
N HIS I 9 -15.17 2.44 7.75
CA HIS I 9 -14.62 2.33 6.40
C HIS I 9 -13.52 3.38 6.31
N ILE I 10 -12.26 2.93 6.24
CA ILE I 10 -11.12 3.84 6.27
C ILE I 10 -10.32 3.67 4.99
N VAL I 11 -10.03 4.78 4.31
CA VAL I 11 -9.25 4.79 3.07
C VAL I 11 -8.03 5.67 3.28
N PHE I 12 -6.85 5.19 2.88
CA PHE I 12 -5.67 6.02 2.74
C PHE I 12 -5.28 6.06 1.27
N ASN I 13 -4.89 7.21 0.75
CA ASN I 13 -4.36 7.23 -0.62
C ASN I 13 -3.23 8.23 -0.81
N ARG I 14 -2.59 8.08 -1.96
CA ARG I 14 -1.66 9.08 -2.47
C ARG I 14 -2.12 9.34 -3.89
N TYR I 15 -2.26 10.61 -4.26
CA TYR I 15 -2.72 10.94 -5.62
C TYR I 15 -1.57 10.91 -6.62
N LYS I 16 -1.91 10.55 -7.85
CA LYS I 16 -0.98 10.64 -8.96
C LYS I 16 -0.52 12.07 -9.20
N SER I 17 0.73 12.20 -9.62
CA SER I 17 1.36 13.50 -9.82
C SER I 17 0.77 14.30 -10.99
N GLN I 18 0.13 13.62 -11.95
CA GLN I 18 -0.51 14.29 -13.10
C GLN I 18 -1.73 15.13 -12.71
N LEU I 19 -2.30 14.89 -11.52
CA LEU I 19 -3.37 15.73 -11.00
C LEU I 19 -2.89 17.02 -10.37
N SER I 20 -3.77 18.03 -10.42
CA SER I 20 -3.57 19.31 -9.75
C SER I 20 -4.30 19.34 -8.43
N GLN I 21 -3.94 20.27 -7.55
CA GLN I 21 -4.65 20.44 -6.27
C GLN I 21 -6.13 20.81 -6.49
N LYS I 22 -6.41 21.59 -7.52
CA LYS I 22 -7.78 21.93 -7.91
C LYS I 22 -8.61 20.66 -8.18
N GLN I 23 -8.06 19.79 -9.01
CA GLN I 23 -8.65 18.50 -9.36
C GLN I 23 -8.81 17.56 -8.18
N ILE I 24 -7.81 17.54 -7.29
CA ILE I 24 -7.88 16.78 -6.03
C ILE I 24 -8.96 17.33 -5.10
N ASP I 25 -9.04 18.65 -4.96
CA ASP I 25 -10.09 19.27 -4.13
C ASP I 25 -11.50 18.86 -4.57
N GLN I 26 -11.69 18.69 -5.87
CA GLN I 26 -12.98 18.28 -6.44
C GLN I 26 -13.27 16.80 -6.16
N ILE I 27 -12.27 15.93 -6.38
CA ILE I 27 -12.41 14.49 -6.09
C ILE I 27 -12.81 14.27 -4.65
N ILE I 28 -12.21 15.05 -3.76
CA ILE I 28 -12.54 15.01 -2.35
C ILE I 28 -13.95 15.55 -2.07
N ALA I 29 -14.32 16.67 -2.71
CA ALA I 29 -15.69 17.18 -2.57
C ALA I 29 -16.71 16.14 -3.03
N ASP I 30 -16.43 15.50 -4.17
CA ASP I 30 -17.27 14.41 -4.71
C ASP I 30 -17.37 13.22 -3.77
N TYR I 31 -16.25 12.83 -3.17
CA TYR I 31 -16.26 11.73 -2.20
C TYR I 31 -17.17 12.14 -1.03
N GLY I 32 -17.01 13.37 -0.56
CA GLY I 32 -17.79 13.89 0.57
C GLY I 32 -19.26 14.18 0.26
N ASN I 33 -19.63 14.10 -1.01
CA ASN I 33 -21.02 14.21 -1.44
C ASN I 33 -21.72 12.85 -1.65
N LEU I 34 -20.98 11.74 -1.63
CA LEU I 34 -21.61 10.40 -1.64
C LEU I 34 -22.61 10.22 -0.51
N GLN I 35 -22.34 10.82 0.65
CA GLN I 35 -23.26 10.77 1.79
C GLN I 35 -24.63 11.42 1.52
N ASN I 36 -24.69 12.33 0.54
CA ASN I 36 -25.96 12.97 0.16
C ASN I 36 -26.84 12.04 -0.70
N ILE I 37 -26.22 11.22 -1.54
CA ILE I 37 -26.91 10.11 -2.23
C ILE I 37 -27.22 9.00 -1.22
N ALA I 38 -26.20 8.61 -0.45
CA ALA I 38 -26.28 7.49 0.49
C ALA I 38 -26.74 7.93 1.89
N PRO I 39 -27.95 7.53 2.33
CA PRO I 39 -28.21 7.68 3.77
C PRO I 39 -27.36 6.73 4.64
N GLU I 40 -26.86 5.62 4.05
CA GLU I 40 -26.06 4.61 4.78
C GLU I 40 -24.75 5.19 5.35
N MET I 41 -24.05 5.98 4.54
CA MET I 41 -22.76 6.54 4.93
C MET I 41 -22.90 7.71 5.91
N LYS I 42 -22.45 7.49 7.16
CA LYS I 42 -22.47 8.52 8.24
C LYS I 42 -21.07 9.03 8.59
N GLU I 43 -21.03 10.24 9.14
CA GLU I 43 -19.84 10.82 9.79
C GLU I 43 -18.62 10.90 8.86
N TRP I 44 -18.82 11.15 7.58
CA TRP I 44 -17.70 11.19 6.64
C TRP I 44 -16.79 12.36 7.01
N LYS I 45 -15.50 12.09 7.06
CA LYS I 45 -14.48 13.10 7.34
C LYS I 45 -13.21 12.68 6.65
N TRP I 46 -12.29 13.63 6.53
CA TRP I 46 -11.03 13.40 5.84
C TRP I 46 -9.95 14.34 6.36
N GLY I 47 -8.73 14.10 5.91
CA GLY I 47 -7.61 14.97 6.27
C GLY I 47 -6.35 14.56 5.58
N THR I 48 -5.32 15.40 5.73
CA THR I 48 -4.02 15.15 5.14
C THR I 48 -3.04 14.81 6.24
N ASP I 49 -2.12 13.89 5.94
CA ASP I 49 -1.15 13.46 6.92
C ASP I 49 -0.28 14.63 7.35
N LEU I 50 -0.01 14.71 8.65
CA LEU I 50 0.75 15.79 9.27
C LEU I 50 2.27 15.79 9.00
N GLY I 51 2.79 14.76 8.33
CA GLY I 51 4.18 14.74 7.85
C GLY I 51 5.19 14.26 8.89
N PRO I 52 6.49 14.19 8.50
CA PRO I 52 7.51 13.51 9.30
C PRO I 52 7.87 14.16 10.64
N ALA I 53 7.53 15.43 10.86
CA ALA I 53 7.81 16.08 12.12
C ALA I 53 6.82 15.72 13.21
N VAL I 54 5.71 15.11 12.83
CA VAL I 54 4.78 14.55 13.82
C VAL I 54 5.08 13.06 14.00
N GLU I 55 5.12 12.33 12.89
CA GLU I 55 5.47 10.92 12.90
C GLU I 55 5.74 10.49 11.46
N ASP I 56 6.67 9.54 11.28
CA ASP I 56 7.14 9.21 9.93
C ASP I 56 6.89 7.77 9.49
N ARG I 57 5.61 7.35 9.55
CA ARG I 57 5.25 5.99 9.11
C ARG I 57 4.07 5.98 8.13
N ALA I 58 3.86 7.09 7.42
CA ALA I 58 2.74 7.19 6.47
C ALA I 58 3.05 6.55 5.13
N ASP I 59 4.32 6.16 4.92
CA ASP I 59 4.73 5.35 3.80
C ASP I 59 4.32 5.91 2.43
N GLY I 60 4.38 7.23 2.27
CA GLY I 60 3.96 7.86 1.01
C GLY I 60 2.47 8.19 0.88
N PHE I 61 1.63 7.67 1.77
CA PHE I 61 0.21 8.03 1.76
C PHE I 61 0.05 9.44 2.32
N THR I 62 -0.82 10.25 1.69
CA THR I 62 -1.00 11.67 2.02
C THR I 62 -2.35 12.05 2.59
N HIS I 63 -3.38 11.26 2.33
CA HIS I 63 -4.75 11.58 2.69
C HIS I 63 -5.43 10.37 3.32
N ALA I 64 -6.34 10.64 4.26
CA ALA I 64 -7.17 9.64 4.89
C ALA I 64 -8.62 10.10 4.81
N TYR I 65 -9.52 9.12 4.72
CA TYR I 65 -10.94 9.39 4.61
C TYR I 65 -11.60 8.38 5.51
N GLU I 66 -12.57 8.82 6.31
CA GLU I 66 -13.20 7.94 7.29
C GLU I 66 -14.72 8.06 7.21
N SER I 67 -15.41 6.94 7.36
CA SER I 67 -16.85 6.95 7.51
C SER I 67 -17.37 5.79 8.34
N THR I 68 -18.64 5.92 8.75
CA THR I 68 -19.26 4.98 9.65
C THR I 68 -20.55 4.45 9.03
N PHE I 69 -20.81 3.17 9.27
CA PHE I 69 -22.06 2.50 8.88
C PHE I 69 -22.64 1.84 10.12
N HIS I 70 -23.96 1.94 10.31
CA HIS I 70 -24.57 1.51 11.57
C HIS I 70 -24.90 0.03 11.58
N SER I 71 -24.72 -0.65 10.46
CA SER I 71 -24.86 -2.09 10.41
C SER I 71 -24.02 -2.64 9.27
N VAL I 72 -23.75 -3.93 9.34
CA VAL I 72 -23.11 -4.65 8.23
C VAL I 72 -23.96 -4.52 6.95
N ALA I 73 -25.26 -4.78 7.09
CA ALA I 73 -26.21 -4.60 5.98
C ALA I 73 -26.13 -3.20 5.34
N ASP I 74 -26.08 -2.13 6.15
CA ASP I 74 -25.91 -0.77 5.62
C ASP I 74 -24.63 -0.64 4.83
N PHE I 75 -23.53 -1.18 5.37
CA PHE I 75 -22.26 -1.13 4.71
C PHE I 75 -22.27 -1.87 3.37
N LEU I 76 -22.79 -3.09 3.36
CA LEU I 76 -22.79 -3.88 2.14
C LEU I 76 -23.69 -3.24 1.09
N ASN I 77 -24.82 -2.72 1.53
CA ASN I 77 -25.74 -2.03 0.61
C ASN I 77 -25.06 -0.85 -0.05
N PHE I 78 -24.35 -0.07 0.76
CA PHE I 78 -23.56 1.04 0.25
C PHE I 78 -22.48 0.59 -0.75
N PHE I 79 -21.59 -0.30 -0.32
CA PHE I 79 -20.43 -0.72 -1.16
C PHE I 79 -20.87 -1.26 -2.53
N TYR I 80 -21.97 -2.02 -2.55
CA TYR I 80 -22.47 -2.60 -3.78
C TYR I 80 -23.49 -1.67 -4.52
N SER I 81 -23.82 -0.50 -3.98
CA SER I 81 -24.67 0.45 -4.68
C SER I 81 -23.93 1.02 -5.91
N PRO I 82 -24.66 1.31 -7.00
CA PRO I 82 -23.99 1.92 -8.17
C PRO I 82 -23.15 3.18 -7.89
N PRO I 83 -23.61 4.12 -7.03
CA PRO I 83 -22.77 5.30 -6.76
C PRO I 83 -21.39 4.97 -6.14
N ALA I 84 -21.36 4.02 -5.20
CA ALA I 84 -20.09 3.67 -4.55
C ALA I 84 -19.21 2.90 -5.52
N LEU I 85 -19.80 2.00 -6.32
CA LEU I 85 -19.06 1.25 -7.32
C LEU I 85 -18.41 2.17 -8.35
N GLU I 86 -19.17 3.18 -8.79
CA GLU I 86 -18.64 4.08 -9.80
CA GLU I 86 -18.70 4.15 -9.78
C GLU I 86 -17.60 5.04 -9.20
N PHE I 87 -17.80 5.50 -7.97
CA PHE I 87 -16.78 6.35 -7.34
C PHE I 87 -15.47 5.57 -7.17
N ALA I 88 -15.58 4.35 -6.66
CA ALA I 88 -14.42 3.46 -6.51
C ALA I 88 -13.70 3.28 -7.86
N LYS I 89 -14.47 3.04 -8.92
CA LYS I 89 -13.93 2.88 -10.27
C LYS I 89 -13.18 4.11 -10.79
N GLU I 90 -13.71 5.30 -10.49
CA GLU I 90 -13.06 6.57 -10.87
C GLU I 90 -11.94 7.04 -9.93
N PHE I 91 -11.99 6.62 -8.67
CA PHE I 91 -10.98 7.01 -7.67
C PHE I 91 -9.67 6.27 -7.85
N PHE I 92 -9.74 4.96 -8.16
CA PHE I 92 -8.54 4.12 -8.21
CA PHE I 92 -8.55 4.09 -8.22
C PHE I 92 -7.49 4.59 -9.22
N PRO I 93 -7.90 4.94 -10.46
CA PRO I 93 -6.86 5.39 -11.42
C PRO I 93 -6.26 6.80 -11.12
N ALA I 94 -6.91 7.56 -10.24
CA ALA I 94 -6.34 8.81 -9.72
C ALA I 94 -5.30 8.58 -8.61
N CYS I 95 -5.22 7.36 -8.09
CA CYS I 95 -4.35 7.02 -6.97
C CYS I 95 -3.01 6.44 -7.43
N GLU I 96 -1.92 7.01 -6.92
CA GLU I 96 -0.61 6.37 -7.02
C GLU I 96 -0.58 5.17 -6.07
N LYS I 97 -1.10 5.36 -4.85
CA LYS I 97 -1.25 4.27 -3.88
C LYS I 97 -2.62 4.36 -3.21
N ILE I 98 -3.16 3.21 -2.81
CA ILE I 98 -4.41 3.17 -2.08
C ILE I 98 -4.45 1.93 -1.21
N VAL I 99 -5.02 2.09 -0.04
CA VAL I 99 -5.34 0.96 0.83
C VAL I 99 -6.66 1.29 1.52
N VAL I 100 -7.54 0.29 1.57
CA VAL I 100 -8.86 0.40 2.17
C VAL I 100 -9.05 -0.72 3.18
N LEU I 101 -9.47 -0.35 4.38
CA LEU I 101 -9.76 -1.29 5.44
C LEU I 101 -11.13 -0.98 6.00
N ASN I 102 -11.95 -2.02 6.12
CA ASN I 102 -13.28 -1.93 6.70
C ASN I 102 -13.30 -2.89 7.84
N TYR I 103 -13.81 -2.47 8.99
CA TYR I 103 -13.85 -3.33 10.14
C TYR I 103 -15.03 -3.06 11.04
N ILE I 104 -15.50 -4.13 11.68
CA ILE I 104 -16.50 -4.01 12.75
C ILE I 104 -15.77 -3.50 14.00
N ILE I 105 -16.30 -2.43 14.58
CA ILE I 105 -15.69 -1.81 15.77
C ILE I 105 -15.60 -2.75 16.96
N ASN I 106 -14.42 -2.73 17.60
CA ASN I 106 -14.20 -3.18 18.98
C ASN I 106 -13.73 -1.97 19.82
N GLU I 107 -14.13 -1.90 21.08
CA GLU I 107 -13.71 -0.80 21.98
C GLU I 107 -13.21 -1.30 23.33
N PRO J 4 -10.36 25.03 16.87
CA PRO J 4 -10.33 23.71 17.50
C PRO J 4 -10.04 22.57 16.50
N GLU J 5 -8.79 22.09 16.50
CA GLU J 5 -8.29 21.16 15.48
C GLU J 5 -7.92 19.77 16.04
N ILE J 6 -8.90 18.88 16.00
CA ILE J 6 -8.78 17.54 16.54
C ILE J 6 -7.97 16.71 15.55
N VAL J 7 -7.14 15.83 16.10
CA VAL J 7 -6.21 15.00 15.33
C VAL J 7 -6.64 13.54 15.45
N ARG J 8 -6.76 12.87 14.31
CA ARG J 8 -6.99 11.44 14.28
C ARG J 8 -5.69 10.72 14.00
N HIS J 9 -5.45 9.64 14.75
CA HIS J 9 -4.28 8.77 14.60
C HIS J 9 -4.82 7.39 14.20
N ILE J 10 -4.59 6.98 12.95
CA ILE J 10 -5.05 5.69 12.46
C ILE J 10 -3.87 4.84 12.03
N VAL J 11 -3.83 3.62 12.55
CA VAL J 11 -2.79 2.64 12.26
C VAL J 11 -3.42 1.48 11.50
N PHE J 12 -2.83 1.06 10.38
CA PHE J 12 -3.11 -0.26 9.78
C PHE J 12 -1.87 -1.14 9.97
N ASN J 13 -2.07 -2.42 10.30
CA ASN J 13 -0.96 -3.37 10.35
C ASN J 13 -1.33 -4.78 9.89
N ARG J 14 -0.28 -5.57 9.70
CA ARG J 14 -0.37 -7.00 9.57
C ARG J 14 0.68 -7.55 10.52
N TYR J 15 0.35 -8.58 11.29
CA TYR J 15 1.31 -9.16 12.24
C TYR J 15 2.21 -10.17 11.55
N LYS J 16 3.41 -10.34 12.10
CA LYS J 16 4.34 -11.34 11.59
C LYS J 16 3.79 -12.75 11.77
N SER J 17 4.08 -13.62 10.81
CA SER J 17 3.57 -14.99 10.80
C SER J 17 4.12 -15.83 11.96
N GLN J 18 5.26 -15.47 12.56
CA GLN J 18 5.74 -16.21 13.74
C GLN J 18 4.93 -15.96 15.01
N LEU J 19 4.05 -14.95 15.04
CA LEU J 19 3.23 -14.72 16.24
C LEU J 19 2.03 -15.66 16.24
N SER J 20 1.58 -16.00 17.43
CA SER J 20 0.36 -16.78 17.62
C SER J 20 -0.78 -15.81 17.85
N GLN J 21 -2.03 -16.29 17.74
CA GLN J 21 -3.17 -15.43 18.04
C GLN J 21 -3.16 -14.97 19.52
N LYS J 22 -2.72 -15.83 20.44
CA LYS J 22 -2.61 -15.48 21.86
C LYS J 22 -1.65 -14.30 22.05
N GLN J 23 -0.55 -14.30 21.32
CA GLN J 23 0.39 -13.17 21.34
C GLN J 23 -0.20 -11.90 20.74
N ILE J 24 -0.92 -12.05 19.62
CA ILE J 24 -1.57 -10.90 18.99
C ILE J 24 -2.60 -10.32 19.97
N ASP J 25 -3.42 -11.19 20.57
CA ASP J 25 -4.42 -10.74 21.55
C ASP J 25 -3.81 -9.94 22.69
N GLN J 26 -2.65 -10.38 23.19
CA GLN J 26 -1.93 -9.66 24.26
C GLN J 26 -1.49 -8.28 23.82
N ILE J 27 -0.95 -8.18 22.61
CA ILE J 27 -0.52 -6.88 22.08
C ILE J 27 -1.71 -5.94 22.01
N ILE J 28 -2.84 -6.43 21.52
CA ILE J 28 -4.03 -5.59 21.36
C ILE J 28 -4.57 -5.18 22.74
N ALA J 29 -4.58 -6.10 23.71
CA ALA J 29 -4.97 -5.78 25.08
C ALA J 29 -4.07 -4.70 25.68
N ASP J 30 -2.76 -4.84 25.46
CA ASP J 30 -1.79 -3.85 25.91
C ASP J 30 -2.02 -2.50 25.22
N TYR J 31 -2.34 -2.52 23.93
CA TYR J 31 -2.68 -1.29 23.23
C TYR J 31 -3.89 -0.61 23.90
N GLY J 32 -4.91 -1.42 24.16
CA GLY J 32 -6.10 -0.97 24.84
C GLY J 32 -5.85 -0.38 26.21
N ASN J 33 -4.89 -0.91 26.94
CA ASN J 33 -4.58 -0.40 28.27
C ASN J 33 -3.54 0.73 28.29
N LEU J 34 -2.83 0.92 27.18
CA LEU J 34 -2.12 2.17 26.93
C LEU J 34 -3.07 3.38 27.02
N GLN J 35 -4.29 3.21 26.55
CA GLN J 35 -5.33 4.25 26.66
C GLN J 35 -5.61 4.66 28.10
N ASN J 36 -5.58 3.71 29.02
CA ASN J 36 -5.89 3.97 30.42
C ASN J 36 -4.83 4.80 31.12
N ILE J 37 -3.56 4.54 30.80
CA ILE J 37 -2.45 5.22 31.47
C ILE J 37 -1.94 6.46 30.74
N ALA J 38 -2.45 6.70 29.52
CA ALA J 38 -2.14 7.90 28.76
C ALA J 38 -3.40 8.77 28.66
N PRO J 39 -3.49 9.86 29.46
CA PRO J 39 -4.70 10.71 29.41
C PRO J 39 -5.01 11.36 28.05
N GLU J 40 -4.01 11.58 27.22
CA GLU J 40 -4.18 12.26 25.92
C GLU J 40 -4.93 11.42 24.87
N MET J 41 -4.80 10.09 24.95
CA MET J 41 -5.35 9.15 23.97
C MET J 41 -6.81 8.82 24.31
N LYS J 42 -7.70 9.16 23.40
CA LYS J 42 -9.13 8.94 23.61
C LYS J 42 -9.76 8.23 22.41
N GLU J 43 -10.97 7.76 22.61
CA GLU J 43 -11.79 7.17 21.55
C GLU J 43 -11.10 6.00 20.83
N TRP J 44 -10.25 5.27 21.55
CA TRP J 44 -9.53 4.14 20.96
C TRP J 44 -10.52 3.08 20.50
N LYS J 45 -10.37 2.63 19.26
CA LYS J 45 -11.13 1.51 18.75
C LYS J 45 -10.26 0.72 17.78
N TRP J 46 -10.67 -0.50 17.46
CA TRP J 46 -9.92 -1.34 16.53
C TRP J 46 -10.79 -2.42 15.94
N GLY J 47 -10.31 -3.06 14.89
CA GLY J 47 -10.95 -4.26 14.38
C GLY J 47 -10.16 -4.89 13.28
N THR J 48 -10.64 -6.02 12.80
CA THR J 48 -10.02 -6.74 11.71
C THR J 48 -10.69 -6.41 10.38
N ASP J 49 -9.92 -6.39 9.31
CA ASP J 49 -10.49 -6.13 7.99
C ASP J 49 -11.51 -7.23 7.64
N LEU J 50 -12.57 -6.87 6.92
CA LEU J 50 -13.61 -7.81 6.52
C LEU J 50 -13.27 -8.70 5.36
N GLY J 51 -12.13 -8.46 4.70
CA GLY J 51 -11.65 -9.29 3.62
C GLY J 51 -12.58 -9.17 2.41
N PRO J 52 -12.74 -10.28 1.66
CA PRO J 52 -13.50 -10.24 0.41
C PRO J 52 -15.04 -10.18 0.52
N ALA J 53 -15.58 -9.85 1.69
CA ALA J 53 -17.00 -9.47 1.83
C ALA J 53 -17.32 -8.33 0.87
N VAL J 54 -16.35 -7.43 0.70
CA VAL J 54 -16.34 -6.43 -0.37
C VAL J 54 -15.06 -6.62 -1.19
N GLU J 55 -14.89 -5.89 -2.29
CA GLU J 55 -13.63 -5.95 -3.04
C GLU J 55 -12.45 -5.72 -2.10
N ASP J 56 -11.53 -6.67 -2.07
CA ASP J 56 -10.42 -6.65 -1.13
C ASP J 56 -9.33 -5.69 -1.60
N ARG J 57 -9.29 -4.51 -0.99
CA ARG J 57 -8.27 -3.49 -1.26
C ARG J 57 -7.41 -3.23 -0.02
N ALA J 58 -7.37 -4.20 0.90
CA ALA J 58 -6.63 -4.02 2.13
C ALA J 58 -5.14 -4.29 1.94
N ASP J 59 -4.75 -4.85 0.80
CA ASP J 59 -3.34 -5.01 0.43
C ASP J 59 -2.54 -5.81 1.48
N GLY J 60 -3.20 -6.76 2.14
CA GLY J 60 -2.55 -7.61 3.13
C GLY J 60 -2.58 -7.08 4.55
N PHE J 61 -3.02 -5.83 4.77
CA PHE J 61 -3.26 -5.33 6.12
C PHE J 61 -4.48 -6.01 6.72
N THR J 62 -4.40 -6.39 7.99
CA THR J 62 -5.44 -7.19 8.63
C THR J 62 -6.17 -6.47 9.74
N HIS J 63 -5.55 -5.44 10.31
CA HIS J 63 -6.05 -4.80 11.52
C HIS J 63 -5.96 -3.29 11.35
N ALA J 64 -6.92 -2.59 11.92
CA ALA J 64 -6.89 -1.14 12.02
C ALA J 64 -7.18 -0.72 13.43
N TYR J 65 -6.57 0.39 13.85
CA TYR J 65 -6.69 0.94 15.20
C TYR J 65 -6.76 2.46 15.09
N GLU J 66 -7.73 3.05 15.77
CA GLU J 66 -7.94 4.50 15.70
C GLU J 66 -7.89 5.11 17.07
N SER J 67 -7.37 6.32 17.14
CA SER J 67 -7.40 7.09 18.38
C SER J 67 -7.48 8.57 18.03
N THR J 68 -7.92 9.35 19.01
CA THR J 68 -8.21 10.76 18.80
C THR J 68 -7.51 11.58 19.86
N PHE J 69 -6.90 12.69 19.44
CA PHE J 69 -6.15 13.60 20.30
C PHE J 69 -6.74 15.00 20.12
N HIS J 70 -6.90 15.73 21.24
CA HIS J 70 -7.56 17.05 21.21
CA HIS J 70 -7.56 17.06 21.22
C HIS J 70 -6.78 18.11 20.41
N SER J 71 -5.47 17.93 20.31
CA SER J 71 -4.61 18.86 19.58
C SER J 71 -3.35 18.16 19.09
N VAL J 72 -2.64 18.78 18.16
CA VAL J 72 -1.34 18.29 17.73
C VAL J 72 -0.37 18.24 18.92
N ALA J 73 -0.43 19.29 19.74
CA ALA J 73 0.34 19.38 20.98
C ALA J 73 0.08 18.17 21.87
N ASP J 74 -1.19 17.85 22.12
CA ASP J 74 -1.53 16.66 22.92
C ASP J 74 -1.01 15.38 22.27
N PHE J 75 -1.06 15.29 20.94
CA PHE J 75 -0.51 14.11 20.27
C PHE J 75 1.01 14.01 20.46
N LEU J 76 1.73 15.11 20.26
CA LEU J 76 3.18 15.11 20.44
C LEU J 76 3.57 14.71 21.86
N ASN J 77 2.92 15.31 22.85
CA ASN J 77 3.11 14.94 24.26
C ASN J 77 2.88 13.45 24.52
N PHE J 78 1.80 12.90 23.96
CA PHE J 78 1.52 11.47 24.04
C PHE J 78 2.65 10.66 23.40
N PHE J 79 2.98 10.98 22.15
CA PHE J 79 3.96 10.21 21.37
C PHE J 79 5.32 10.06 22.07
N TYR J 80 5.80 11.12 22.71
CA TYR J 80 7.11 11.09 23.38
C TYR J 80 7.05 10.79 24.89
N SER J 81 5.86 10.47 25.41
CA SER J 81 5.71 10.04 26.79
C SER J 81 6.30 8.63 26.98
N PRO J 82 6.74 8.30 28.22
CA PRO J 82 7.29 6.97 28.49
C PRO J 82 6.37 5.79 28.12
N PRO J 83 5.09 5.82 28.52
CA PRO J 83 4.17 4.71 28.16
C PRO J 83 4.10 4.44 26.64
N ALA J 84 3.99 5.52 25.87
CA ALA J 84 3.91 5.42 24.42
C ALA J 84 5.20 4.88 23.80
N LEU J 85 6.34 5.42 24.21
CA LEU J 85 7.63 4.91 23.74
C LEU J 85 7.79 3.44 24.09
N GLU J 86 7.36 3.04 25.30
CA GLU J 86 7.41 1.63 25.69
C GLU J 86 6.51 0.75 24.82
N PHE J 87 5.25 1.13 24.62
CA PHE J 87 4.34 0.30 23.82
C PHE J 87 4.84 0.15 22.37
N ALA J 88 5.41 1.23 21.83
CA ALA J 88 5.96 1.22 20.45
C ALA J 88 7.03 0.15 20.26
N LYS J 89 7.84 -0.09 21.29
CA LYS J 89 8.87 -1.14 21.29
C LYS J 89 8.32 -2.56 21.25
N GLU J 90 7.09 -2.73 21.72
CA GLU J 90 6.36 -3.97 21.65
C GLU J 90 5.59 -4.10 20.33
N PHE J 91 4.96 -3.02 19.88
CA PHE J 91 4.03 -3.06 18.75
C PHE J 91 4.71 -3.11 17.39
N PHE J 92 5.56 -2.15 17.08
CA PHE J 92 6.13 -2.02 15.74
C PHE J 92 6.93 -3.25 15.30
N PRO J 93 7.76 -3.82 16.20
CA PRO J 93 8.50 -5.02 15.79
C PRO J 93 7.64 -6.27 15.50
N ALA J 94 6.43 -6.30 16.06
CA ALA J 94 5.48 -7.38 15.79
C ALA J 94 4.79 -7.26 14.41
N CYS J 95 4.97 -6.11 13.72
CA CYS J 95 4.31 -5.85 12.45
C CYS J 95 5.11 -6.38 11.28
N GLU J 96 4.48 -7.20 10.42
CA GLU J 96 5.01 -7.51 9.09
C GLU J 96 4.88 -6.29 8.19
N LYS J 97 3.73 -5.62 8.29
CA LYS J 97 3.45 -4.37 7.56
C LYS J 97 2.88 -3.34 8.52
N ILE J 98 3.13 -2.07 8.22
CA ILE J 98 2.67 -0.96 9.05
C ILE J 98 2.47 0.31 8.21
N VAL J 99 1.33 0.99 8.44
CA VAL J 99 1.14 2.36 7.96
C VAL J 99 0.37 3.14 9.02
N VAL J 100 0.81 4.37 9.26
CA VAL J 100 0.23 5.23 10.28
C VAL J 100 0.03 6.60 9.66
N LEU J 101 -1.20 7.13 9.76
CA LEU J 101 -1.49 8.50 9.36
C LEU J 101 -2.03 9.28 10.53
N ASN J 102 -1.57 10.54 10.63
CA ASN J 102 -2.02 11.46 11.66
C ASN J 102 -2.54 12.67 10.90
N TYR J 103 -3.76 13.09 11.17
CA TYR J 103 -4.38 14.18 10.40
C TYR J 103 -5.39 14.96 11.24
N ILE J 104 -5.45 16.26 10.96
CA ILE J 104 -6.46 17.11 11.54
C ILE J 104 -7.77 16.82 10.80
N ILE J 105 -8.81 16.54 11.57
CA ILE J 105 -10.10 16.13 11.03
C ILE J 105 -10.80 17.30 10.33
N ASN J 106 -11.11 17.12 9.04
CA ASN J 106 -11.97 18.05 8.28
C ASN J 106 -13.37 17.45 8.21
N GLU J 107 -14.29 18.02 8.98
CA GLU J 107 -15.72 17.64 8.94
C GLU J 107 -16.30 17.90 7.55
N GLU K 5 32.72 37.47 2.31
CA GLU K 5 31.34 37.99 2.13
CA GLU K 5 31.35 38.05 2.09
C GLU K 5 30.52 37.14 1.17
N ILE K 6 29.27 36.89 1.54
CA ILE K 6 28.38 35.98 0.80
C ILE K 6 26.97 36.58 0.81
N VAL K 7 26.25 36.46 -0.31
CA VAL K 7 24.84 36.92 -0.40
C VAL K 7 23.91 35.69 -0.48
N ARG K 8 22.88 35.67 0.36
CA ARG K 8 21.85 34.66 0.27
C ARG K 8 20.65 35.24 -0.46
N HIS K 9 20.07 34.43 -1.34
CA HIS K 9 18.85 34.73 -2.05
C HIS K 9 17.85 33.65 -1.62
N ILE K 10 16.85 34.03 -0.82
CA ILE K 10 15.84 33.07 -0.38
C ILE K 10 14.48 33.43 -0.92
N VAL K 11 13.85 32.46 -1.58
CA VAL K 11 12.51 32.59 -2.14
C VAL K 11 11.53 31.70 -1.34
N PHE K 12 10.40 32.25 -0.91
CA PHE K 12 9.26 31.41 -0.46
C PHE K 12 8.17 31.60 -1.50
N ASN K 13 7.53 30.52 -1.95
CA ASN K 13 6.36 30.66 -2.81
C ASN K 13 5.25 29.67 -2.46
N ARG K 14 4.12 29.91 -3.11
CA ARG K 14 2.96 29.03 -3.12
C ARG K 14 2.58 28.93 -4.59
N TYR K 15 2.29 27.72 -5.05
CA TYR K 15 1.98 27.48 -6.46
C TYR K 15 0.48 27.63 -6.70
N LYS K 16 0.13 27.99 -7.93
CA LYS K 16 -1.27 28.06 -8.31
C LYS K 16 -1.90 26.67 -8.26
N SER K 17 -3.14 26.59 -7.77
CA SER K 17 -3.85 25.32 -7.58
C SER K 17 -4.12 24.55 -8.89
N GLN K 18 -4.12 25.22 -10.03
CA GLN K 18 -4.38 24.53 -11.30
C GLN K 18 -3.19 23.79 -11.88
N LEU K 19 -2.01 23.93 -11.31
CA LEU K 19 -0.84 23.23 -11.84
C LEU K 19 -0.83 21.80 -11.30
N SER K 20 -0.43 20.85 -12.13
CA SER K 20 -0.20 19.49 -11.64
C SER K 20 1.12 19.45 -10.85
N GLN K 21 1.23 18.48 -9.95
CA GLN K 21 2.48 18.25 -9.24
C GLN K 21 3.62 17.91 -10.20
N LYS K 22 3.31 17.19 -11.28
CA LYS K 22 4.29 16.90 -12.32
C LYS K 22 4.84 18.19 -12.94
N GLN K 23 3.97 19.17 -13.19
CA GLN K 23 4.37 20.50 -13.67
C GLN K 23 5.23 21.26 -12.64
N ILE K 24 4.78 21.24 -11.39
CA ILE K 24 5.52 21.83 -10.28
C ILE K 24 6.91 21.21 -10.16
N ASP K 25 7.00 19.87 -10.28
CA ASP K 25 8.28 19.17 -10.16
C ASP K 25 9.24 19.56 -11.29
N GLN K 26 8.69 19.77 -12.49
CA GLN K 26 9.46 20.26 -13.64
C GLN K 26 10.01 21.68 -13.46
N ILE K 27 9.18 22.57 -12.93
CA ILE K 27 9.59 23.96 -12.63
C ILE K 27 10.74 23.95 -11.63
N ILE K 28 10.60 23.15 -10.58
CA ILE K 28 11.63 23.04 -9.56
C ILE K 28 12.95 22.48 -10.14
N ALA K 29 12.85 21.44 -10.97
CA ALA K 29 14.03 20.90 -11.64
C ALA K 29 14.70 21.94 -12.54
N ASP K 30 13.91 22.71 -13.29
CA ASP K 30 14.47 23.77 -14.14
C ASP K 30 15.15 24.87 -13.31
N TYR K 31 14.58 25.18 -12.14
CA TYR K 31 15.16 26.18 -11.24
C TYR K 31 16.55 25.71 -10.80
N GLY K 32 16.63 24.48 -10.32
CA GLY K 32 17.88 23.87 -9.91
C GLY K 32 18.93 23.80 -11.03
N ASN K 33 18.49 23.49 -12.24
CA ASN K 33 19.43 23.41 -13.38
C ASN K 33 20.12 24.75 -13.74
N LEU K 34 19.55 25.88 -13.33
CA LEU K 34 20.23 27.17 -13.54
C LEU K 34 21.64 27.24 -12.94
N GLN K 35 21.88 26.54 -11.83
CA GLN K 35 23.22 26.50 -11.21
C GLN K 35 24.30 25.86 -12.13
N ASN K 36 23.86 24.98 -13.03
CA ASN K 36 24.78 24.36 -14.01
C ASN K 36 25.19 25.31 -15.12
N ILE K 37 24.31 26.25 -15.45
CA ILE K 37 24.52 27.24 -16.49
C ILE K 37 25.19 28.51 -15.92
N ALA K 38 24.76 28.96 -14.74
CA ALA K 38 25.22 30.23 -14.16
C ALA K 38 26.30 30.01 -13.11
N PRO K 39 27.55 30.42 -13.39
CA PRO K 39 28.55 30.21 -12.34
C PRO K 39 28.32 31.01 -11.07
N GLU K 40 27.52 32.08 -11.15
CA GLU K 40 27.27 32.94 -10.00
C GLU K 40 26.42 32.27 -8.91
N MET K 41 25.51 31.39 -9.33
CA MET K 41 24.50 30.78 -8.43
C MET K 41 25.05 29.48 -7.90
N LYS K 42 25.21 29.40 -6.58
CA LYS K 42 25.76 28.25 -5.90
C LYS K 42 24.82 27.78 -4.79
N GLU K 43 25.00 26.53 -4.37
CA GLU K 43 24.43 25.97 -3.16
C GLU K 43 22.91 25.96 -3.17
N TRP K 44 22.34 25.70 -4.33
CA TRP K 44 20.90 25.71 -4.48
C TRP K 44 20.30 24.56 -3.70
N LYS K 45 19.27 24.86 -2.93
CA LYS K 45 18.55 23.86 -2.17
C LYS K 45 17.12 24.30 -2.04
N TRP K 46 16.24 23.34 -1.77
CA TRP K 46 14.82 23.66 -1.64
C TRP K 46 14.09 22.64 -0.80
N GLY K 47 12.87 22.99 -0.44
CA GLY K 47 11.98 22.03 0.17
C GLY K 47 10.62 22.57 0.47
N THR K 48 9.79 21.71 1.03
CA THR K 48 8.41 22.03 1.34
C THR K 48 8.24 22.22 2.83
N ASP K 49 7.40 23.16 3.23
CA ASP K 49 7.17 23.45 4.62
C ASP K 49 6.63 22.18 5.34
N LEU K 50 7.08 21.97 6.55
CA LEU K 50 6.75 20.76 7.32
C LEU K 50 5.38 20.82 7.98
N GLY K 51 4.72 21.96 7.88
CA GLY K 51 3.31 22.07 8.20
C GLY K 51 3.09 22.51 9.63
N PRO K 52 1.82 22.82 9.97
CA PRO K 52 1.42 23.51 11.19
C PRO K 52 1.67 22.70 12.45
N ALA K 53 1.70 21.38 12.32
CA ALA K 53 2.04 20.51 13.43
C ALA K 53 3.50 20.66 13.91
N VAL K 54 4.33 21.28 13.07
CA VAL K 54 5.61 21.83 13.51
C VAL K 54 5.37 23.19 14.15
N GLU K 55 4.86 24.10 13.34
CA GLU K 55 4.82 25.53 13.65
C GLU K 55 3.92 26.14 12.60
N ASP K 56 2.94 26.91 13.01
CA ASP K 56 1.95 27.44 12.09
C ASP K 56 2.21 28.93 11.82
N ARG K 57 3.36 29.24 11.21
CA ARG K 57 3.67 30.62 10.82
C ARG K 57 4.10 30.74 9.35
N ALA K 58 3.78 29.72 8.54
CA ALA K 58 4.15 29.74 7.11
C ALA K 58 3.28 30.63 6.27
N ASP K 59 2.11 31.04 6.78
CA ASP K 59 1.24 32.01 6.11
C ASP K 59 0.89 31.57 4.69
N GLY K 60 0.69 30.27 4.51
CA GLY K 60 0.29 29.70 3.22
C GLY K 60 1.39 29.50 2.19
N PHE K 61 2.63 29.87 2.51
CA PHE K 61 3.77 29.53 1.68
C PHE K 61 4.06 28.03 1.88
N THR K 62 4.33 27.34 0.79
CA THR K 62 4.53 25.89 0.80
C THR K 62 5.96 25.45 0.48
N HIS K 63 6.72 26.29 -0.23
CA HIS K 63 8.04 25.93 -0.74
C HIS K 63 9.04 27.06 -0.41
N ALA K 64 10.26 26.67 -0.05
CA ALA K 64 11.41 27.57 0.08
C ALA K 64 12.52 27.13 -0.85
N TYR K 65 13.25 28.09 -1.41
CA TYR K 65 14.42 27.84 -2.27
C TYR K 65 15.52 28.78 -1.87
N GLU K 66 16.72 28.26 -1.66
CA GLU K 66 17.87 29.06 -1.26
C GLU K 66 18.94 28.96 -2.34
N SER K 67 19.61 30.07 -2.58
CA SER K 67 20.83 30.09 -3.39
C SER K 67 21.79 31.10 -2.84
N THR K 68 23.05 30.93 -3.21
CA THR K 68 24.13 31.70 -2.63
C THR K 68 24.92 32.34 -3.75
N PHE K 69 25.33 33.58 -3.52
CA PHE K 69 26.05 34.41 -4.49
C PHE K 69 27.25 35.02 -3.78
N HIS K 70 28.34 35.22 -4.52
CA HIS K 70 29.56 35.76 -3.91
C HIS K 70 29.52 37.28 -3.70
N SER K 71 28.63 37.97 -4.40
CA SER K 71 28.50 39.42 -4.24
C SER K 71 27.12 39.86 -4.71
N VAL K 72 26.73 41.08 -4.36
CA VAL K 72 25.44 41.63 -4.82
C VAL K 72 25.49 41.78 -6.35
N ALA K 73 26.62 42.28 -6.87
CA ALA K 73 26.77 42.43 -8.30
C ALA K 73 26.63 41.11 -9.05
N ASP K 74 27.21 40.04 -8.52
CA ASP K 74 27.07 38.70 -9.12
C ASP K 74 25.63 38.23 -9.12
N PHE K 75 24.89 38.46 -8.03
CA PHE K 75 23.46 38.15 -8.02
C PHE K 75 22.73 38.89 -9.14
N LEU K 76 22.98 40.20 -9.25
CA LEU K 76 22.30 41.00 -10.28
C LEU K 76 22.71 40.61 -11.70
N ASN K 77 23.99 40.34 -11.92
CA ASN K 77 24.44 39.80 -13.21
C ASN K 77 23.70 38.52 -13.58
N PHE K 78 23.57 37.62 -12.62
CA PHE K 78 22.78 36.39 -12.81
C PHE K 78 21.32 36.67 -13.10
N PHE K 79 20.71 37.53 -12.29
CA PHE K 79 19.27 37.73 -12.31
C PHE K 79 18.79 38.26 -13.66
N TYR K 80 19.56 39.16 -14.27
CA TYR K 80 19.25 39.73 -15.59
C TYR K 80 19.98 39.03 -16.75
N SER K 81 20.51 37.83 -16.52
CA SER K 81 21.12 37.02 -17.56
C SER K 81 20.00 36.32 -18.35
N PRO K 82 20.27 35.98 -19.63
CA PRO K 82 19.16 35.39 -20.39
C PRO K 82 18.57 34.06 -19.83
N PRO K 83 19.40 33.15 -19.30
CA PRO K 83 18.80 31.94 -18.69
C PRO K 83 17.89 32.22 -17.49
N ALA K 84 18.29 33.18 -16.65
CA ALA K 84 17.47 33.59 -15.50
C ALA K 84 16.16 34.21 -15.94
N LEU K 85 16.23 35.15 -16.88
CA LEU K 85 15.02 35.76 -17.44
C LEU K 85 14.11 34.72 -18.11
N GLU K 86 14.70 33.79 -18.84
CA GLU K 86 13.97 32.66 -19.46
C GLU K 86 13.18 31.91 -18.38
N PHE K 87 13.88 31.48 -17.32
CA PHE K 87 13.22 30.77 -16.23
C PHE K 87 12.15 31.60 -15.50
N ALA K 88 12.40 32.89 -15.30
CA ALA K 88 11.43 33.78 -14.65
C ALA K 88 10.05 33.77 -15.33
N LYS K 89 10.05 33.67 -16.66
CA LYS K 89 8.78 33.61 -17.43
C LYS K 89 7.98 32.33 -17.19
N GLU K 90 8.65 31.29 -16.73
CA GLU K 90 8.03 30.03 -16.32
C GLU K 90 7.64 30.11 -14.84
N PHE K 91 8.51 30.65 -14.00
CA PHE K 91 8.29 30.63 -12.55
C PHE K 91 7.21 31.59 -12.06
N PHE K 92 7.30 32.85 -12.45
CA PHE K 92 6.42 33.87 -11.85
C PHE K 92 4.92 33.60 -12.10
N PRO K 93 4.53 33.24 -13.33
CA PRO K 93 3.12 32.91 -13.59
C PRO K 93 2.62 31.64 -12.89
N ALA K 94 3.54 30.77 -12.45
CA ALA K 94 3.19 29.60 -11.63
C ALA K 94 2.94 29.91 -10.16
N CYS K 95 3.36 31.10 -9.69
CA CYS K 95 3.23 31.49 -8.29
C CYS K 95 1.88 32.13 -8.02
N GLU K 96 1.19 31.61 -7.01
CA GLU K 96 0.03 32.26 -6.42
C GLU K 96 0.51 33.43 -5.58
N LYS K 97 1.64 33.24 -4.89
CA LYS K 97 2.32 34.34 -4.23
C LYS K 97 3.78 33.97 -3.99
N ILE K 98 4.55 34.98 -3.59
CA ILE K 98 5.99 34.85 -3.54
C ILE K 98 6.51 35.94 -2.63
N VAL K 99 7.54 35.62 -1.84
CA VAL K 99 8.32 36.61 -1.15
C VAL K 99 9.77 36.22 -1.31
N VAL K 100 10.62 37.23 -1.50
CA VAL K 100 12.06 37.04 -1.74
C VAL K 100 12.85 38.04 -0.93
N LEU K 101 13.85 37.54 -0.20
CA LEU K 101 14.83 38.40 0.45
C LEU K 101 16.23 38.10 -0.10
N ASN K 102 17.04 39.15 -0.16
CA ASN K 102 18.43 39.10 -0.58
C ASN K 102 19.25 39.78 0.49
N TYR K 103 20.22 39.09 1.07
CA TYR K 103 20.99 39.64 2.18
C TYR K 103 22.41 39.14 2.27
N ILE K 104 23.29 40.02 2.75
CA ILE K 104 24.67 39.67 3.06
C ILE K 104 24.64 38.90 4.37
N ILE K 105 25.28 37.73 4.40
CA ILE K 105 25.28 36.87 5.58
C ILE K 105 26.07 37.51 6.73
N ASN K 106 25.52 37.45 7.94
CA ASN K 106 26.23 37.78 9.17
C ASN K 106 26.22 36.56 10.08
N GLU K 107 27.31 36.36 10.82
CA GLU K 107 27.41 35.26 11.79
C GLU K 107 27.28 35.81 13.21
N PRO L 4 20.12 10.98 5.74
CA PRO L 4 19.93 12.01 6.77
C PRO L 4 18.93 13.10 6.36
N GLU L 5 18.01 13.46 7.27
CA GLU L 5 17.01 14.49 7.03
C GLU L 5 17.38 15.78 7.75
N ILE L 6 18.16 16.61 7.05
CA ILE L 6 18.59 17.92 7.54
C ILE L 6 17.47 18.93 7.29
N VAL L 7 17.11 19.67 8.34
CA VAL L 7 16.02 20.63 8.34
C VAL L 7 16.57 22.06 8.34
N ARG L 8 16.04 22.91 7.47
CA ARG L 8 16.36 24.34 7.53
C ARG L 8 15.19 25.05 8.16
N HIS L 9 15.49 26.01 9.01
CA HIS L 9 14.53 26.87 9.69
C HIS L 9 14.82 28.28 9.19
N ILE L 10 13.93 28.82 8.37
CA ILE L 10 14.10 30.15 7.79
C ILE L 10 13.02 31.10 8.28
N VAL L 11 13.43 32.20 8.90
CA VAL L 11 12.53 33.22 9.40
C VAL L 11 12.76 34.51 8.63
N PHE L 12 11.70 35.10 8.10
CA PHE L 12 11.72 36.51 7.72
C PHE L 12 10.91 37.32 8.73
N ASN L 13 11.42 38.48 9.14
CA ASN L 13 10.61 39.41 9.96
C ASN L 13 10.79 40.90 9.63
N ARG L 14 9.87 41.67 10.21
CA ARG L 14 9.94 43.12 10.26
C ARG L 14 9.68 43.50 11.73
N TYR L 15 10.56 44.32 12.29
CA TYR L 15 10.46 44.70 13.70
C TYR L 15 9.44 45.82 13.87
N LYS L 16 8.90 45.92 15.08
CA LYS L 16 7.94 46.98 15.39
C LYS L 16 8.65 48.33 15.39
N SER L 17 8.00 49.34 14.84
CA SER L 17 8.52 50.73 14.78
C SER L 17 9.16 51.28 16.07
N GLN L 18 8.56 50.97 17.23
CA GLN L 18 9.03 51.47 18.55
C GLN L 18 10.46 51.08 18.89
N LEU L 19 10.92 49.92 18.38
CA LEU L 19 12.22 49.42 18.79
C LEU L 19 13.34 50.21 18.14
N SER L 20 14.32 50.59 18.97
CA SER L 20 15.53 51.21 18.50
C SER L 20 16.40 50.16 17.82
N GLN L 21 17.32 50.60 16.98
CA GLN L 21 18.32 49.70 16.42
C GLN L 21 19.10 48.99 17.52
N LYS L 22 19.37 49.70 18.63
CA LYS L 22 20.01 49.10 19.80
C LYS L 22 19.27 47.85 20.29
N GLN L 23 17.96 47.98 20.33
CA GLN L 23 17.07 46.93 20.86
C GLN L 23 17.00 45.76 19.87
N ILE L 24 16.96 46.09 18.58
CA ILE L 24 17.05 45.09 17.50
C ILE L 24 18.35 44.31 17.62
N ASP L 25 19.47 45.02 17.69
CA ASP L 25 20.79 44.40 17.87
C ASP L 25 20.80 43.42 19.06
N GLN L 26 20.16 43.80 20.17
CA GLN L 26 20.12 42.95 21.37
C GLN L 26 19.35 41.65 21.17
N ILE L 27 18.19 41.74 20.50
CA ILE L 27 17.38 40.59 20.17
C ILE L 27 18.16 39.65 19.25
N ILE L 28 18.82 40.21 18.25
CA ILE L 28 19.58 39.41 17.29
C ILE L 28 20.75 38.70 17.96
N ALA L 29 21.45 39.41 18.86
CA ALA L 29 22.52 38.82 19.65
C ALA L 29 22.02 37.67 20.52
N ASP L 30 20.88 37.88 21.18
CA ASP L 30 20.27 36.86 22.02
C ASP L 30 19.79 35.65 21.20
N TYR L 31 19.28 35.88 20.00
CA TYR L 31 18.94 34.80 19.06
C TYR L 31 20.20 33.96 18.77
N GLY L 32 21.26 34.62 18.32
CA GLY L 32 22.53 33.96 18.02
C GLY L 32 23.10 33.19 19.19
N ASN L 33 22.96 33.72 20.40
CA ASN L 33 23.55 33.10 21.60
C ASN L 33 22.82 31.85 22.06
N LEU L 34 21.62 31.58 21.53
CA LEU L 34 20.97 30.28 21.77
C LEU L 34 21.79 29.08 21.31
N GLN L 35 22.62 29.26 20.28
CA GLN L 35 23.49 28.18 19.81
C GLN L 35 24.54 27.74 20.83
N ASN L 36 24.92 28.63 21.75
CA ASN L 36 25.90 28.29 22.79
C ASN L 36 25.30 27.30 23.79
N ILE L 37 24.10 27.59 24.30
CA ILE L 37 23.45 26.73 25.30
C ILE L 37 22.69 25.51 24.74
N ALA L 38 22.37 25.53 23.45
CA ALA L 38 21.63 24.45 22.78
C ALA L 38 22.26 24.13 21.43
N PRO L 39 23.18 23.15 21.39
CA PRO L 39 23.98 22.88 20.18
C PRO L 39 23.25 22.16 19.02
N GLU L 40 21.97 21.83 19.20
CA GLU L 40 21.09 21.39 18.08
C GLU L 40 21.07 22.45 16.97
N MET L 41 20.97 23.72 17.35
CA MET L 41 20.92 24.83 16.38
C MET L 41 22.29 25.09 15.77
N LYS L 42 22.46 24.69 14.51
CA LYS L 42 23.71 24.88 13.79
C LYS L 42 23.57 25.92 12.68
N GLU L 43 24.72 26.42 12.22
CA GLU L 43 24.82 27.30 11.05
C GLU L 43 23.96 28.55 11.14
N TRP L 44 23.83 29.12 12.34
CA TRP L 44 22.94 30.25 12.51
C TRP L 44 23.55 31.46 11.83
N LYS L 45 22.77 32.08 10.95
CA LYS L 45 23.18 33.26 10.21
C LYS L 45 21.99 34.17 10.07
N TRP L 46 22.25 35.44 9.81
CA TRP L 46 21.16 36.39 9.61
C TRP L 46 21.59 37.52 8.67
N GLY L 47 20.63 38.27 8.16
CA GLY L 47 20.98 39.49 7.46
C GLY L 47 19.81 40.40 7.21
N THR L 48 20.13 41.57 6.68
CA THR L 48 19.12 42.53 6.27
C THR L 48 18.91 42.52 4.78
N ASP L 49 17.64 42.54 4.40
CA ASP L 49 17.29 42.61 3.00
C ASP L 49 17.90 43.85 2.35
N LEU L 50 18.41 43.67 1.13
CA LEU L 50 19.19 44.70 0.44
C LEU L 50 18.32 45.74 -0.27
N GLY L 51 17.02 45.49 -0.33
CA GLY L 51 16.03 46.48 -0.69
C GLY L 51 15.73 46.50 -2.16
N PRO L 52 14.87 47.45 -2.58
CA PRO L 52 14.32 47.40 -3.93
C PRO L 52 15.29 47.68 -5.07
N ALA L 53 16.45 48.24 -4.82
CA ALA L 53 17.44 48.43 -5.90
C ALA L 53 18.06 47.11 -6.32
N VAL L 54 17.94 46.09 -5.47
CA VAL L 54 18.42 44.74 -5.79
C VAL L 54 17.27 43.85 -6.29
N GLU L 55 16.22 43.78 -5.48
CA GLU L 55 14.99 43.11 -5.89
C GLU L 55 13.88 43.63 -4.99
N ASP L 56 12.69 43.82 -5.55
CA ASP L 56 11.59 44.46 -4.83
C ASP L 56 10.44 43.48 -4.57
N ARG L 57 10.77 42.34 -3.97
CA ARG L 57 9.79 41.30 -3.68
C ARG L 57 9.80 40.92 -2.21
N ALA L 58 10.34 41.79 -1.36
CA ALA L 58 10.48 41.48 0.05
C ALA L 58 9.19 41.72 0.85
N ASP L 59 8.21 42.39 0.25
CA ASP L 59 6.88 42.63 0.87
C ASP L 59 6.92 43.17 2.31
N GLY L 60 7.85 44.09 2.59
CA GLY L 60 7.97 44.72 3.92
C GLY L 60 8.88 44.03 4.93
N PHE L 61 9.26 42.79 4.66
CA PHE L 61 10.21 42.08 5.51
C PHE L 61 11.59 42.70 5.32
N THR L 62 12.29 42.90 6.41
CA THR L 62 13.60 43.57 6.42
C THR L 62 14.76 42.66 6.83
N HIS L 63 14.47 41.61 7.60
CA HIS L 63 15.46 40.72 8.15
C HIS L 63 15.15 39.23 7.81
N ALA L 64 16.22 38.46 7.61
CA ALA L 64 16.14 37.03 7.45
C ALA L 64 17.11 36.37 8.43
N TYR L 65 16.74 35.20 8.91
CA TYR L 65 17.54 34.40 9.83
C TYR L 65 17.47 32.95 9.39
N GLU L 66 18.60 32.27 9.43
CA GLU L 66 18.68 30.88 8.97
C GLU L 66 19.32 30.05 10.07
N SER L 67 18.82 28.83 10.23
CA SER L 67 19.49 27.85 11.09
C SER L 67 19.29 26.47 10.51
N THR L 68 20.14 25.55 10.94
CA THR L 68 20.14 24.19 10.46
C THR L 68 20.05 23.23 11.63
N PHE L 69 19.23 22.19 11.44
CA PHE L 69 19.09 21.10 12.38
C PHE L 69 19.40 19.79 11.65
N HIS L 70 20.25 18.96 12.27
CA HIS L 70 20.77 17.76 11.61
C HIS L 70 19.74 16.63 11.56
N SER L 71 18.67 16.77 12.32
CA SER L 71 17.57 15.81 12.29
C SER L 71 16.28 16.48 12.70
N VAL L 72 15.17 15.87 12.28
CA VAL L 72 13.85 16.24 12.77
C VAL L 72 13.80 16.18 14.31
N ALA L 73 14.48 15.20 14.91
CA ALA L 73 14.50 15.09 16.38
C ALA L 73 15.21 16.30 17.04
N ASP L 74 16.37 16.66 16.49
CA ASP L 74 17.12 17.82 16.96
C ASP L 74 16.29 19.10 16.87
N PHE L 75 15.60 19.25 15.75
CA PHE L 75 14.71 20.39 15.51
C PHE L 75 13.63 20.51 16.59
N LEU L 76 12.90 19.43 16.84
CA LEU L 76 11.86 19.42 17.88
C LEU L 76 12.42 19.61 19.26
N ASN L 77 13.50 18.89 19.56
CA ASN L 77 14.16 19.03 20.88
C ASN L 77 14.54 20.47 21.15
N PHE L 78 15.07 21.15 20.12
CA PHE L 78 15.44 22.56 20.25
C PHE L 78 14.24 23.47 20.49
N PHE L 79 13.21 23.37 19.67
CA PHE L 79 12.10 24.31 19.73
C PHE L 79 11.20 24.19 20.96
N TYR L 80 11.19 23.01 21.57
CA TYR L 80 10.50 22.83 22.85
C TYR L 80 11.45 22.99 24.05
N SER L 81 12.72 23.34 23.82
CA SER L 81 13.66 23.58 24.92
C SER L 81 13.22 24.86 25.67
N PRO L 82 13.39 24.88 27.00
CA PRO L 82 13.05 26.10 27.73
C PRO L 82 13.70 27.40 27.22
N PRO L 83 15.00 27.36 26.87
CA PRO L 83 15.61 28.63 26.40
C PRO L 83 15.01 29.13 25.08
N ALA L 84 14.66 28.21 24.18
CA ALA L 84 13.94 28.53 22.94
C ALA L 84 12.53 29.04 23.19
N LEU L 85 11.80 28.40 24.10
CA LEU L 85 10.49 28.88 24.53
C LEU L 85 10.55 30.28 25.13
N GLU L 86 11.60 30.52 25.94
CA GLU L 86 11.84 31.83 26.56
C GLU L 86 12.20 32.90 25.51
N PHE L 87 13.12 32.58 24.60
CA PHE L 87 13.45 33.53 23.53
C PHE L 87 12.25 33.84 22.63
N ALA L 88 11.38 32.87 22.36
CA ALA L 88 10.19 33.10 21.53
C ALA L 88 9.29 34.20 22.11
N LYS L 89 9.15 34.22 23.44
CA LYS L 89 8.40 35.26 24.14
C LYS L 89 8.99 36.67 23.96
N GLU L 90 10.31 36.77 23.81
CA GLU L 90 11.01 38.00 23.46
C GLU L 90 10.78 38.30 21.97
N PHE L 91 11.04 37.32 21.11
CA PHE L 91 11.10 37.56 19.67
C PHE L 91 9.75 37.88 19.01
N PHE L 92 8.73 37.08 19.23
CA PHE L 92 7.47 37.26 18.48
C PHE L 92 6.73 38.59 18.74
N PRO L 93 6.63 39.03 20.00
CA PRO L 93 6.08 40.36 20.30
C PRO L 93 6.91 41.54 19.78
N ALA L 94 8.19 41.32 19.46
CA ALA L 94 9.02 42.33 18.77
C ALA L 94 8.70 42.50 17.28
N CYS L 95 7.96 41.56 16.68
CA CYS L 95 7.67 41.54 15.23
C CYS L 95 6.38 42.27 14.85
N GLU L 96 6.46 43.15 13.85
CA GLU L 96 5.27 43.65 13.15
C GLU L 96 4.78 42.59 12.18
N LYS L 97 5.70 42.02 11.39
CA LYS L 97 5.41 40.87 10.52
C LYS L 97 6.40 39.73 10.79
N ILE L 98 5.94 38.51 10.54
CA ILE L 98 6.74 37.30 10.70
C ILE L 98 6.28 36.27 9.69
N VAL L 99 7.22 35.56 9.08
CA VAL L 99 6.93 34.32 8.35
C VAL L 99 8.08 33.32 8.55
N VAL L 100 7.72 32.06 8.79
CA VAL L 100 8.66 31.00 9.14
C VAL L 100 8.33 29.78 8.30
N LEU L 101 9.35 29.24 7.64
CA LEU L 101 9.25 27.96 6.93
C LEU L 101 10.32 27.02 7.46
N ASN L 102 9.92 25.77 7.71
CA ASN L 102 10.83 24.72 8.12
C ASN L 102 10.73 23.65 7.08
N TYR L 103 11.86 23.23 6.52
CA TYR L 103 11.84 22.28 5.43
C TYR L 103 13.02 21.33 5.48
N ILE L 104 12.75 20.08 5.13
CA ILE L 104 13.80 19.12 4.84
C ILE L 104 14.48 19.46 3.52
N ILE L 105 15.80 19.55 3.57
CA ILE L 105 16.64 19.91 2.41
C ILE L 105 16.56 18.91 1.24
N ASN L 106 16.35 19.43 0.04
CA ASN L 106 16.58 18.73 -1.22
C ASN L 106 17.64 19.54 -1.98
N GLU L 107 18.56 18.83 -2.64
CA GLU L 107 19.60 19.45 -3.45
C GLU L 107 19.52 18.99 -4.90
C1 MXN M . -7.22 -7.04 46.23
C2 MXN M . -6.36 -7.11 47.32
C3 MXN M . -5.23 -7.94 47.28
C4 MXN M . -4.96 -8.67 46.14
C5 MXN M . -5.81 -8.61 45.05
C6 MXN M . -6.94 -7.80 45.08
C7 MXN M . -8.43 -6.19 46.33
C8 MXN M . -9.22 -6.75 47.45
N9 MXN M . -9.84 -7.21 48.33
O10 MXN M . -9.19 -6.23 45.12
O1 HEZ N . -31.03 9.18 47.07
C1 HEZ N . -32.10 8.28 47.37
C2 HEZ N . -31.62 7.30 48.43
C3 HEZ N . -30.77 6.23 47.76
C4 HEZ N . -29.93 5.51 48.82
C5 HEZ N . -28.44 5.62 48.53
C6 HEZ N . -27.74 6.91 48.91
O6 HEZ N . -28.35 8.12 48.41
C1 MXN O . 12.52 5.43 -58.43
C2 MXN O . 13.90 5.36 -58.18
C3 MXN O . 14.80 5.48 -59.23
C4 MXN O . 14.31 5.67 -60.53
C5 MXN O . 12.94 5.74 -60.76
C6 MXN O . 12.04 5.62 -59.71
C7 MXN O . 11.52 5.36 -57.36
C8 MXN O . 10.80 6.63 -57.48
N9 MXN O . 10.24 7.64 -57.58
O10 MXN O . 12.17 5.28 -56.08
O1 HEZ P . -4.17 7.14 -39.98
C1 HEZ P . -3.83 7.88 -38.82
C2 HEZ P . -3.58 9.33 -39.24
C3 HEZ P . -3.02 10.18 -38.11
C4 HEZ P . -3.90 10.15 -36.85
C5 HEZ P . -3.32 9.20 -35.80
C6 HEZ P . -4.40 8.47 -34.99
O6 HEZ P . -4.45 7.08 -35.31
O1 HEZ Q . 16.83 -15.29 -23.82
C1 HEZ Q . 15.70 -14.45 -23.59
C2 HEZ Q . 16.17 -13.02 -23.34
C3 HEZ Q . 15.34 -12.00 -24.10
C4 HEZ Q . 13.91 -12.01 -23.58
C5 HEZ Q . 12.99 -12.61 -24.65
C6 HEZ Q . 11.59 -12.82 -24.11
O6 HEZ Q . 11.26 -14.21 -24.29
O1 HEZ R . 3.34 -23.75 -15.96
C1 HEZ R . 3.73 -24.66 -16.99
C2 HEZ R . 3.93 -23.93 -18.32
C3 HEZ R . 3.37 -24.69 -19.52
C4 HEZ R . 4.32 -24.74 -20.71
C5 HEZ R . 3.53 -25.30 -21.89
C6 HEZ R . 4.34 -25.55 -23.14
O6 HEZ R . 3.47 -25.58 -24.28
C1 MXN S . 36.31 -13.78 -9.04
C2 MXN S . 37.47 -14.36 -9.51
C3 MXN S . 38.61 -14.29 -8.76
C4 MXN S . 38.63 -13.65 -7.53
C5 MXN S . 37.47 -13.06 -7.05
C6 MXN S . 36.30 -13.12 -7.80
C7 MXN S . 35.11 -13.84 -9.91
C8 MXN S . 35.50 -13.10 -11.13
N9 MXN S . 35.82 -12.49 -12.07
O10 MXN S . 34.00 -13.21 -9.26
O1 HEZ T . -29.53 -18.58 4.46
C1 HEZ T . -30.75 -19.16 3.99
C2 HEZ T . -30.68 -20.67 3.88
C3 HEZ T . -30.54 -21.35 5.24
C4 HEZ T . -29.60 -22.56 5.25
C5 HEZ T . -28.14 -22.18 4.96
C6 HEZ T . -27.36 -21.56 6.08
O6 HEZ T . -27.27 -20.12 5.88
O1 HEZ U . -8.14 -41.29 10.36
C1 HEZ U . -8.95 -40.39 9.59
C2 HEZ U . -8.63 -38.92 9.89
C3 HEZ U . -9.64 -37.97 9.25
C4 HEZ U . -9.33 -36.48 9.50
C5 HEZ U . -8.07 -35.94 8.80
C6 HEZ U . -7.70 -36.54 7.44
O6 HEZ U . -8.70 -36.37 6.42
C1' HBX V . -16.30 4.23 -1.59
O1' HBX V . -17.06 3.28 -1.72
C1 HBX V . -14.86 4.07 -1.87
C2 HBX V . -14.30 2.84 -2.25
C3 HBX V . -12.93 2.76 -2.52
C4 HBX V . -12.12 3.88 -2.38
C5 HBX V . -12.66 5.10 -1.99
C6 HBX V . -14.04 5.18 -1.74
O1 HEZ W . -24.43 -7.55 -3.75
C1 HEZ W . -24.30 -7.74 -2.34
C2 HEZ W . -25.67 -7.72 -1.68
C3 HEZ W . -25.66 -6.96 -0.37
C4 HEZ W . -27.09 -6.73 0.05
C5 HEZ W . -27.19 -6.39 1.52
C6 HEZ W . -28.66 -6.22 1.88
O6 HEZ W . -28.81 -5.54 3.13
O1 HEZ X . 2.25 5.34 15.81
C1 HEZ X . 1.96 4.68 17.04
C2 HEZ X . 1.08 3.46 16.78
C3 HEZ X . 1.14 2.43 17.91
C4 HEZ X . 0.98 3.06 19.29
C5 HEZ X . 2.33 3.42 19.96
C6 HEZ X . 2.46 4.90 20.33
O6 HEZ X . 3.51 5.53 19.57
C1 MXN Y . 14.02 33.82 -9.80
C2 MXN Y . 13.39 33.47 -10.98
C3 MXN Y . 14.10 33.52 -12.17
C4 MXN Y . 15.43 33.91 -12.18
C5 MXN Y . 16.07 34.26 -11.01
C6 MXN Y . 15.37 34.21 -9.82
C7 MXN Y . 13.29 33.77 -8.52
C8 MXN Y . 13.35 35.05 -7.84
N9 MXN Y . 13.47 36.06 -7.31
O10 MXN Y . 14.01 32.82 -7.73
C1' HBX Z . 12.17 31.88 15.49
O1' HBX Z . 11.01 32.05 15.10
C1 HBX Z . 12.45 31.26 16.81
C2 HBX Z . 13.78 30.97 17.14
C3 HBX Z . 14.11 30.36 18.35
C4 HBX Z . 13.11 30.04 19.25
C5 HBX Z . 11.78 30.32 18.93
C6 HBX Z . 11.45 30.93 17.72
O1 HEZ AA . 6.53 17.76 22.82
C1 HEZ AA . 7.80 17.08 22.88
C2 HEZ AA . 8.62 17.45 21.63
C3 HEZ AA . 10.08 17.00 21.75
C4 HEZ AA . 10.17 15.49 21.52
C5 HEZ AA . 11.60 14.97 21.50
C6 HEZ AA . 12.15 14.87 20.06
O6 HEZ AA . 13.42 14.21 20.00
#